data_7SGP
# 
_entry.id   7SGP 
# 
_audit_conform.dict_name       mmcif_pdbx.dic 
_audit_conform.dict_version    5.392 
_audit_conform.dict_location   http://mmcif.pdb.org/dictionaries/ascii/mmcif_pdbx.dic 
# 
loop_
_database_2.database_id 
_database_2.database_code 
_database_2.pdbx_database_accession 
_database_2.pdbx_DOI 
PDB   7SGP         pdb_00007sgp 10.2210/pdb7sgp/pdb 
WWPDB D_1000259736 ?            ?                   
# 
loop_
_pdbx_audit_revision_history.ordinal 
_pdbx_audit_revision_history.data_content_type 
_pdbx_audit_revision_history.major_revision 
_pdbx_audit_revision_history.minor_revision 
_pdbx_audit_revision_history.revision_date 
1 'Structure model' 1 0 2022-03-23 
2 'Structure model' 1 1 2024-05-22 
# 
_pdbx_audit_revision_details.ordinal             1 
_pdbx_audit_revision_details.revision_ordinal    1 
_pdbx_audit_revision_details.data_content_type   'Structure model' 
_pdbx_audit_revision_details.provider            repository 
_pdbx_audit_revision_details.type                'Initial release' 
_pdbx_audit_revision_details.description         ? 
_pdbx_audit_revision_details.details             ? 
# 
_pdbx_audit_revision_group.ordinal             1 
_pdbx_audit_revision_group.revision_ordinal    2 
_pdbx_audit_revision_group.data_content_type   'Structure model' 
_pdbx_audit_revision_group.group               'Data collection' 
# 
loop_
_pdbx_audit_revision_category.ordinal 
_pdbx_audit_revision_category.revision_ordinal 
_pdbx_audit_revision_category.data_content_type 
_pdbx_audit_revision_category.category 
1 2 'Structure model' chem_comp_atom 
2 2 'Structure model' chem_comp_bond 
# 
_pdbx_database_status.status_code                     REL 
_pdbx_database_status.status_code_sf                  REL 
_pdbx_database_status.status_code_mr                  ? 
_pdbx_database_status.entry_id                        7SGP 
_pdbx_database_status.recvd_initial_deposition_date   2021-10-06 
_pdbx_database_status.SG_entry                        N 
_pdbx_database_status.deposit_site                    RCSB 
_pdbx_database_status.process_site                    RCSB 
_pdbx_database_status.status_code_cs                  ? 
_pdbx_database_status.status_code_nmr_data            ? 
_pdbx_database_status.methods_development_category    ? 
_pdbx_database_status.pdb_format_compatible           Y 
# 
_pdbx_contact_author.id                 3 
_pdbx_contact_author.email              anna.roujeinikova@monash.edu 
_pdbx_contact_author.name_first         Anna 
_pdbx_contact_author.name_last          Roujeinikova 
_pdbx_contact_author.name_mi            ? 
_pdbx_contact_author.role               'principal investigator/group leader' 
_pdbx_contact_author.identifier_ORCID   0000-0001-8478-4751 
# 
loop_
_audit_author.name 
_audit_author.pdbx_ordinal 
_audit_author.identifier_ORCID 
'Chan, K.L.'       1 ?                   
'Peterson, B.'     2 ?                   
'Khan, M.F.'       3 0000-0002-6373-7021 
'Roujeinikova, A.' 4 0000-0001-8478-4751 
# 
_citation.abstract                  ? 
_citation.abstract_id_CAS           ? 
_citation.book_id_ISBN              ? 
_citation.book_publisher            ? 
_citation.book_publisher_city       ? 
_citation.book_title                ? 
_citation.coordinate_linkage        ? 
_citation.country                   US 
_citation.database_id_Medline       ? 
_citation.details                   ? 
_citation.id                        primary 
_citation.journal_abbrev            Proc.Natl.Acad.Sci.USA 
_citation.journal_id_ASTM           PNASA6 
_citation.journal_id_CSD            0040 
_citation.journal_id_ISSN           1091-6490 
_citation.journal_full              ? 
_citation.journal_issue             ? 
_citation.journal_volume            119 
_citation.language                  ? 
_citation.page_first                ? 
_citation.page_last                 ? 
_citation.title                     
'The flagellar motor protein FliL forms a scaffold of circumferentially positioned rings required for stator activation.' 
_citation.year                      2022 
_citation.database_id_CSD           ? 
_citation.pdbx_database_id_DOI      10.1073/pnas.2118401119 
_citation.pdbx_database_id_PubMed   35046042 
_citation.pdbx_database_id_patent   ? 
_citation.unpublished_flag          ? 
# 
loop_
_citation_author.citation_id 
_citation_author.name 
_citation_author.ordinal 
_citation_author.identifier_ORCID 
primary 'Tachiyama, S.'    1 ?                   
primary 'Chan, K.L.'       2 0000-0002-7582-2039 
primary 'Liu, X.'          3 ?                   
primary 'Hathroubi, S.'    4 0000-0002-5917-2785 
primary 'Peterson, B.'     5 ?                   
primary 'Khan, M.F.'       6 0000-0002-6373-7021 
primary 'Ottemann, K.M.'   7 0000-0001-6265-7401 
primary 'Liu, J.'          8 0000-0003-3108-6735 
primary 'Roujeinikova, A.' 9 0000-0001-8478-4751 
# 
loop_
_entity.id 
_entity.type 
_entity.src_method 
_entity.pdbx_description 
_entity.formula_weight 
_entity.pdbx_number_of_molecules 
_entity.pdbx_ec 
_entity.pdbx_mutation 
_entity.pdbx_fragment 
_entity.details 
1 polymer man 'Flagellar protein FliL' 12684.601 1  ? ? ? ? 
2 water   nat water                    18.015    61 ? ? ? ? 
# 
_entity_poly.entity_id                      1 
_entity_poly.type                           'polypeptide(L)' 
_entity_poly.nstd_linkage                   no 
_entity_poly.nstd_monomer                   no 
_entity_poly.pdbx_seq_one_letter_code       
;SQNGRIDPFTLVLGPLYAIDAPFAVNLVSQNGRRYLKASISLELSNEKLLNEVKVKDTAIKDTIIEILSSKSVEEVVTNK
GKNKLKDEIKSHLNSFLIDGFIKNVFFTDFIIQ
;
_entity_poly.pdbx_seq_one_letter_code_can   
;SQNGRIDPFTLVLGPLYAIDAPFAVNLVSQNGRRYLKASISLELSNEKLLNEVKVKDTAIKDTIIEILSSKSVEEVVTNK
GKNKLKDEIKSHLNSFLIDGFIKNVFFTDFIIQ
;
_entity_poly.pdbx_strand_id                 A 
_entity_poly.pdbx_target_identifier         ? 
# 
_pdbx_entity_nonpoly.entity_id   2 
_pdbx_entity_nonpoly.name        water 
_pdbx_entity_nonpoly.comp_id     HOH 
# 
loop_
_entity_poly_seq.entity_id 
_entity_poly_seq.num 
_entity_poly_seq.mon_id 
_entity_poly_seq.hetero 
1 1   SER n 
1 2   GLN n 
1 3   ASN n 
1 4   GLY n 
1 5   ARG n 
1 6   ILE n 
1 7   ASP n 
1 8   PRO n 
1 9   PHE n 
1 10  THR n 
1 11  LEU n 
1 12  VAL n 
1 13  LEU n 
1 14  GLY n 
1 15  PRO n 
1 16  LEU n 
1 17  TYR n 
1 18  ALA n 
1 19  ILE n 
1 20  ASP n 
1 21  ALA n 
1 22  PRO n 
1 23  PHE n 
1 24  ALA n 
1 25  VAL n 
1 26  ASN n 
1 27  LEU n 
1 28  VAL n 
1 29  SER n 
1 30  GLN n 
1 31  ASN n 
1 32  GLY n 
1 33  ARG n 
1 34  ARG n 
1 35  TYR n 
1 36  LEU n 
1 37  LYS n 
1 38  ALA n 
1 39  SER n 
1 40  ILE n 
1 41  SER n 
1 42  LEU n 
1 43  GLU n 
1 44  LEU n 
1 45  SER n 
1 46  ASN n 
1 47  GLU n 
1 48  LYS n 
1 49  LEU n 
1 50  LEU n 
1 51  ASN n 
1 52  GLU n 
1 53  VAL n 
1 54  LYS n 
1 55  VAL n 
1 56  LYS n 
1 57  ASP n 
1 58  THR n 
1 59  ALA n 
1 60  ILE n 
1 61  LYS n 
1 62  ASP n 
1 63  THR n 
1 64  ILE n 
1 65  ILE n 
1 66  GLU n 
1 67  ILE n 
1 68  LEU n 
1 69  SER n 
1 70  SER n 
1 71  LYS n 
1 72  SER n 
1 73  VAL n 
1 74  GLU n 
1 75  GLU n 
1 76  VAL n 
1 77  VAL n 
1 78  THR n 
1 79  ASN n 
1 80  LYS n 
1 81  GLY n 
1 82  LYS n 
1 83  ASN n 
1 84  LYS n 
1 85  LEU n 
1 86  LYS n 
1 87  ASP n 
1 88  GLU n 
1 89  ILE n 
1 90  LYS n 
1 91  SER n 
1 92  HIS n 
1 93  LEU n 
1 94  ASN n 
1 95  SER n 
1 96  PHE n 
1 97  LEU n 
1 98  ILE n 
1 99  ASP n 
1 100 GLY n 
1 101 PHE n 
1 102 ILE n 
1 103 LYS n 
1 104 ASN n 
1 105 VAL n 
1 106 PHE n 
1 107 PHE n 
1 108 THR n 
1 109 ASP n 
1 110 PHE n 
1 111 ILE n 
1 112 ILE n 
1 113 GLN n 
# 
_entity_src_gen.entity_id                          1 
_entity_src_gen.pdbx_src_id                        1 
_entity_src_gen.pdbx_alt_source_flag               sample 
_entity_src_gen.pdbx_seq_type                      'Biological sequence' 
_entity_src_gen.pdbx_beg_seq_num                   1 
_entity_src_gen.pdbx_end_seq_num                   113 
_entity_src_gen.gene_src_common_name               'Campylobacter pylori' 
_entity_src_gen.gene_src_genus                     ? 
_entity_src_gen.pdbx_gene_src_gene                 'fliL, BGL67_04255' 
_entity_src_gen.gene_src_species                   ? 
_entity_src_gen.gene_src_strain                    ? 
_entity_src_gen.gene_src_tissue                    ? 
_entity_src_gen.gene_src_tissue_fraction           ? 
_entity_src_gen.gene_src_details                   ? 
_entity_src_gen.pdbx_gene_src_fragment             ? 
_entity_src_gen.pdbx_gene_src_scientific_name      'Helicobacter pylori' 
_entity_src_gen.pdbx_gene_src_ncbi_taxonomy_id     210 
_entity_src_gen.pdbx_gene_src_variant              ? 
_entity_src_gen.pdbx_gene_src_cell_line            ? 
_entity_src_gen.pdbx_gene_src_atcc                 ? 
_entity_src_gen.pdbx_gene_src_organ                ? 
_entity_src_gen.pdbx_gene_src_organelle            ? 
_entity_src_gen.pdbx_gene_src_cell                 ? 
_entity_src_gen.pdbx_gene_src_cellular_location    ? 
_entity_src_gen.host_org_common_name               ? 
_entity_src_gen.pdbx_host_org_scientific_name      'Escherichia coli BL21(DE3)' 
_entity_src_gen.pdbx_host_org_ncbi_taxonomy_id     469008 
_entity_src_gen.host_org_genus                     ? 
_entity_src_gen.pdbx_host_org_gene                 ? 
_entity_src_gen.pdbx_host_org_organ                ? 
_entity_src_gen.host_org_species                   ? 
_entity_src_gen.pdbx_host_org_tissue               ? 
_entity_src_gen.pdbx_host_org_tissue_fraction      ? 
_entity_src_gen.pdbx_host_org_strain               ? 
_entity_src_gen.pdbx_host_org_variant              ? 
_entity_src_gen.pdbx_host_org_cell_line            ? 
_entity_src_gen.pdbx_host_org_atcc                 ? 
_entity_src_gen.pdbx_host_org_culture_collection   ? 
_entity_src_gen.pdbx_host_org_cell                 ? 
_entity_src_gen.pdbx_host_org_organelle            ? 
_entity_src_gen.pdbx_host_org_cellular_location    ? 
_entity_src_gen.pdbx_host_org_vector_type          ? 
_entity_src_gen.pdbx_host_org_vector               ? 
_entity_src_gen.host_org_details                   ? 
_entity_src_gen.expression_system_id               ? 
_entity_src_gen.plasmid_name                       ? 
_entity_src_gen.plasmid_details                    ? 
_entity_src_gen.pdbx_description                   ? 
# 
loop_
_chem_comp.id 
_chem_comp.type 
_chem_comp.mon_nstd_flag 
_chem_comp.name 
_chem_comp.pdbx_synonyms 
_chem_comp.formula 
_chem_comp.formula_weight 
ALA 'L-peptide linking' y ALANINE         ? 'C3 H7 N O2'     89.093  
ARG 'L-peptide linking' y ARGININE        ? 'C6 H15 N4 O2 1' 175.209 
ASN 'L-peptide linking' y ASPARAGINE      ? 'C4 H8 N2 O3'    132.118 
ASP 'L-peptide linking' y 'ASPARTIC ACID' ? 'C4 H7 N O4'     133.103 
GLN 'L-peptide linking' y GLUTAMINE       ? 'C5 H10 N2 O3'   146.144 
GLU 'L-peptide linking' y 'GLUTAMIC ACID' ? 'C5 H9 N O4'     147.129 
GLY 'peptide linking'   y GLYCINE         ? 'C2 H5 N O2'     75.067  
HIS 'L-peptide linking' y HISTIDINE       ? 'C6 H10 N3 O2 1' 156.162 
HOH non-polymer         . WATER           ? 'H2 O'           18.015  
ILE 'L-peptide linking' y ISOLEUCINE      ? 'C6 H13 N O2'    131.173 
LEU 'L-peptide linking' y LEUCINE         ? 'C6 H13 N O2'    131.173 
LYS 'L-peptide linking' y LYSINE          ? 'C6 H15 N2 O2 1' 147.195 
PHE 'L-peptide linking' y PHENYLALANINE   ? 'C9 H11 N O2'    165.189 
PRO 'L-peptide linking' y PROLINE         ? 'C5 H9 N O2'     115.130 
SER 'L-peptide linking' y SERINE          ? 'C3 H7 N O3'     105.093 
THR 'L-peptide linking' y THREONINE       ? 'C4 H9 N O3'     119.119 
TYR 'L-peptide linking' y TYROSINE        ? 'C9 H11 N O3'    181.189 
VAL 'L-peptide linking' y VALINE          ? 'C5 H11 N O2'    117.146 
# 
loop_
_pdbx_poly_seq_scheme.asym_id 
_pdbx_poly_seq_scheme.entity_id 
_pdbx_poly_seq_scheme.seq_id 
_pdbx_poly_seq_scheme.mon_id 
_pdbx_poly_seq_scheme.ndb_seq_num 
_pdbx_poly_seq_scheme.pdb_seq_num 
_pdbx_poly_seq_scheme.auth_seq_num 
_pdbx_poly_seq_scheme.pdb_mon_id 
_pdbx_poly_seq_scheme.auth_mon_id 
_pdbx_poly_seq_scheme.pdb_strand_id 
_pdbx_poly_seq_scheme.pdb_ins_code 
_pdbx_poly_seq_scheme.hetero 
A 1 1   SER 1   71  ?   ?   ?   A . n 
A 1 2   GLN 2   72  ?   ?   ?   A . n 
A 1 3   ASN 3   73  ?   ?   ?   A . n 
A 1 4   GLY 4   74  ?   ?   ?   A . n 
A 1 5   ARG 5   75  ?   ?   ?   A . n 
A 1 6   ILE 6   76  ?   ?   ?   A . n 
A 1 7   ASP 7   77  ?   ?   ?   A . n 
A 1 8   PRO 8   78  ?   ?   ?   A . n 
A 1 9   PHE 9   79  ?   ?   ?   A . n 
A 1 10  THR 10  80  ?   ?   ?   A . n 
A 1 11  LEU 11  81  ?   ?   ?   A . n 
A 1 12  VAL 12  82  82  VAL VAL A . n 
A 1 13  LEU 13  83  83  LEU LEU A . n 
A 1 14  GLY 14  84  84  GLY GLY A . n 
A 1 15  PRO 15  85  85  PRO PRO A . n 
A 1 16  LEU 16  86  86  LEU LEU A . n 
A 1 17  TYR 17  87  87  TYR TYR A . n 
A 1 18  ALA 18  88  88  ALA ALA A . n 
A 1 19  ILE 19  89  89  ILE ILE A . n 
A 1 20  ASP 20  90  90  ASP ASP A . n 
A 1 21  ALA 21  91  91  ALA ALA A . n 
A 1 22  PRO 22  92  92  PRO PRO A . n 
A 1 23  PHE 23  93  93  PHE PHE A . n 
A 1 24  ALA 24  94  94  ALA ALA A . n 
A 1 25  VAL 25  95  95  VAL VAL A . n 
A 1 26  ASN 26  96  96  ASN ASN A . n 
A 1 27  LEU 27  97  97  LEU LEU A . n 
A 1 28  VAL 28  98  98  VAL VAL A . n 
A 1 29  SER 29  99  99  SER SER A . n 
A 1 30  GLN 30  100 100 GLN GLN A . n 
A 1 31  ASN 31  101 101 ASN ASN A . n 
A 1 32  GLY 32  102 102 GLY GLY A . n 
A 1 33  ARG 33  103 103 ARG ARG A . n 
A 1 34  ARG 34  104 104 ARG ARG A . n 
A 1 35  TYR 35  105 105 TYR TYR A . n 
A 1 36  LEU 36  106 106 LEU LEU A . n 
A 1 37  LYS 37  107 107 LYS LYS A . n 
A 1 38  ALA 38  108 108 ALA ALA A . n 
A 1 39  SER 39  109 109 SER SER A . n 
A 1 40  ILE 40  110 110 ILE ILE A . n 
A 1 41  SER 41  111 111 SER SER A . n 
A 1 42  LEU 42  112 112 LEU LEU A . n 
A 1 43  GLU 43  113 113 GLU GLU A . n 
A 1 44  LEU 44  114 114 LEU LEU A . n 
A 1 45  SER 45  115 115 SER SER A . n 
A 1 46  ASN 46  116 116 ASN ASN A . n 
A 1 47  GLU 47  117 117 GLU GLU A . n 
A 1 48  LYS 48  118 118 LYS LYS A . n 
A 1 49  LEU 49  119 119 LEU LEU A . n 
A 1 50  LEU 50  120 120 LEU LEU A . n 
A 1 51  ASN 51  121 121 ASN ASN A . n 
A 1 52  GLU 52  122 122 GLU GLU A . n 
A 1 53  VAL 53  123 123 VAL VAL A . n 
A 1 54  LYS 54  124 124 LYS LYS A . n 
A 1 55  VAL 55  125 125 VAL VAL A . n 
A 1 56  LYS 56  126 126 LYS LYS A . n 
A 1 57  ASP 57  127 127 ASP ASP A . n 
A 1 58  THR 58  128 128 THR THR A . n 
A 1 59  ALA 59  129 129 ALA ALA A . n 
A 1 60  ILE 60  130 130 ILE ILE A . n 
A 1 61  LYS 61  131 131 LYS LYS A . n 
A 1 62  ASP 62  132 132 ASP ASP A . n 
A 1 63  THR 63  133 133 THR THR A . n 
A 1 64  ILE 64  134 134 ILE ILE A . n 
A 1 65  ILE 65  135 135 ILE ILE A . n 
A 1 66  GLU 66  136 136 GLU GLU A . n 
A 1 67  ILE 67  137 137 ILE ILE A . n 
A 1 68  LEU 68  138 138 LEU LEU A . n 
A 1 69  SER 69  139 139 SER SER A . n 
A 1 70  SER 70  140 140 SER SER A . n 
A 1 71  LYS 71  141 141 LYS LYS A . n 
A 1 72  SER 72  142 142 SER SER A . n 
A 1 73  VAL 73  143 143 VAL VAL A . n 
A 1 74  GLU 74  144 144 GLU GLU A . n 
A 1 75  GLU 75  145 145 GLU GLU A . n 
A 1 76  VAL 76  146 146 VAL VAL A . n 
A 1 77  VAL 77  147 147 VAL VAL A . n 
A 1 78  THR 78  148 148 THR THR A . n 
A 1 79  ASN 79  149 149 ASN ASN A . n 
A 1 80  LYS 80  150 150 LYS LYS A . n 
A 1 81  GLY 81  151 151 GLY GLY A . n 
A 1 82  LYS 82  152 152 LYS LYS A . n 
A 1 83  ASN 83  153 153 ASN ASN A . n 
A 1 84  LYS 84  154 154 LYS LYS A . n 
A 1 85  LEU 85  155 155 LEU LEU A . n 
A 1 86  LYS 86  156 156 LYS LYS A . n 
A 1 87  ASP 87  157 157 ASP ASP A . n 
A 1 88  GLU 88  158 158 GLU GLU A . n 
A 1 89  ILE 89  159 159 ILE ILE A . n 
A 1 90  LYS 90  160 160 LYS LYS A . n 
A 1 91  SER 91  161 161 SER SER A . n 
A 1 92  HIS 92  162 162 HIS HIS A . n 
A 1 93  LEU 93  163 163 LEU LEU A . n 
A 1 94  ASN 94  164 164 ASN ASN A . n 
A 1 95  SER 95  165 165 SER SER A . n 
A 1 96  PHE 96  166 166 PHE PHE A . n 
A 1 97  LEU 97  167 167 LEU LEU A . n 
A 1 98  ILE 98  168 168 ILE ILE A . n 
A 1 99  ASP 99  169 169 ASP ASP A . n 
A 1 100 GLY 100 170 170 GLY GLY A . n 
A 1 101 PHE 101 171 171 PHE PHE A . n 
A 1 102 ILE 102 172 172 ILE ILE A . n 
A 1 103 LYS 103 173 173 LYS LYS A . n 
A 1 104 ASN 104 174 174 ASN ASN A . n 
A 1 105 VAL 105 175 175 VAL VAL A . n 
A 1 106 PHE 106 176 176 PHE PHE A . n 
A 1 107 PHE 107 177 177 PHE PHE A . n 
A 1 108 THR 108 178 178 THR THR A . n 
A 1 109 ASP 109 179 179 ASP ASP A . n 
A 1 110 PHE 110 180 180 PHE PHE A . n 
A 1 111 ILE 111 181 181 ILE ILE A . n 
A 1 112 ILE 112 182 182 ILE ILE A . n 
A 1 113 GLN 113 183 183 GLN GLN A . n 
# 
loop_
_pdbx_nonpoly_scheme.asym_id 
_pdbx_nonpoly_scheme.entity_id 
_pdbx_nonpoly_scheme.mon_id 
_pdbx_nonpoly_scheme.ndb_seq_num 
_pdbx_nonpoly_scheme.pdb_seq_num 
_pdbx_nonpoly_scheme.auth_seq_num 
_pdbx_nonpoly_scheme.pdb_mon_id 
_pdbx_nonpoly_scheme.auth_mon_id 
_pdbx_nonpoly_scheme.pdb_strand_id 
_pdbx_nonpoly_scheme.pdb_ins_code 
B 2 HOH 1  201 16 HOH HOH A . 
B 2 HOH 2  202 3  HOH HOH A . 
B 2 HOH 3  203 22 HOH HOH A . 
B 2 HOH 4  204 36 HOH HOH A . 
B 2 HOH 5  205 39 HOH HOH A . 
B 2 HOH 6  206 24 HOH HOH A . 
B 2 HOH 7  207 26 HOH HOH A . 
B 2 HOH 8  208 22 HOH HOH A . 
B 2 HOH 9  209 52 HOH HOH A . 
B 2 HOH 10 210 9  HOH HOH A . 
B 2 HOH 11 211 1  HOH HOH A . 
B 2 HOH 12 212 15 HOH HOH A . 
B 2 HOH 13 213 4  HOH HOH A . 
B 2 HOH 14 214 18 HOH HOH A . 
B 2 HOH 15 215 33 HOH HOH A . 
B 2 HOH 16 216 12 HOH HOH A . 
B 2 HOH 17 217 27 HOH HOH A . 
B 2 HOH 18 218 20 HOH HOH A . 
B 2 HOH 19 219 28 HOH HOH A . 
B 2 HOH 20 220 10 HOH HOH A . 
B 2 HOH 21 221 5  HOH HOH A . 
B 2 HOH 22 222 35 HOH HOH A . 
B 2 HOH 23 223 19 HOH HOH A . 
B 2 HOH 24 224 16 HOH HOH A . 
B 2 HOH 25 225 3  HOH HOH A . 
B 2 HOH 26 226 11 HOH HOH A . 
B 2 HOH 27 227 26 HOH HOH A . 
B 2 HOH 28 228 12 HOH HOH A . 
B 2 HOH 29 229 43 HOH HOH A . 
B 2 HOH 30 230 2  HOH HOH A . 
B 2 HOH 31 231 50 HOH HOH A . 
B 2 HOH 32 232 21 HOH HOH A . 
B 2 HOH 33 233 44 HOH HOH A . 
B 2 HOH 34 234 17 HOH HOH A . 
B 2 HOH 35 235 46 HOH HOH A . 
B 2 HOH 36 236 48 HOH HOH A . 
B 2 HOH 37 237 9  HOH HOH A . 
B 2 HOH 38 238 23 HOH HOH A . 
B 2 HOH 39 239 40 HOH HOH A . 
B 2 HOH 40 240 4  HOH HOH A . 
B 2 HOH 41 241 29 HOH HOH A . 
B 2 HOH 42 242 2  HOH HOH A . 
B 2 HOH 43 243 6  HOH HOH A . 
B 2 HOH 44 244 30 HOH HOH A . 
B 2 HOH 45 245 18 HOH HOH A . 
B 2 HOH 46 246 8  HOH HOH A . 
B 2 HOH 47 247 7  HOH HOH A . 
B 2 HOH 48 248 5  HOH HOH A . 
B 2 HOH 49 249 14 HOH HOH A . 
B 2 HOH 50 250 42 HOH HOH A . 
B 2 HOH 51 251 38 HOH HOH A . 
B 2 HOH 52 252 13 HOH HOH A . 
B 2 HOH 53 253 1  HOH HOH A . 
B 2 HOH 54 254 49 HOH HOH A . 
B 2 HOH 55 255 53 HOH HOH A . 
B 2 HOH 56 256 41 HOH HOH A . 
B 2 HOH 57 257 34 HOH HOH A . 
B 2 HOH 58 258 51 HOH HOH A . 
B 2 HOH 59 259 14 HOH HOH A . 
B 2 HOH 60 260 25 HOH HOH A . 
B 2 HOH 61 261 32 HOH HOH A . 
# 
loop_
_software.citation_id 
_software.classification 
_software.compiler_name 
_software.compiler_version 
_software.contact_author 
_software.contact_author_email 
_software.date 
_software.description 
_software.dependencies 
_software.hardware 
_software.language 
_software.location 
_software.mods 
_software.name 
_software.os 
_software.os_version 
_software.type 
_software.version 
_software.pdbx_ordinal 
? refinement        ? ? ? ? ? ? ? ? ? ? ? REFMAC      ? ? ? 5.8.0232 1 
? 'data extraction' ? ? ? ? ? ? ? ? ? ? ? PDB_EXTRACT ? ? ? 3.27     2 
? 'data reduction'  ? ? ? ? ? ? ? ? ? ? ? XDS         ? ? ? .        3 
? 'data scaling'    ? ? ? ? ? ? ? ? ? ? ? Aimless     ? ? ? .        4 
? phasing           ? ? ? ? ? ? ? ? ? ? ? PHASER      ? ? ? .        5 
# 
_cell.angle_alpha                  90.000 
_cell.angle_alpha_esd              ? 
_cell.angle_beta                   90.000 
_cell.angle_beta_esd               ? 
_cell.angle_gamma                  90.000 
_cell.angle_gamma_esd              ? 
_cell.entry_id                     7SGP 
_cell.details                      ? 
_cell.formula_units_Z              ? 
_cell.length_a                     41.513 
_cell.length_a_esd                 ? 
_cell.length_b                     59.986 
_cell.length_b_esd                 ? 
_cell.length_c                     60.969 
_cell.length_c_esd                 ? 
_cell.volume                       ? 
_cell.volume_esd                   ? 
_cell.Z_PDB                        4 
_cell.reciprocal_angle_alpha       ? 
_cell.reciprocal_angle_beta        ? 
_cell.reciprocal_angle_gamma       ? 
_cell.reciprocal_angle_alpha_esd   ? 
_cell.reciprocal_angle_beta_esd    ? 
_cell.reciprocal_angle_gamma_esd   ? 
_cell.reciprocal_length_a          ? 
_cell.reciprocal_length_b          ? 
_cell.reciprocal_length_c          ? 
_cell.reciprocal_length_a_esd      ? 
_cell.reciprocal_length_b_esd      ? 
_cell.reciprocal_length_c_esd      ? 
_cell.pdbx_unique_axis             ? 
# 
_symmetry.entry_id                         7SGP 
_symmetry.cell_setting                     ? 
_symmetry.Int_Tables_number                19 
_symmetry.space_group_name_Hall            ? 
_symmetry.space_group_name_H-M             'P 21 21 21' 
_symmetry.pdbx_full_space_group_name_H-M   ? 
# 
_exptl.absorpt_coefficient_mu     ? 
_exptl.absorpt_correction_T_max   ? 
_exptl.absorpt_correction_T_min   ? 
_exptl.absorpt_correction_type    ? 
_exptl.absorpt_process_details    ? 
_exptl.entry_id                   7SGP 
_exptl.crystals_number            1 
_exptl.details                    ? 
_exptl.method                     'X-RAY DIFFRACTION' 
_exptl.method_details             ? 
# 
_exptl_crystal.colour                      ? 
_exptl_crystal.density_diffrn              ? 
_exptl_crystal.density_Matthews            2.99 
_exptl_crystal.density_method              ? 
_exptl_crystal.density_percent_sol         58.89 
_exptl_crystal.description                 ? 
_exptl_crystal.F_000                       ? 
_exptl_crystal.id                          1 
_exptl_crystal.preparation                 ? 
_exptl_crystal.size_max                    ? 
_exptl_crystal.size_mid                    ? 
_exptl_crystal.size_min                    ? 
_exptl_crystal.size_rad                    ? 
_exptl_crystal.colour_lustre               ? 
_exptl_crystal.colour_modifier             ? 
_exptl_crystal.colour_primary              ? 
_exptl_crystal.density_meas                ? 
_exptl_crystal.density_meas_esd            ? 
_exptl_crystal.density_meas_gt             ? 
_exptl_crystal.density_meas_lt             ? 
_exptl_crystal.density_meas_temp           ? 
_exptl_crystal.density_meas_temp_esd       ? 
_exptl_crystal.density_meas_temp_gt        ? 
_exptl_crystal.density_meas_temp_lt        ? 
_exptl_crystal.pdbx_crystal_image_url      ? 
_exptl_crystal.pdbx_crystal_image_format   ? 
_exptl_crystal.pdbx_mosaicity              ? 
_exptl_crystal.pdbx_mosaicity_esd          ? 
# 
_exptl_crystal_grow.apparatus       ? 
_exptl_crystal_grow.atmosphere      ? 
_exptl_crystal_grow.crystal_id      1 
_exptl_crystal_grow.details         ? 
_exptl_crystal_grow.method          'VAPOR DIFFUSION, HANGING DROP' 
_exptl_crystal_grow.method_ref      ? 
_exptl_crystal_grow.pH              ? 
_exptl_crystal_grow.pressure        ? 
_exptl_crystal_grow.pressure_esd    ? 
_exptl_crystal_grow.seeding         ? 
_exptl_crystal_grow.seeding_ref     ? 
_exptl_crystal_grow.temp            298 
_exptl_crystal_grow.temp_details    ? 
_exptl_crystal_grow.temp_esd        ? 
_exptl_crystal_grow.time            ? 
_exptl_crystal_grow.pdbx_details    'Ammonium di-hydrogen phosphate, trisodium citrate' 
_exptl_crystal_grow.pdbx_pH_range   ? 
# 
_diffrn.ambient_environment              ? 
_diffrn.ambient_temp                     100 
_diffrn.ambient_temp_details             ? 
_diffrn.ambient_temp_esd                 ? 
_diffrn.crystal_id                       1 
_diffrn.crystal_support                  ? 
_diffrn.crystal_treatment                ? 
_diffrn.details                          ? 
_diffrn.id                               1 
_diffrn.ambient_pressure                 ? 
_diffrn.ambient_pressure_esd             ? 
_diffrn.ambient_pressure_gt              ? 
_diffrn.ambient_pressure_lt              ? 
_diffrn.ambient_temp_gt                  ? 
_diffrn.ambient_temp_lt                  ? 
_diffrn.pdbx_serial_crystal_experiment   N 
# 
_diffrn_detector.details                      ? 
_diffrn_detector.detector                     CCD 
_diffrn_detector.diffrn_id                    1 
_diffrn_detector.type                         'ADSC QUANTUM 210r' 
_diffrn_detector.area_resol_mean              ? 
_diffrn_detector.dtime                        ? 
_diffrn_detector.pdbx_frames_total            ? 
_diffrn_detector.pdbx_collection_time_total   ? 
_diffrn_detector.pdbx_collection_date         2018-10-02 
_diffrn_detector.pdbx_frequency               ? 
# 
_diffrn_radiation.collimation                      ? 
_diffrn_radiation.diffrn_id                        1 
_diffrn_radiation.filter_edge                      ? 
_diffrn_radiation.inhomogeneity                    ? 
_diffrn_radiation.monochromator                    ? 
_diffrn_radiation.polarisn_norm                    ? 
_diffrn_radiation.polarisn_ratio                   ? 
_diffrn_radiation.probe                            ? 
_diffrn_radiation.type                             ? 
_diffrn_radiation.xray_symbol                      ? 
_diffrn_radiation.wavelength_id                    1 
_diffrn_radiation.pdbx_monochromatic_or_laue_m_l   M 
_diffrn_radiation.pdbx_wavelength_list             ? 
_diffrn_radiation.pdbx_wavelength                  ? 
_diffrn_radiation.pdbx_diffrn_protocol             'SINGLE WAVELENGTH' 
_diffrn_radiation.pdbx_analyzer                    ? 
_diffrn_radiation.pdbx_scattering_type             x-ray 
# 
_diffrn_radiation_wavelength.id           1 
_diffrn_radiation_wavelength.wavelength   1 
_diffrn_radiation_wavelength.wt           1.0 
# 
_diffrn_source.current                     ? 
_diffrn_source.details                     ? 
_diffrn_source.diffrn_id                   1 
_diffrn_source.power                       ? 
_diffrn_source.size                        ? 
_diffrn_source.source                      SYNCHROTRON 
_diffrn_source.target                      ? 
_diffrn_source.type                        'AUSTRALIAN SYNCHROTRON BEAMLINE MX1' 
_diffrn_source.voltage                     ? 
_diffrn_source.take-off_angle              ? 
_diffrn_source.pdbx_wavelength_list        1 
_diffrn_source.pdbx_wavelength             ? 
_diffrn_source.pdbx_synchrotron_beamline   MX1 
_diffrn_source.pdbx_synchrotron_site       'Australian Synchrotron' 
# 
_reflns.B_iso_Wilson_estimate                          ? 
_reflns.entry_id                                       7SGP 
_reflns.data_reduction_details                         ? 
_reflns.data_reduction_method                          ? 
_reflns.d_resolution_high                              2.10 
_reflns.d_resolution_low                               42.76 
_reflns.details                                        ? 
_reflns.limit_h_max                                    ? 
_reflns.limit_h_min                                    ? 
_reflns.limit_k_max                                    ? 
_reflns.limit_k_min                                    ? 
_reflns.limit_l_max                                    ? 
_reflns.limit_l_min                                    ? 
_reflns.number_all                                     ? 
_reflns.number_obs                                     9199 
_reflns.observed_criterion                             ? 
_reflns.observed_criterion_F_max                       ? 
_reflns.observed_criterion_F_min                       ? 
_reflns.observed_criterion_I_max                       ? 
_reflns.observed_criterion_I_min                       ? 
_reflns.observed_criterion_sigma_F                     ? 
_reflns.observed_criterion_sigma_I                     ? 
_reflns.percent_possible_obs                           98.8 
_reflns.R_free_details                                 ? 
_reflns.Rmerge_F_all                                   ? 
_reflns.Rmerge_F_obs                                   ? 
_reflns.Friedel_coverage                               ? 
_reflns.number_gt                                      ? 
_reflns.threshold_expression                           ? 
_reflns.pdbx_redundancy                                3.2 
_reflns.pdbx_Rmerge_I_obs                              0.041 
_reflns.pdbx_Rmerge_I_all                              ? 
_reflns.pdbx_Rsym_value                                ? 
_reflns.pdbx_netI_over_av_sigmaI                       ? 
_reflns.pdbx_netI_over_sigmaI                          10.6 
_reflns.pdbx_res_netI_over_av_sigmaI_2                 ? 
_reflns.pdbx_res_netI_over_sigmaI_2                    ? 
_reflns.pdbx_chi_squared                               ? 
_reflns.pdbx_scaling_rejects                           ? 
_reflns.pdbx_d_res_high_opt                            ? 
_reflns.pdbx_d_res_low_opt                             ? 
_reflns.pdbx_d_res_opt_method                          ? 
_reflns.phase_calculation_details                      ? 
_reflns.pdbx_Rrim_I_all                                ? 
_reflns.pdbx_Rpim_I_all                                ? 
_reflns.pdbx_d_opt                                     ? 
_reflns.pdbx_number_measured_all                       ? 
_reflns.pdbx_diffrn_id                                 1 
_reflns.pdbx_ordinal                                   1 
_reflns.pdbx_CC_half                                   ? 
_reflns.pdbx_CC_star                                   ? 
_reflns.pdbx_R_split                                   ? 
_reflns.pdbx_aniso_diffraction_limit_axis_1_ortho[1]   ? 
_reflns.pdbx_aniso_diffraction_limit_axis_1_ortho[2]   ? 
_reflns.pdbx_aniso_diffraction_limit_axis_1_ortho[3]   ? 
_reflns.pdbx_aniso_diffraction_limit_axis_2_ortho[1]   ? 
_reflns.pdbx_aniso_diffraction_limit_axis_2_ortho[2]   ? 
_reflns.pdbx_aniso_diffraction_limit_axis_2_ortho[3]   ? 
_reflns.pdbx_aniso_diffraction_limit_axis_3_ortho[1]   ? 
_reflns.pdbx_aniso_diffraction_limit_axis_3_ortho[2]   ? 
_reflns.pdbx_aniso_diffraction_limit_axis_3_ortho[3]   ? 
_reflns.pdbx_aniso_diffraction_limit_1                 ? 
_reflns.pdbx_aniso_diffraction_limit_2                 ? 
_reflns.pdbx_aniso_diffraction_limit_3                 ? 
_reflns.pdbx_aniso_B_tensor_eigenvector_1_ortho[1]     ? 
_reflns.pdbx_aniso_B_tensor_eigenvector_1_ortho[2]     ? 
_reflns.pdbx_aniso_B_tensor_eigenvector_1_ortho[3]     ? 
_reflns.pdbx_aniso_B_tensor_eigenvector_2_ortho[1]     ? 
_reflns.pdbx_aniso_B_tensor_eigenvector_2_ortho[2]     ? 
_reflns.pdbx_aniso_B_tensor_eigenvector_2_ortho[3]     ? 
_reflns.pdbx_aniso_B_tensor_eigenvector_3_ortho[1]     ? 
_reflns.pdbx_aniso_B_tensor_eigenvector_3_ortho[2]     ? 
_reflns.pdbx_aniso_B_tensor_eigenvector_3_ortho[3]     ? 
_reflns.pdbx_aniso_B_tensor_eigenvalue_1               ? 
_reflns.pdbx_aniso_B_tensor_eigenvalue_2               ? 
_reflns.pdbx_aniso_B_tensor_eigenvalue_3               ? 
_reflns.pdbx_orthogonalization_convention              ? 
_reflns.pdbx_percent_possible_ellipsoidal              ? 
_reflns.pdbx_percent_possible_spherical                ? 
_reflns.pdbx_percent_possible_ellipsoidal_anomalous    ? 
_reflns.pdbx_percent_possible_spherical_anomalous      ? 
_reflns.pdbx_redundancy_anomalous                      ? 
_reflns.pdbx_CC_half_anomalous                         ? 
_reflns.pdbx_absDiff_over_sigma_anomalous              ? 
_reflns.pdbx_percent_possible_anomalous                ? 
_reflns.pdbx_observed_signal_threshold                 ? 
_reflns.pdbx_signal_type                               ? 
_reflns.pdbx_signal_details                            ? 
_reflns.pdbx_signal_software_id                        ? 
# 
_reflns_shell.d_res_high                                    2.10 
_reflns_shell.d_res_low                                     2.16 
_reflns_shell.meanI_over_sigI_all                           ? 
_reflns_shell.meanI_over_sigI_obs                           ? 
_reflns_shell.number_measured_all                           ? 
_reflns_shell.number_measured_obs                           ? 
_reflns_shell.number_possible                               ? 
_reflns_shell.number_unique_all                             ? 
_reflns_shell.number_unique_obs                             734 
_reflns_shell.percent_possible_all                          ? 
_reflns_shell.percent_possible_obs                          ? 
_reflns_shell.Rmerge_F_all                                  ? 
_reflns_shell.Rmerge_F_obs                                  ? 
_reflns_shell.Rmerge_I_all                                  ? 
_reflns_shell.Rmerge_I_obs                                  0.300 
_reflns_shell.meanI_over_sigI_gt                            ? 
_reflns_shell.meanI_over_uI_all                             ? 
_reflns_shell.meanI_over_uI_gt                              ? 
_reflns_shell.number_measured_gt                            ? 
_reflns_shell.number_unique_gt                              ? 
_reflns_shell.percent_possible_gt                           ? 
_reflns_shell.Rmerge_F_gt                                   ? 
_reflns_shell.Rmerge_I_gt                                   ? 
_reflns_shell.pdbx_redundancy                               ? 
_reflns_shell.pdbx_Rsym_value                               ? 
_reflns_shell.pdbx_chi_squared                              ? 
_reflns_shell.pdbx_netI_over_sigmaI_all                     ? 
_reflns_shell.pdbx_netI_over_sigmaI_obs                     ? 
_reflns_shell.pdbx_Rrim_I_all                               ? 
_reflns_shell.pdbx_Rpim_I_all                               ? 
_reflns_shell.pdbx_rejects                                  ? 
_reflns_shell.pdbx_ordinal                                  1 
_reflns_shell.pdbx_diffrn_id                                1 
_reflns_shell.pdbx_CC_half                                  ? 
_reflns_shell.pdbx_CC_star                                  ? 
_reflns_shell.pdbx_R_split                                  ? 
_reflns_shell.pdbx_percent_possible_ellipsoidal             ? 
_reflns_shell.pdbx_percent_possible_spherical               ? 
_reflns_shell.pdbx_percent_possible_ellipsoidal_anomalous   ? 
_reflns_shell.pdbx_percent_possible_spherical_anomalous     ? 
_reflns_shell.pdbx_redundancy_anomalous                     ? 
_reflns_shell.pdbx_CC_half_anomalous                        ? 
_reflns_shell.pdbx_absDiff_over_sigma_anomalous             ? 
_reflns_shell.pdbx_percent_possible_anomalous               ? 
# 
_refine.aniso_B[1][1]                            -2.3200 
_refine.aniso_B[1][2]                            0.0000 
_refine.aniso_B[1][3]                            0.0000 
_refine.aniso_B[2][2]                            1.8700 
_refine.aniso_B[2][3]                            0.0000 
_refine.aniso_B[3][3]                            0.4400 
_refine.B_iso_max                                98.340 
_refine.B_iso_mean                               43.7040 
_refine.B_iso_min                                30.580 
_refine.correlation_coeff_Fo_to_Fc               0.9680 
_refine.correlation_coeff_Fo_to_Fc_free          0.9460 
_refine.details                                  
'HYDROGENS HAVE BEEN ADDED IN THE RIDING POSITIONS U VALUES      : REFINED INDIVIDUALLY' 
_refine.diff_density_max                         ? 
_refine.diff_density_max_esd                     ? 
_refine.diff_density_min                         ? 
_refine.diff_density_min_esd                     ? 
_refine.diff_density_rms                         ? 
_refine.diff_density_rms_esd                     ? 
_refine.entry_id                                 7SGP 
_refine.pdbx_refine_id                           'X-RAY DIFFRACTION' 
_refine.ls_abs_structure_details                 ? 
_refine.ls_abs_structure_Flack                   ? 
_refine.ls_abs_structure_Flack_esd               ? 
_refine.ls_abs_structure_Rogers                  ? 
_refine.ls_abs_structure_Rogers_esd              ? 
_refine.ls_d_res_high                            2.1000 
_refine.ls_d_res_low                             42.7600 
_refine.ls_extinction_coef                       ? 
_refine.ls_extinction_coef_esd                   ? 
_refine.ls_extinction_expression                 ? 
_refine.ls_extinction_method                     ? 
_refine.ls_goodness_of_fit_all                   ? 
_refine.ls_goodness_of_fit_all_esd               ? 
_refine.ls_goodness_of_fit_obs                   ? 
_refine.ls_goodness_of_fit_obs_esd               ? 
_refine.ls_hydrogen_treatment                    ? 
_refine.ls_matrix_type                           ? 
_refine.ls_number_constraints                    ? 
_refine.ls_number_parameters                     ? 
_refine.ls_number_reflns_all                     ? 
_refine.ls_number_reflns_obs                     8723 
_refine.ls_number_reflns_R_free                  439 
_refine.ls_number_reflns_R_work                  ? 
_refine.ls_number_restraints                     ? 
_refine.ls_percent_reflns_obs                    98.3500 
_refine.ls_percent_reflns_R_free                 4.8000 
_refine.ls_R_factor_all                          ? 
_refine.ls_R_factor_obs                          0.1817 
_refine.ls_R_factor_R_free                       0.2329 
_refine.ls_R_factor_R_free_error                 ? 
_refine.ls_R_factor_R_free_error_details         ? 
_refine.ls_R_factor_R_work                       0.1793 
_refine.ls_R_Fsqd_factor_obs                     ? 
_refine.ls_R_I_factor_obs                        ? 
_refine.ls_redundancy_reflns_all                 ? 
_refine.ls_redundancy_reflns_obs                 ? 
_refine.ls_restrained_S_all                      ? 
_refine.ls_restrained_S_obs                      ? 
_refine.ls_shift_over_esd_max                    ? 
_refine.ls_shift_over_esd_mean                   ? 
_refine.ls_structure_factor_coef                 ? 
_refine.ls_weighting_details                     ? 
_refine.ls_weighting_scheme                      ? 
_refine.ls_wR_factor_all                         ? 
_refine.ls_wR_factor_obs                         ? 
_refine.ls_wR_factor_R_free                      ? 
_refine.ls_wR_factor_R_work                      ? 
_refine.occupancy_max                            ? 
_refine.occupancy_min                            ? 
_refine.solvent_model_details                    MASK 
_refine.solvent_model_param_bsol                 ? 
_refine.solvent_model_param_ksol                 ? 
_refine.pdbx_R_complete                          ? 
_refine.ls_R_factor_gt                           ? 
_refine.ls_goodness_of_fit_gt                    ? 
_refine.ls_goodness_of_fit_ref                   ? 
_refine.ls_shift_over_su_max                     ? 
_refine.ls_shift_over_su_max_lt                  ? 
_refine.ls_shift_over_su_mean                    ? 
_refine.ls_shift_over_su_mean_lt                 ? 
_refine.pdbx_ls_sigma_I                          ? 
_refine.pdbx_ls_sigma_F                          0.000 
_refine.pdbx_ls_sigma_Fsqd                       ? 
_refine.pdbx_data_cutoff_high_absF               ? 
_refine.pdbx_data_cutoff_high_rms_absF           ? 
_refine.pdbx_data_cutoff_low_absF                ? 
_refine.pdbx_isotropic_thermal_model             ? 
_refine.pdbx_ls_cross_valid_method               THROUGHOUT 
_refine.pdbx_method_to_determine_struct          'AB INITIO PHASING' 
_refine.pdbx_starting_model                      ? 
_refine.pdbx_stereochemistry_target_values       'MAXIMUM LIKELIHOOD' 
_refine.pdbx_R_Free_selection_details            RANDOM 
_refine.pdbx_stereochem_target_val_spec_case     ? 
_refine.pdbx_overall_ESU_R                       0.1580 
_refine.pdbx_overall_ESU_R_Free                  0.1580 
_refine.pdbx_solvent_vdw_probe_radii             1.2000 
_refine.pdbx_solvent_ion_probe_radii             0.8000 
_refine.pdbx_solvent_shrinkage_radii             0.8000 
_refine.pdbx_real_space_R                        ? 
_refine.pdbx_density_correlation                 ? 
_refine.pdbx_pd_number_of_powder_patterns        ? 
_refine.pdbx_pd_number_of_points                 ? 
_refine.pdbx_pd_meas_number_of_points            ? 
_refine.pdbx_pd_proc_ls_prof_R_factor            ? 
_refine.pdbx_pd_proc_ls_prof_wR_factor           ? 
_refine.pdbx_pd_Marquardt_correlation_coeff      ? 
_refine.pdbx_pd_Fsqrd_R_factor                   ? 
_refine.pdbx_pd_ls_matrix_band_width             ? 
_refine.pdbx_overall_phase_error                 ? 
_refine.pdbx_overall_SU_R_free_Cruickshank_DPI   ? 
_refine.pdbx_overall_SU_R_free_Blow_DPI          ? 
_refine.pdbx_overall_SU_R_Blow_DPI               ? 
_refine.pdbx_TLS_residual_ADP_flag               ? 
_refine.pdbx_diffrn_id                           1 
_refine.overall_SU_B                             4.1230 
_refine.overall_SU_ML                            0.1100 
_refine.overall_SU_R_Cruickshank_DPI             ? 
_refine.overall_SU_R_free                        ? 
_refine.overall_FOM_free_R_set                   ? 
_refine.overall_FOM_work_R_set                   ? 
_refine.pdbx_average_fsc_overall                 ? 
_refine.pdbx_average_fsc_work                    ? 
_refine.pdbx_average_fsc_free                    ? 
# 
_refine_hist.pdbx_refine_id                   'X-RAY DIFFRACTION' 
_refine_hist.cycle_id                         final 
_refine_hist.details                          ? 
_refine_hist.d_res_high                       2.1000 
_refine_hist.d_res_low                        42.7600 
_refine_hist.number_atoms_solvent             61 
_refine_hist.number_atoms_total               869 
_refine_hist.number_reflns_all                ? 
_refine_hist.number_reflns_obs                ? 
_refine_hist.number_reflns_R_free             ? 
_refine_hist.number_reflns_R_work             ? 
_refine_hist.R_factor_all                     ? 
_refine_hist.R_factor_obs                     ? 
_refine_hist.R_factor_R_free                  ? 
_refine_hist.R_factor_R_work                  ? 
_refine_hist.pdbx_number_residues_total       102 
_refine_hist.pdbx_B_iso_mean_ligand           ? 
_refine_hist.pdbx_B_iso_mean_solvent          54.73 
_refine_hist.pdbx_number_atoms_protein        808 
_refine_hist.pdbx_number_atoms_nucleic_acid   0 
_refine_hist.pdbx_number_atoms_ligand         0 
_refine_hist.pdbx_number_atoms_lipid          ? 
_refine_hist.pdbx_number_atoms_carb           ? 
_refine_hist.pdbx_pseudo_atom_details         ? 
# 
loop_
_refine_ls_restr.pdbx_refine_id 
_refine_ls_restr.criterion 
_refine_ls_restr.dev_ideal 
_refine_ls_restr.dev_ideal_target 
_refine_ls_restr.number 
_refine_ls_restr.rejects 
_refine_ls_restr.type 
_refine_ls_restr.weight 
_refine_ls_restr.pdbx_restraint_function 
'X-RAY DIFFRACTION' ? 0.012  0.013  825  ? r_bond_refined_d       ? ? 
'X-RAY DIFFRACTION' ? 0.001  0.017  819  ? r_bond_other_d         ? ? 
'X-RAY DIFFRACTION' ? 1.757  1.627  1113 ? r_angle_refined_deg    ? ? 
'X-RAY DIFFRACTION' ? 1.418  1.583  1908 ? r_angle_other_deg      ? ? 
'X-RAY DIFFRACTION' ? 7.279  5.000  103  ? r_dihedral_angle_1_deg ? ? 
'X-RAY DIFFRACTION' ? 35.015 25.278 36   ? r_dihedral_angle_2_deg ? ? 
'X-RAY DIFFRACTION' ? 12.477 15.000 164  ? r_dihedral_angle_3_deg ? ? 
'X-RAY DIFFRACTION' ? 13.045 15.000 2    ? r_dihedral_angle_4_deg ? ? 
'X-RAY DIFFRACTION' ? 0.082  0.200  114  ? r_chiral_restr         ? ? 
'X-RAY DIFFRACTION' ? 0.009  0.020  899  ? r_gen_planes_refined   ? ? 
'X-RAY DIFFRACTION' ? 0.002  0.020  151  ? r_gen_planes_other     ? ? 
# 
_refine_ls_shell.pdbx_refine_id                   'X-RAY DIFFRACTION' 
_refine_ls_shell.d_res_high                       2.1010 
_refine_ls_shell.d_res_low                        2.1550 
_refine_ls_shell.number_reflns_all                648 
_refine_ls_shell.number_reflns_obs                ? 
_refine_ls_shell.number_reflns_R_free             39 
_refine_ls_shell.number_reflns_R_work             609 
_refine_ls_shell.percent_reflns_obs               98.1800 
_refine_ls_shell.percent_reflns_R_free            ? 
_refine_ls_shell.R_factor_all                     ? 
_refine_ls_shell.R_factor_obs                     ? 
_refine_ls_shell.R_factor_R_free                  0.2340 
_refine_ls_shell.R_factor_R_free_error            0.0000 
_refine_ls_shell.R_factor_R_work                  0.2360 
_refine_ls_shell.redundancy_reflns_all            ? 
_refine_ls_shell.redundancy_reflns_obs            ? 
_refine_ls_shell.wR_factor_all                    ? 
_refine_ls_shell.wR_factor_obs                    ? 
_refine_ls_shell.wR_factor_R_free                 ? 
_refine_ls_shell.wR_factor_R_work                 ? 
_refine_ls_shell.pdbx_R_complete                  ? 
_refine_ls_shell.pdbx_total_number_of_bins_used   20 
_refine_ls_shell.pdbx_phase_error                 ? 
_refine_ls_shell.pdbx_fsc_work                    ? 
_refine_ls_shell.pdbx_fsc_free                    ? 
# 
_struct.entry_id                     7SGP 
_struct.title                        
'Crystal structure of periplasmic domain of Helicobacter pylori FliL (residues 81 to 183) (crystal form C)' 
_struct.pdbx_model_details           ? 
_struct.pdbx_formula_weight          ? 
_struct.pdbx_formula_weight_method   ? 
_struct.pdbx_model_type_details      ? 
_struct.pdbx_CASP_flag               N 
# 
_struct_keywords.entry_id        7SGP 
_struct_keywords.text            'Flagellar motor, FliL, MOTOR PROTEIN' 
_struct_keywords.pdbx_keywords   'MOTOR PROTEIN' 
# 
loop_
_struct_asym.id 
_struct_asym.pdbx_blank_PDB_chainid_flag 
_struct_asym.pdbx_modified 
_struct_asym.entity_id 
_struct_asym.details 
A N N 1 ? 
B N N 2 ? 
# 
_struct_ref.id                         1 
_struct_ref.db_name                    UNP 
_struct_ref.db_code                    A0A293T1P9_HELPX 
_struct_ref.pdbx_db_accession          A0A293T1P9 
_struct_ref.pdbx_db_isoform            ? 
_struct_ref.entity_id                  1 
_struct_ref.pdbx_seq_one_letter_code   
;LVLGPLYAIDAPFAVNLVSQNGRRYLKASISLELSNEKLLNEVKVKDTAIKDTIIEILSSKSVEEVVTNKGKNKLKDEIK
SHLNSFLIDGFIKNVFFTDFIIQ
;
_struct_ref.pdbx_align_begin           81 
# 
_struct_ref_seq.align_id                      1 
_struct_ref_seq.ref_id                        1 
_struct_ref_seq.pdbx_PDB_id_code              7SGP 
_struct_ref_seq.pdbx_strand_id                A 
_struct_ref_seq.seq_align_beg                 11 
_struct_ref_seq.pdbx_seq_align_beg_ins_code   ? 
_struct_ref_seq.seq_align_end                 113 
_struct_ref_seq.pdbx_seq_align_end_ins_code   ? 
_struct_ref_seq.pdbx_db_accession             A0A293T1P9 
_struct_ref_seq.db_align_beg                  81 
_struct_ref_seq.pdbx_db_align_beg_ins_code    ? 
_struct_ref_seq.db_align_end                  183 
_struct_ref_seq.pdbx_db_align_end_ins_code    ? 
_struct_ref_seq.pdbx_auth_seq_align_beg       81 
_struct_ref_seq.pdbx_auth_seq_align_end       183 
# 
loop_
_struct_ref_seq_dif.align_id 
_struct_ref_seq_dif.pdbx_pdb_id_code 
_struct_ref_seq_dif.mon_id 
_struct_ref_seq_dif.pdbx_pdb_strand_id 
_struct_ref_seq_dif.seq_num 
_struct_ref_seq_dif.pdbx_pdb_ins_code 
_struct_ref_seq_dif.pdbx_seq_db_name 
_struct_ref_seq_dif.pdbx_seq_db_accession_code 
_struct_ref_seq_dif.db_mon_id 
_struct_ref_seq_dif.pdbx_seq_db_seq_num 
_struct_ref_seq_dif.details 
_struct_ref_seq_dif.pdbx_auth_seq_num 
_struct_ref_seq_dif.pdbx_ordinal 
1 7SGP SER A 1  ? UNP A0A293T1P9 ? ? 'expression tag' 71 1  
1 7SGP GLN A 2  ? UNP A0A293T1P9 ? ? 'expression tag' 72 2  
1 7SGP ASN A 3  ? UNP A0A293T1P9 ? ? 'expression tag' 73 3  
1 7SGP GLY A 4  ? UNP A0A293T1P9 ? ? 'expression tag' 74 4  
1 7SGP ARG A 5  ? UNP A0A293T1P9 ? ? 'expression tag' 75 5  
1 7SGP ILE A 6  ? UNP A0A293T1P9 ? ? 'expression tag' 76 6  
1 7SGP ASP A 7  ? UNP A0A293T1P9 ? ? 'expression tag' 77 7  
1 7SGP PRO A 8  ? UNP A0A293T1P9 ? ? 'expression tag' 78 8  
1 7SGP PHE A 9  ? UNP A0A293T1P9 ? ? 'expression tag' 79 9  
1 7SGP THR A 10 ? UNP A0A293T1P9 ? ? 'expression tag' 80 10 
# 
_pdbx_struct_assembly.id                   1 
_pdbx_struct_assembly.details              author_and_software_defined_assembly 
_pdbx_struct_assembly.method_details       PISA 
_pdbx_struct_assembly.oligomeric_details   monomeric 
_pdbx_struct_assembly.oligomeric_count     1 
# 
_pdbx_struct_assembly_gen.assembly_id       1 
_pdbx_struct_assembly_gen.oper_expression   1 
_pdbx_struct_assembly_gen.asym_id_list      A,B 
# 
_pdbx_struct_assembly_auth_evidence.id                     1 
_pdbx_struct_assembly_auth_evidence.assembly_id            1 
_pdbx_struct_assembly_auth_evidence.experimental_support   'gel filtration' 
_pdbx_struct_assembly_auth_evidence.details                ? 
# 
_pdbx_struct_oper_list.id                   1 
_pdbx_struct_oper_list.type                 'identity operation' 
_pdbx_struct_oper_list.name                 1_555 
_pdbx_struct_oper_list.symmetry_operation   x,y,z 
_pdbx_struct_oper_list.matrix[1][1]         1.0000000000 
_pdbx_struct_oper_list.matrix[1][2]         0.0000000000 
_pdbx_struct_oper_list.matrix[1][3]         0.0000000000 
_pdbx_struct_oper_list.vector[1]            0.0000000000 
_pdbx_struct_oper_list.matrix[2][1]         0.0000000000 
_pdbx_struct_oper_list.matrix[2][2]         1.0000000000 
_pdbx_struct_oper_list.matrix[2][3]         0.0000000000 
_pdbx_struct_oper_list.vector[2]            0.0000000000 
_pdbx_struct_oper_list.matrix[3][1]         0.0000000000 
_pdbx_struct_oper_list.matrix[3][2]         0.0000000000 
_pdbx_struct_oper_list.matrix[3][3]         1.0000000000 
_pdbx_struct_oper_list.vector[3]            0.0000000000 
# 
loop_
_struct_conf.conf_type_id 
_struct_conf.id 
_struct_conf.pdbx_PDB_helix_id 
_struct_conf.beg_label_comp_id 
_struct_conf.beg_label_asym_id 
_struct_conf.beg_label_seq_id 
_struct_conf.pdbx_beg_PDB_ins_code 
_struct_conf.end_label_comp_id 
_struct_conf.end_label_asym_id 
_struct_conf.end_label_seq_id 
_struct_conf.pdbx_end_PDB_ins_code 
_struct_conf.beg_auth_comp_id 
_struct_conf.beg_auth_asym_id 
_struct_conf.beg_auth_seq_id 
_struct_conf.end_auth_comp_id 
_struct_conf.end_auth_asym_id 
_struct_conf.end_auth_seq_id 
_struct_conf.pdbx_PDB_helix_class 
_struct_conf.details 
_struct_conf.pdbx_PDB_helix_length 
HELX_P HELX_P1 AA1 LYS A 48 ? LYS A 56 ? LYS A 118 LYS A 126 1 ? 9  
HELX_P HELX_P2 AA2 LYS A 56 ? SER A 69 ? LYS A 126 SER A 139 1 ? 14 
HELX_P HELX_P3 AA3 SER A 70 ? LYS A 71 ? SER A 140 LYS A 141 5 ? 2  
HELX_P HELX_P4 AA4 SER A 72 ? VAL A 76 ? SER A 142 VAL A 146 5 ? 5  
HELX_P HELX_P5 AA5 THR A 78 ? SER A 95 ? THR A 148 SER A 165 1 ? 18 
# 
_struct_conf_type.id          HELX_P 
_struct_conf_type.criteria    ? 
_struct_conf_type.reference   ? 
# 
loop_
_struct_sheet.id 
_struct_sheet.type 
_struct_sheet.number_strands 
_struct_sheet.details 
AA1 ? 3 ? 
AA2 ? 3 ? 
# 
loop_
_struct_sheet_order.sheet_id 
_struct_sheet_order.range_id_1 
_struct_sheet_order.range_id_2 
_struct_sheet_order.offset 
_struct_sheet_order.sense 
AA1 1 2 ? anti-parallel 
AA1 2 3 ? anti-parallel 
AA2 1 2 ? anti-parallel 
AA2 2 3 ? anti-parallel 
# 
loop_
_struct_sheet_range.sheet_id 
_struct_sheet_range.id 
_struct_sheet_range.beg_label_comp_id 
_struct_sheet_range.beg_label_asym_id 
_struct_sheet_range.beg_label_seq_id 
_struct_sheet_range.pdbx_beg_PDB_ins_code 
_struct_sheet_range.end_label_comp_id 
_struct_sheet_range.end_label_asym_id 
_struct_sheet_range.end_label_seq_id 
_struct_sheet_range.pdbx_end_PDB_ins_code 
_struct_sheet_range.beg_auth_comp_id 
_struct_sheet_range.beg_auth_asym_id 
_struct_sheet_range.beg_auth_seq_id 
_struct_sheet_range.end_auth_comp_id 
_struct_sheet_range.end_auth_asym_id 
_struct_sheet_range.end_auth_seq_id 
AA1 1 LEU A 16  ? ALA A 18  ? LEU A 86  ALA A 88  
AA1 2 ARG A 34  ? LEU A 44  ? ARG A 104 LEU A 114 
AA1 3 PHE A 23  ? LEU A 27  ? PHE A 93  LEU A 97  
AA2 1 LEU A 16  ? ALA A 18  ? LEU A 86  ALA A 88  
AA2 2 ARG A 34  ? LEU A 44  ? ARG A 104 LEU A 114 
AA2 3 ILE A 102 ? ILE A 112 ? ILE A 172 ILE A 182 
# 
loop_
_pdbx_struct_sheet_hbond.sheet_id 
_pdbx_struct_sheet_hbond.range_id_1 
_pdbx_struct_sheet_hbond.range_id_2 
_pdbx_struct_sheet_hbond.range_1_label_atom_id 
_pdbx_struct_sheet_hbond.range_1_label_comp_id 
_pdbx_struct_sheet_hbond.range_1_label_asym_id 
_pdbx_struct_sheet_hbond.range_1_label_seq_id 
_pdbx_struct_sheet_hbond.range_1_PDB_ins_code 
_pdbx_struct_sheet_hbond.range_1_auth_atom_id 
_pdbx_struct_sheet_hbond.range_1_auth_comp_id 
_pdbx_struct_sheet_hbond.range_1_auth_asym_id 
_pdbx_struct_sheet_hbond.range_1_auth_seq_id 
_pdbx_struct_sheet_hbond.range_2_label_atom_id 
_pdbx_struct_sheet_hbond.range_2_label_comp_id 
_pdbx_struct_sheet_hbond.range_2_label_asym_id 
_pdbx_struct_sheet_hbond.range_2_label_seq_id 
_pdbx_struct_sheet_hbond.range_2_PDB_ins_code 
_pdbx_struct_sheet_hbond.range_2_auth_atom_id 
_pdbx_struct_sheet_hbond.range_2_auth_comp_id 
_pdbx_struct_sheet_hbond.range_2_auth_asym_id 
_pdbx_struct_sheet_hbond.range_2_auth_seq_id 
AA1 1 2 N TYR A 17 ? N TYR A 87  O LEU A 42  ? O LEU A 112 
AA1 2 3 O ALA A 38 ? O ALA A 108 N PHE A 23  ? N PHE A 93  
AA2 1 2 N TYR A 17 ? N TYR A 87  O LEU A 42  ? O LEU A 112 
AA2 2 3 N GLU A 43 ? N GLU A 113 O ASN A 104 ? O ASN A 174 
# 
loop_
_pdbx_validate_close_contact.id 
_pdbx_validate_close_contact.PDB_model_num 
_pdbx_validate_close_contact.auth_atom_id_1 
_pdbx_validate_close_contact.auth_asym_id_1 
_pdbx_validate_close_contact.auth_comp_id_1 
_pdbx_validate_close_contact.auth_seq_id_1 
_pdbx_validate_close_contact.PDB_ins_code_1 
_pdbx_validate_close_contact.label_alt_id_1 
_pdbx_validate_close_contact.auth_atom_id_2 
_pdbx_validate_close_contact.auth_asym_id_2 
_pdbx_validate_close_contact.auth_comp_id_2 
_pdbx_validate_close_contact.auth_seq_id_2 
_pdbx_validate_close_contact.PDB_ins_code_2 
_pdbx_validate_close_contact.label_alt_id_2 
_pdbx_validate_close_contact.dist 
1 1 O A HOH 202 ? ? O A HOH 237 ? ? 1.86 
2 1 N A VAL 82  ? ? O A HOH 201 ? ? 2.02 
# 
_pdbx_validate_rmsd_angle.id                         1 
_pdbx_validate_rmsd_angle.PDB_model_num              1 
_pdbx_validate_rmsd_angle.auth_atom_id_1             CB 
_pdbx_validate_rmsd_angle.auth_asym_id_1             A 
_pdbx_validate_rmsd_angle.auth_comp_id_1             ARG 
_pdbx_validate_rmsd_angle.auth_seq_id_1              104 
_pdbx_validate_rmsd_angle.PDB_ins_code_1             ? 
_pdbx_validate_rmsd_angle.label_alt_id_1             ? 
_pdbx_validate_rmsd_angle.auth_atom_id_2             CA 
_pdbx_validate_rmsd_angle.auth_asym_id_2             A 
_pdbx_validate_rmsd_angle.auth_comp_id_2             ARG 
_pdbx_validate_rmsd_angle.auth_seq_id_2              104 
_pdbx_validate_rmsd_angle.PDB_ins_code_2             ? 
_pdbx_validate_rmsd_angle.label_alt_id_2             ? 
_pdbx_validate_rmsd_angle.auth_atom_id_3             C 
_pdbx_validate_rmsd_angle.auth_asym_id_3             A 
_pdbx_validate_rmsd_angle.auth_comp_id_3             ARG 
_pdbx_validate_rmsd_angle.auth_seq_id_3              104 
_pdbx_validate_rmsd_angle.PDB_ins_code_3             ? 
_pdbx_validate_rmsd_angle.label_alt_id_3             ? 
_pdbx_validate_rmsd_angle.angle_value                122.61 
_pdbx_validate_rmsd_angle.angle_target_value         110.40 
_pdbx_validate_rmsd_angle.angle_deviation            12.21 
_pdbx_validate_rmsd_angle.angle_standard_deviation   2.00 
_pdbx_validate_rmsd_angle.linker_flag                N 
# 
_pdbx_validate_torsion.id              1 
_pdbx_validate_torsion.PDB_model_num   1 
_pdbx_validate_torsion.auth_comp_id    ASN 
_pdbx_validate_torsion.auth_asym_id    A 
_pdbx_validate_torsion.auth_seq_id     101 
_pdbx_validate_torsion.PDB_ins_code    ? 
_pdbx_validate_torsion.label_alt_id    ? 
_pdbx_validate_torsion.phi             -86.40 
_pdbx_validate_torsion.psi             -104.89 
# 
loop_
_pdbx_unobs_or_zero_occ_residues.id 
_pdbx_unobs_or_zero_occ_residues.PDB_model_num 
_pdbx_unobs_or_zero_occ_residues.polymer_flag 
_pdbx_unobs_or_zero_occ_residues.occupancy_flag 
_pdbx_unobs_or_zero_occ_residues.auth_asym_id 
_pdbx_unobs_or_zero_occ_residues.auth_comp_id 
_pdbx_unobs_or_zero_occ_residues.auth_seq_id 
_pdbx_unobs_or_zero_occ_residues.PDB_ins_code 
_pdbx_unobs_or_zero_occ_residues.label_asym_id 
_pdbx_unobs_or_zero_occ_residues.label_comp_id 
_pdbx_unobs_or_zero_occ_residues.label_seq_id 
1  1 Y 1 A SER 71 ? A SER 1  
2  1 Y 1 A GLN 72 ? A GLN 2  
3  1 Y 1 A ASN 73 ? A ASN 3  
4  1 Y 1 A GLY 74 ? A GLY 4  
5  1 Y 1 A ARG 75 ? A ARG 5  
6  1 Y 1 A ILE 76 ? A ILE 6  
7  1 Y 1 A ASP 77 ? A ASP 7  
8  1 Y 1 A PRO 78 ? A PRO 8  
9  1 Y 1 A PHE 79 ? A PHE 9  
10 1 Y 1 A THR 80 ? A THR 10 
11 1 Y 1 A LEU 81 ? A LEU 11 
# 
loop_
_chem_comp_atom.comp_id 
_chem_comp_atom.atom_id 
_chem_comp_atom.type_symbol 
_chem_comp_atom.pdbx_aromatic_flag 
_chem_comp_atom.pdbx_stereo_config 
_chem_comp_atom.pdbx_ordinal 
ALA N    N N N 1   
ALA CA   C N S 2   
ALA C    C N N 3   
ALA O    O N N 4   
ALA CB   C N N 5   
ALA OXT  O N N 6   
ALA H    H N N 7   
ALA H2   H N N 8   
ALA HA   H N N 9   
ALA HB1  H N N 10  
ALA HB2  H N N 11  
ALA HB3  H N N 12  
ALA HXT  H N N 13  
ARG N    N N N 14  
ARG CA   C N S 15  
ARG C    C N N 16  
ARG O    O N N 17  
ARG CB   C N N 18  
ARG CG   C N N 19  
ARG CD   C N N 20  
ARG NE   N N N 21  
ARG CZ   C N N 22  
ARG NH1  N N N 23  
ARG NH2  N N N 24  
ARG OXT  O N N 25  
ARG H    H N N 26  
ARG H2   H N N 27  
ARG HA   H N N 28  
ARG HB2  H N N 29  
ARG HB3  H N N 30  
ARG HG2  H N N 31  
ARG HG3  H N N 32  
ARG HD2  H N N 33  
ARG HD3  H N N 34  
ARG HE   H N N 35  
ARG HH11 H N N 36  
ARG HH12 H N N 37  
ARG HH21 H N N 38  
ARG HH22 H N N 39  
ARG HXT  H N N 40  
ASN N    N N N 41  
ASN CA   C N S 42  
ASN C    C N N 43  
ASN O    O N N 44  
ASN CB   C N N 45  
ASN CG   C N N 46  
ASN OD1  O N N 47  
ASN ND2  N N N 48  
ASN OXT  O N N 49  
ASN H    H N N 50  
ASN H2   H N N 51  
ASN HA   H N N 52  
ASN HB2  H N N 53  
ASN HB3  H N N 54  
ASN HD21 H N N 55  
ASN HD22 H N N 56  
ASN HXT  H N N 57  
ASP N    N N N 58  
ASP CA   C N S 59  
ASP C    C N N 60  
ASP O    O N N 61  
ASP CB   C N N 62  
ASP CG   C N N 63  
ASP OD1  O N N 64  
ASP OD2  O N N 65  
ASP OXT  O N N 66  
ASP H    H N N 67  
ASP H2   H N N 68  
ASP HA   H N N 69  
ASP HB2  H N N 70  
ASP HB3  H N N 71  
ASP HD2  H N N 72  
ASP HXT  H N N 73  
GLN N    N N N 74  
GLN CA   C N S 75  
GLN C    C N N 76  
GLN O    O N N 77  
GLN CB   C N N 78  
GLN CG   C N N 79  
GLN CD   C N N 80  
GLN OE1  O N N 81  
GLN NE2  N N N 82  
GLN OXT  O N N 83  
GLN H    H N N 84  
GLN H2   H N N 85  
GLN HA   H N N 86  
GLN HB2  H N N 87  
GLN HB3  H N N 88  
GLN HG2  H N N 89  
GLN HG3  H N N 90  
GLN HE21 H N N 91  
GLN HE22 H N N 92  
GLN HXT  H N N 93  
GLU N    N N N 94  
GLU CA   C N S 95  
GLU C    C N N 96  
GLU O    O N N 97  
GLU CB   C N N 98  
GLU CG   C N N 99  
GLU CD   C N N 100 
GLU OE1  O N N 101 
GLU OE2  O N N 102 
GLU OXT  O N N 103 
GLU H    H N N 104 
GLU H2   H N N 105 
GLU HA   H N N 106 
GLU HB2  H N N 107 
GLU HB3  H N N 108 
GLU HG2  H N N 109 
GLU HG3  H N N 110 
GLU HE2  H N N 111 
GLU HXT  H N N 112 
GLY N    N N N 113 
GLY CA   C N N 114 
GLY C    C N N 115 
GLY O    O N N 116 
GLY OXT  O N N 117 
GLY H    H N N 118 
GLY H2   H N N 119 
GLY HA2  H N N 120 
GLY HA3  H N N 121 
GLY HXT  H N N 122 
HIS N    N N N 123 
HIS CA   C N S 124 
HIS C    C N N 125 
HIS O    O N N 126 
HIS CB   C N N 127 
HIS CG   C Y N 128 
HIS ND1  N Y N 129 
HIS CD2  C Y N 130 
HIS CE1  C Y N 131 
HIS NE2  N Y N 132 
HIS OXT  O N N 133 
HIS H    H N N 134 
HIS H2   H N N 135 
HIS HA   H N N 136 
HIS HB2  H N N 137 
HIS HB3  H N N 138 
HIS HD1  H N N 139 
HIS HD2  H N N 140 
HIS HE1  H N N 141 
HIS HE2  H N N 142 
HIS HXT  H N N 143 
HOH O    O N N 144 
HOH H1   H N N 145 
HOH H2   H N N 146 
ILE N    N N N 147 
ILE CA   C N S 148 
ILE C    C N N 149 
ILE O    O N N 150 
ILE CB   C N S 151 
ILE CG1  C N N 152 
ILE CG2  C N N 153 
ILE CD1  C N N 154 
ILE OXT  O N N 155 
ILE H    H N N 156 
ILE H2   H N N 157 
ILE HA   H N N 158 
ILE HB   H N N 159 
ILE HG12 H N N 160 
ILE HG13 H N N 161 
ILE HG21 H N N 162 
ILE HG22 H N N 163 
ILE HG23 H N N 164 
ILE HD11 H N N 165 
ILE HD12 H N N 166 
ILE HD13 H N N 167 
ILE HXT  H N N 168 
LEU N    N N N 169 
LEU CA   C N S 170 
LEU C    C N N 171 
LEU O    O N N 172 
LEU CB   C N N 173 
LEU CG   C N N 174 
LEU CD1  C N N 175 
LEU CD2  C N N 176 
LEU OXT  O N N 177 
LEU H    H N N 178 
LEU H2   H N N 179 
LEU HA   H N N 180 
LEU HB2  H N N 181 
LEU HB3  H N N 182 
LEU HG   H N N 183 
LEU HD11 H N N 184 
LEU HD12 H N N 185 
LEU HD13 H N N 186 
LEU HD21 H N N 187 
LEU HD22 H N N 188 
LEU HD23 H N N 189 
LEU HXT  H N N 190 
LYS N    N N N 191 
LYS CA   C N S 192 
LYS C    C N N 193 
LYS O    O N N 194 
LYS CB   C N N 195 
LYS CG   C N N 196 
LYS CD   C N N 197 
LYS CE   C N N 198 
LYS NZ   N N N 199 
LYS OXT  O N N 200 
LYS H    H N N 201 
LYS H2   H N N 202 
LYS HA   H N N 203 
LYS HB2  H N N 204 
LYS HB3  H N N 205 
LYS HG2  H N N 206 
LYS HG3  H N N 207 
LYS HD2  H N N 208 
LYS HD3  H N N 209 
LYS HE2  H N N 210 
LYS HE3  H N N 211 
LYS HZ1  H N N 212 
LYS HZ2  H N N 213 
LYS HZ3  H N N 214 
LYS HXT  H N N 215 
PHE N    N N N 216 
PHE CA   C N S 217 
PHE C    C N N 218 
PHE O    O N N 219 
PHE CB   C N N 220 
PHE CG   C Y N 221 
PHE CD1  C Y N 222 
PHE CD2  C Y N 223 
PHE CE1  C Y N 224 
PHE CE2  C Y N 225 
PHE CZ   C Y N 226 
PHE OXT  O N N 227 
PHE H    H N N 228 
PHE H2   H N N 229 
PHE HA   H N N 230 
PHE HB2  H N N 231 
PHE HB3  H N N 232 
PHE HD1  H N N 233 
PHE HD2  H N N 234 
PHE HE1  H N N 235 
PHE HE2  H N N 236 
PHE HZ   H N N 237 
PHE HXT  H N N 238 
PRO N    N N N 239 
PRO CA   C N S 240 
PRO C    C N N 241 
PRO O    O N N 242 
PRO CB   C N N 243 
PRO CG   C N N 244 
PRO CD   C N N 245 
PRO OXT  O N N 246 
PRO H    H N N 247 
PRO HA   H N N 248 
PRO HB2  H N N 249 
PRO HB3  H N N 250 
PRO HG2  H N N 251 
PRO HG3  H N N 252 
PRO HD2  H N N 253 
PRO HD3  H N N 254 
PRO HXT  H N N 255 
SER N    N N N 256 
SER CA   C N S 257 
SER C    C N N 258 
SER O    O N N 259 
SER CB   C N N 260 
SER OG   O N N 261 
SER OXT  O N N 262 
SER H    H N N 263 
SER H2   H N N 264 
SER HA   H N N 265 
SER HB2  H N N 266 
SER HB3  H N N 267 
SER HG   H N N 268 
SER HXT  H N N 269 
THR N    N N N 270 
THR CA   C N S 271 
THR C    C N N 272 
THR O    O N N 273 
THR CB   C N R 274 
THR OG1  O N N 275 
THR CG2  C N N 276 
THR OXT  O N N 277 
THR H    H N N 278 
THR H2   H N N 279 
THR HA   H N N 280 
THR HB   H N N 281 
THR HG1  H N N 282 
THR HG21 H N N 283 
THR HG22 H N N 284 
THR HG23 H N N 285 
THR HXT  H N N 286 
TYR N    N N N 287 
TYR CA   C N S 288 
TYR C    C N N 289 
TYR O    O N N 290 
TYR CB   C N N 291 
TYR CG   C Y N 292 
TYR CD1  C Y N 293 
TYR CD2  C Y N 294 
TYR CE1  C Y N 295 
TYR CE2  C Y N 296 
TYR CZ   C Y N 297 
TYR OH   O N N 298 
TYR OXT  O N N 299 
TYR H    H N N 300 
TYR H2   H N N 301 
TYR HA   H N N 302 
TYR HB2  H N N 303 
TYR HB3  H N N 304 
TYR HD1  H N N 305 
TYR HD2  H N N 306 
TYR HE1  H N N 307 
TYR HE2  H N N 308 
TYR HH   H N N 309 
TYR HXT  H N N 310 
VAL N    N N N 311 
VAL CA   C N S 312 
VAL C    C N N 313 
VAL O    O N N 314 
VAL CB   C N N 315 
VAL CG1  C N N 316 
VAL CG2  C N N 317 
VAL OXT  O N N 318 
VAL H    H N N 319 
VAL H2   H N N 320 
VAL HA   H N N 321 
VAL HB   H N N 322 
VAL HG11 H N N 323 
VAL HG12 H N N 324 
VAL HG13 H N N 325 
VAL HG21 H N N 326 
VAL HG22 H N N 327 
VAL HG23 H N N 328 
VAL HXT  H N N 329 
# 
loop_
_chem_comp_bond.comp_id 
_chem_comp_bond.atom_id_1 
_chem_comp_bond.atom_id_2 
_chem_comp_bond.value_order 
_chem_comp_bond.pdbx_aromatic_flag 
_chem_comp_bond.pdbx_stereo_config 
_chem_comp_bond.pdbx_ordinal 
ALA N   CA   sing N N 1   
ALA N   H    sing N N 2   
ALA N   H2   sing N N 3   
ALA CA  C    sing N N 4   
ALA CA  CB   sing N N 5   
ALA CA  HA   sing N N 6   
ALA C   O    doub N N 7   
ALA C   OXT  sing N N 8   
ALA CB  HB1  sing N N 9   
ALA CB  HB2  sing N N 10  
ALA CB  HB3  sing N N 11  
ALA OXT HXT  sing N N 12  
ARG N   CA   sing N N 13  
ARG N   H    sing N N 14  
ARG N   H2   sing N N 15  
ARG CA  C    sing N N 16  
ARG CA  CB   sing N N 17  
ARG CA  HA   sing N N 18  
ARG C   O    doub N N 19  
ARG C   OXT  sing N N 20  
ARG CB  CG   sing N N 21  
ARG CB  HB2  sing N N 22  
ARG CB  HB3  sing N N 23  
ARG CG  CD   sing N N 24  
ARG CG  HG2  sing N N 25  
ARG CG  HG3  sing N N 26  
ARG CD  NE   sing N N 27  
ARG CD  HD2  sing N N 28  
ARG CD  HD3  sing N N 29  
ARG NE  CZ   sing N N 30  
ARG NE  HE   sing N N 31  
ARG CZ  NH1  sing N N 32  
ARG CZ  NH2  doub N N 33  
ARG NH1 HH11 sing N N 34  
ARG NH1 HH12 sing N N 35  
ARG NH2 HH21 sing N N 36  
ARG NH2 HH22 sing N N 37  
ARG OXT HXT  sing N N 38  
ASN N   CA   sing N N 39  
ASN N   H    sing N N 40  
ASN N   H2   sing N N 41  
ASN CA  C    sing N N 42  
ASN CA  CB   sing N N 43  
ASN CA  HA   sing N N 44  
ASN C   O    doub N N 45  
ASN C   OXT  sing N N 46  
ASN CB  CG   sing N N 47  
ASN CB  HB2  sing N N 48  
ASN CB  HB3  sing N N 49  
ASN CG  OD1  doub N N 50  
ASN CG  ND2  sing N N 51  
ASN ND2 HD21 sing N N 52  
ASN ND2 HD22 sing N N 53  
ASN OXT HXT  sing N N 54  
ASP N   CA   sing N N 55  
ASP N   H    sing N N 56  
ASP N   H2   sing N N 57  
ASP CA  C    sing N N 58  
ASP CA  CB   sing N N 59  
ASP CA  HA   sing N N 60  
ASP C   O    doub N N 61  
ASP C   OXT  sing N N 62  
ASP CB  CG   sing N N 63  
ASP CB  HB2  sing N N 64  
ASP CB  HB3  sing N N 65  
ASP CG  OD1  doub N N 66  
ASP CG  OD2  sing N N 67  
ASP OD2 HD2  sing N N 68  
ASP OXT HXT  sing N N 69  
GLN N   CA   sing N N 70  
GLN N   H    sing N N 71  
GLN N   H2   sing N N 72  
GLN CA  C    sing N N 73  
GLN CA  CB   sing N N 74  
GLN CA  HA   sing N N 75  
GLN C   O    doub N N 76  
GLN C   OXT  sing N N 77  
GLN CB  CG   sing N N 78  
GLN CB  HB2  sing N N 79  
GLN CB  HB3  sing N N 80  
GLN CG  CD   sing N N 81  
GLN CG  HG2  sing N N 82  
GLN CG  HG3  sing N N 83  
GLN CD  OE1  doub N N 84  
GLN CD  NE2  sing N N 85  
GLN NE2 HE21 sing N N 86  
GLN NE2 HE22 sing N N 87  
GLN OXT HXT  sing N N 88  
GLU N   CA   sing N N 89  
GLU N   H    sing N N 90  
GLU N   H2   sing N N 91  
GLU CA  C    sing N N 92  
GLU CA  CB   sing N N 93  
GLU CA  HA   sing N N 94  
GLU C   O    doub N N 95  
GLU C   OXT  sing N N 96  
GLU CB  CG   sing N N 97  
GLU CB  HB2  sing N N 98  
GLU CB  HB3  sing N N 99  
GLU CG  CD   sing N N 100 
GLU CG  HG2  sing N N 101 
GLU CG  HG3  sing N N 102 
GLU CD  OE1  doub N N 103 
GLU CD  OE2  sing N N 104 
GLU OE2 HE2  sing N N 105 
GLU OXT HXT  sing N N 106 
GLY N   CA   sing N N 107 
GLY N   H    sing N N 108 
GLY N   H2   sing N N 109 
GLY CA  C    sing N N 110 
GLY CA  HA2  sing N N 111 
GLY CA  HA3  sing N N 112 
GLY C   O    doub N N 113 
GLY C   OXT  sing N N 114 
GLY OXT HXT  sing N N 115 
HIS N   CA   sing N N 116 
HIS N   H    sing N N 117 
HIS N   H2   sing N N 118 
HIS CA  C    sing N N 119 
HIS CA  CB   sing N N 120 
HIS CA  HA   sing N N 121 
HIS C   O    doub N N 122 
HIS C   OXT  sing N N 123 
HIS CB  CG   sing N N 124 
HIS CB  HB2  sing N N 125 
HIS CB  HB3  sing N N 126 
HIS CG  ND1  sing Y N 127 
HIS CG  CD2  doub Y N 128 
HIS ND1 CE1  doub Y N 129 
HIS ND1 HD1  sing N N 130 
HIS CD2 NE2  sing Y N 131 
HIS CD2 HD2  sing N N 132 
HIS CE1 NE2  sing Y N 133 
HIS CE1 HE1  sing N N 134 
HIS NE2 HE2  sing N N 135 
HIS OXT HXT  sing N N 136 
HOH O   H1   sing N N 137 
HOH O   H2   sing N N 138 
ILE N   CA   sing N N 139 
ILE N   H    sing N N 140 
ILE N   H2   sing N N 141 
ILE CA  C    sing N N 142 
ILE CA  CB   sing N N 143 
ILE CA  HA   sing N N 144 
ILE C   O    doub N N 145 
ILE C   OXT  sing N N 146 
ILE CB  CG1  sing N N 147 
ILE CB  CG2  sing N N 148 
ILE CB  HB   sing N N 149 
ILE CG1 CD1  sing N N 150 
ILE CG1 HG12 sing N N 151 
ILE CG1 HG13 sing N N 152 
ILE CG2 HG21 sing N N 153 
ILE CG2 HG22 sing N N 154 
ILE CG2 HG23 sing N N 155 
ILE CD1 HD11 sing N N 156 
ILE CD1 HD12 sing N N 157 
ILE CD1 HD13 sing N N 158 
ILE OXT HXT  sing N N 159 
LEU N   CA   sing N N 160 
LEU N   H    sing N N 161 
LEU N   H2   sing N N 162 
LEU CA  C    sing N N 163 
LEU CA  CB   sing N N 164 
LEU CA  HA   sing N N 165 
LEU C   O    doub N N 166 
LEU C   OXT  sing N N 167 
LEU CB  CG   sing N N 168 
LEU CB  HB2  sing N N 169 
LEU CB  HB3  sing N N 170 
LEU CG  CD1  sing N N 171 
LEU CG  CD2  sing N N 172 
LEU CG  HG   sing N N 173 
LEU CD1 HD11 sing N N 174 
LEU CD1 HD12 sing N N 175 
LEU CD1 HD13 sing N N 176 
LEU CD2 HD21 sing N N 177 
LEU CD2 HD22 sing N N 178 
LEU CD2 HD23 sing N N 179 
LEU OXT HXT  sing N N 180 
LYS N   CA   sing N N 181 
LYS N   H    sing N N 182 
LYS N   H2   sing N N 183 
LYS CA  C    sing N N 184 
LYS CA  CB   sing N N 185 
LYS CA  HA   sing N N 186 
LYS C   O    doub N N 187 
LYS C   OXT  sing N N 188 
LYS CB  CG   sing N N 189 
LYS CB  HB2  sing N N 190 
LYS CB  HB3  sing N N 191 
LYS CG  CD   sing N N 192 
LYS CG  HG2  sing N N 193 
LYS CG  HG3  sing N N 194 
LYS CD  CE   sing N N 195 
LYS CD  HD2  sing N N 196 
LYS CD  HD3  sing N N 197 
LYS CE  NZ   sing N N 198 
LYS CE  HE2  sing N N 199 
LYS CE  HE3  sing N N 200 
LYS NZ  HZ1  sing N N 201 
LYS NZ  HZ2  sing N N 202 
LYS NZ  HZ3  sing N N 203 
LYS OXT HXT  sing N N 204 
PHE N   CA   sing N N 205 
PHE N   H    sing N N 206 
PHE N   H2   sing N N 207 
PHE CA  C    sing N N 208 
PHE CA  CB   sing N N 209 
PHE CA  HA   sing N N 210 
PHE C   O    doub N N 211 
PHE C   OXT  sing N N 212 
PHE CB  CG   sing N N 213 
PHE CB  HB2  sing N N 214 
PHE CB  HB3  sing N N 215 
PHE CG  CD1  doub Y N 216 
PHE CG  CD2  sing Y N 217 
PHE CD1 CE1  sing Y N 218 
PHE CD1 HD1  sing N N 219 
PHE CD2 CE2  doub Y N 220 
PHE CD2 HD2  sing N N 221 
PHE CE1 CZ   doub Y N 222 
PHE CE1 HE1  sing N N 223 
PHE CE2 CZ   sing Y N 224 
PHE CE2 HE2  sing N N 225 
PHE CZ  HZ   sing N N 226 
PHE OXT HXT  sing N N 227 
PRO N   CA   sing N N 228 
PRO N   CD   sing N N 229 
PRO N   H    sing N N 230 
PRO CA  C    sing N N 231 
PRO CA  CB   sing N N 232 
PRO CA  HA   sing N N 233 
PRO C   O    doub N N 234 
PRO C   OXT  sing N N 235 
PRO CB  CG   sing N N 236 
PRO CB  HB2  sing N N 237 
PRO CB  HB3  sing N N 238 
PRO CG  CD   sing N N 239 
PRO CG  HG2  sing N N 240 
PRO CG  HG3  sing N N 241 
PRO CD  HD2  sing N N 242 
PRO CD  HD3  sing N N 243 
PRO OXT HXT  sing N N 244 
SER N   CA   sing N N 245 
SER N   H    sing N N 246 
SER N   H2   sing N N 247 
SER CA  C    sing N N 248 
SER CA  CB   sing N N 249 
SER CA  HA   sing N N 250 
SER C   O    doub N N 251 
SER C   OXT  sing N N 252 
SER CB  OG   sing N N 253 
SER CB  HB2  sing N N 254 
SER CB  HB3  sing N N 255 
SER OG  HG   sing N N 256 
SER OXT HXT  sing N N 257 
THR N   CA   sing N N 258 
THR N   H    sing N N 259 
THR N   H2   sing N N 260 
THR CA  C    sing N N 261 
THR CA  CB   sing N N 262 
THR CA  HA   sing N N 263 
THR C   O    doub N N 264 
THR C   OXT  sing N N 265 
THR CB  OG1  sing N N 266 
THR CB  CG2  sing N N 267 
THR CB  HB   sing N N 268 
THR OG1 HG1  sing N N 269 
THR CG2 HG21 sing N N 270 
THR CG2 HG22 sing N N 271 
THR CG2 HG23 sing N N 272 
THR OXT HXT  sing N N 273 
TYR N   CA   sing N N 274 
TYR N   H    sing N N 275 
TYR N   H2   sing N N 276 
TYR CA  C    sing N N 277 
TYR CA  CB   sing N N 278 
TYR CA  HA   sing N N 279 
TYR C   O    doub N N 280 
TYR C   OXT  sing N N 281 
TYR CB  CG   sing N N 282 
TYR CB  HB2  sing N N 283 
TYR CB  HB3  sing N N 284 
TYR CG  CD1  doub Y N 285 
TYR CG  CD2  sing Y N 286 
TYR CD1 CE1  sing Y N 287 
TYR CD1 HD1  sing N N 288 
TYR CD2 CE2  doub Y N 289 
TYR CD2 HD2  sing N N 290 
TYR CE1 CZ   doub Y N 291 
TYR CE1 HE1  sing N N 292 
TYR CE2 CZ   sing Y N 293 
TYR CE2 HE2  sing N N 294 
TYR CZ  OH   sing N N 295 
TYR OH  HH   sing N N 296 
TYR OXT HXT  sing N N 297 
VAL N   CA   sing N N 298 
VAL N   H    sing N N 299 
VAL N   H2   sing N N 300 
VAL CA  C    sing N N 301 
VAL CA  CB   sing N N 302 
VAL CA  HA   sing N N 303 
VAL C   O    doub N N 304 
VAL C   OXT  sing N N 305 
VAL CB  CG1  sing N N 306 
VAL CB  CG2  sing N N 307 
VAL CB  HB   sing N N 308 
VAL CG1 HG11 sing N N 309 
VAL CG1 HG12 sing N N 310 
VAL CG1 HG13 sing N N 311 
VAL CG2 HG21 sing N N 312 
VAL CG2 HG22 sing N N 313 
VAL CG2 HG23 sing N N 314 
VAL OXT HXT  sing N N 315 
# 
_pdbx_audit_support.funding_organization   'Australian Research Council (ARC)' 
_pdbx_audit_support.country                Australia 
_pdbx_audit_support.grant_number           DP210103056 
_pdbx_audit_support.ordinal                1 
# 
_atom_sites.entry_id                    7SGP 
_atom_sites.Cartn_transf_matrix[1][1]   ? 
_atom_sites.Cartn_transf_matrix[1][2]   ? 
_atom_sites.Cartn_transf_matrix[1][3]   ? 
_atom_sites.Cartn_transf_matrix[2][1]   ? 
_atom_sites.Cartn_transf_matrix[2][2]   ? 
_atom_sites.Cartn_transf_matrix[2][3]   ? 
_atom_sites.Cartn_transf_matrix[3][1]   ? 
_atom_sites.Cartn_transf_matrix[3][2]   ? 
_atom_sites.Cartn_transf_matrix[3][3]   ? 
_atom_sites.Cartn_transf_vector[1]      ? 
_atom_sites.Cartn_transf_vector[2]      ? 
_atom_sites.Cartn_transf_vector[3]      ? 
_atom_sites.fract_transf_matrix[1][1]   -0.00854395 
_atom_sites.fract_transf_matrix[1][2]   0.01200779 
_atom_sites.fract_transf_matrix[1][3]   0.01905502 
_atom_sites.fract_transf_matrix[2][1]   0.00835738 
_atom_sites.fract_transf_matrix[2][2]   -0.01021523 
_atom_sites.fract_transf_matrix[2][3]   0.01018458 
_atom_sites.fract_transf_matrix[3][1]   0.01294497 
_atom_sites.fract_transf_matrix[3][2]   0.01005824 
_atom_sites.fract_transf_matrix[3][3]   -0.00053403 
_atom_sites.fract_transf_vector[1]      0.748023 
_atom_sites.fract_transf_vector[2]      0.873166 
_atom_sites.fract_transf_vector[3]      0.120048 
_atom_sites.solution_primary            ? 
_atom_sites.solution_secondary          ? 
_atom_sites.solution_hydrogens          ? 
_atom_sites.special_details             ? 
# 
loop_
_atom_type.symbol 
C 
N 
O 
# 
loop_
_atom_site.group_PDB 
_atom_site.id 
_atom_site.type_symbol 
_atom_site.label_atom_id 
_atom_site.label_alt_id 
_atom_site.label_comp_id 
_atom_site.label_asym_id 
_atom_site.label_entity_id 
_atom_site.label_seq_id 
_atom_site.pdbx_PDB_ins_code 
_atom_site.Cartn_x 
_atom_site.Cartn_y 
_atom_site.Cartn_z 
_atom_site.occupancy 
_atom_site.B_iso_or_equiv 
_atom_site.pdbx_formal_charge 
_atom_site.auth_seq_id 
_atom_site.auth_comp_id 
_atom_site.auth_asym_id 
_atom_site.auth_atom_id 
_atom_site.pdbx_PDB_model_num 
ATOM   1   N N   . VAL A 1 12  ? 3.065   5.510   -20.981 1.00 85.86 ? 82  VAL A N   1 
ATOM   2   C CA  . VAL A 1 12  ? 4.072   4.451   -20.751 1.00 81.35 ? 82  VAL A CA  1 
ATOM   3   C C   . VAL A 1 12  ? 4.041   4.059   -19.254 1.00 78.49 ? 82  VAL A C   1 
ATOM   4   O O   . VAL A 1 12  ? 4.567   4.809   -18.384 1.00 73.32 ? 82  VAL A O   1 
ATOM   5   C CB  . VAL A 1 12  ? 5.459   4.896   -21.270 1.00 89.45 ? 82  VAL A CB  1 
ATOM   6   C CG1 . VAL A 1 12  ? 5.927   6.226   -20.672 1.00 92.52 ? 82  VAL A CG1 1 
ATOM   7   C CG2 . VAL A 1 12  ? 6.507   3.810   -21.080 1.00 86.61 ? 82  VAL A CG2 1 
ATOM   8   N N   . LEU A 1 13  ? 3.379   2.936   -18.957 1.00 65.88 ? 83  LEU A N   1 
ATOM   9   C CA  . LEU A 1 13  ? 3.358   2.300   -17.614 1.00 63.39 ? 83  LEU A CA  1 
ATOM   10  C C   . LEU A 1 13  ? 4.793   1.939   -17.198 1.00 59.36 ? 83  LEU A C   1 
ATOM   11  O O   . LEU A 1 13  ? 5.404   1.138   -17.895 1.00 60.38 ? 83  LEU A O   1 
ATOM   12  C CB  . LEU A 1 13  ? 2.479   1.045   -17.668 1.00 64.21 ? 83  LEU A CB  1 
ATOM   13  C CG  . LEU A 1 13  ? 1.817   0.668   -16.344 1.00 69.97 ? 83  LEU A CG  1 
ATOM   14  C CD1 . LEU A 1 13  ? 0.796   1.722   -15.919 1.00 71.77 ? 83  LEU A CD1 1 
ATOM   15  C CD2 . LEU A 1 13  ? 1.177   -0.710  -16.438 1.00 77.32 ? 83  LEU A CD2 1 
ATOM   16  N N   . GLY A 1 14  ? 5.300   2.509   -16.099 1.00 58.68 ? 84  GLY A N   1 
ATOM   17  C CA  . GLY A 1 14  ? 6.619   2.173   -15.527 1.00 54.07 ? 84  GLY A CA  1 
ATOM   18  C C   . GLY A 1 14  ? 6.717   0.686   -15.212 1.00 47.24 ? 84  GLY A C   1 
ATOM   19  O O   . GLY A 1 14  ? 5.751   -0.068  -15.310 1.00 51.85 ? 84  GLY A O   1 
ATOM   20  N N   . PRO A 1 15  ? 7.892   0.194   -14.802 1.00 47.45 ? 85  PRO A N   1 
ATOM   21  C CA  . PRO A 1 15  ? 7.982   -1.174  -14.295 1.00 47.34 ? 85  PRO A CA  1 
ATOM   22  C C   . PRO A 1 15  ? 6.961   -1.395  -13.157 1.00 46.24 ? 85  PRO A C   1 
ATOM   23  O O   . PRO A 1 15  ? 6.692   -0.477  -12.397 1.00 42.22 ? 85  PRO A O   1 
ATOM   24  C CB  . PRO A 1 15  ? 9.448   -1.259  -13.824 1.00 52.53 ? 85  PRO A CB  1 
ATOM   25  C CG  . PRO A 1 15  ? 10.158  -0.222  -14.645 1.00 52.25 ? 85  PRO A CG  1 
ATOM   26  C CD  . PRO A 1 15  ? 9.170   0.914   -14.801 1.00 50.58 ? 85  PRO A CD  1 
ATOM   27  N N   . LEU A 1 16  ? 6.328   -2.562  -13.145 1.00 40.21 ? 86  LEU A N   1 
ATOM   28  C CA  . LEU A 1 16  ? 5.274   -2.912  -12.174 1.00 45.49 ? 86  LEU A CA  1 
ATOM   29  C C   . LEU A 1 16  ? 5.864   -3.860  -11.161 1.00 46.71 ? 86  LEU A C   1 
ATOM   30  O O   . LEU A 1 16  ? 6.553   -4.812  -11.554 1.00 52.45 ? 86  LEU A O   1 
ATOM   31  C CB  . LEU A 1 16  ? 4.098   -3.562  -12.889 1.00 48.70 ? 86  LEU A CB  1 
ATOM   32  C CG  . LEU A 1 16  ? 3.255   -2.584  -13.687 1.00 57.41 ? 86  LEU A CG  1 
ATOM   33  C CD1 . LEU A 1 16  ? 2.119   -3.314  -14.393 1.00 71.12 ? 86  LEU A CD1 1 
ATOM   34  C CD2 . LEU A 1 16  ? 2.742   -1.467  -12.793 1.00 55.68 ? 86  LEU A CD2 1 
ATOM   35  N N   . TYR A 1 17  ? 5.658   -3.579  -9.888  1.00 43.89 ? 87  TYR A N   1 
ATOM   36  C CA  . TYR A 1 17  ? 6.104   -4.512  -8.836  1.00 37.15 ? 87  TYR A CA  1 
ATOM   37  C C   . TYR A 1 17  ? 4.886   -4.882  -8.018  1.00 41.28 ? 87  TYR A C   1 
ATOM   38  O O   . TYR A 1 17  ? 4.221   -3.963  -7.453  1.00 39.91 ? 87  TYR A O   1 
ATOM   39  C CB  . TYR A 1 17  ? 7.209   -3.889  -7.996  1.00 37.28 ? 87  TYR A CB  1 
ATOM   40  C CG  . TYR A 1 17  ? 7.752   -4.780  -6.912  1.00 40.58 ? 87  TYR A CG  1 
ATOM   41  C CD1 . TYR A 1 17  ? 8.504   -5.911  -7.192  1.00 42.84 ? 87  TYR A CD1 1 
ATOM   42  C CD2 . TYR A 1 17  ? 7.493   -4.498  -5.598  1.00 36.94 ? 87  TYR A CD2 1 
ATOM   43  C CE1 . TYR A 1 17  ? 8.984   -6.726  -6.173  1.00 43.08 ? 87  TYR A CE1 1 
ATOM   44  C CE2 . TYR A 1 17  ? 7.971   -5.285  -4.575  1.00 44.91 ? 87  TYR A CE2 1 
ATOM   45  C CZ  . TYR A 1 17  ? 8.737   -6.393  -4.857  1.00 43.50 ? 87  TYR A CZ  1 
ATOM   46  O OH  . TYR A 1 17  ? 9.173   -7.112  -3.787  1.00 49.73 ? 87  TYR A OH  1 
ATOM   47  N N   . ALA A 1 18  ? 4.649   -6.189  -7.932  1.00 41.06 ? 88  ALA A N   1 
ATOM   48  C CA  . ALA A 1 18  ? 3.619   -6.827  -7.097  1.00 40.33 ? 88  ALA A CA  1 
ATOM   49  C C   . ALA A 1 18  ? 4.254   -7.235  -5.770  1.00 41.85 ? 88  ALA A C   1 
ATOM   50  O O   . ALA A 1 18  ? 5.208   -7.998  -5.808  1.00 41.37 ? 88  ALA A O   1 
ATOM   51  C CB  . ALA A 1 18  ? 3.035   -8.010  -7.823  1.00 41.59 ? 88  ALA A CB  1 
ATOM   52  N N   . ILE A 1 19  ? 3.745   -6.739  -4.635  1.00 35.53 ? 89  ILE A N   1 
ATOM   53  C CA  . ILE A 1 19  ? 4.144   -7.290  -3.317  1.00 44.70 ? 89  ILE A CA  1 
ATOM   54  C C   . ILE A 1 19  ? 3.611   -8.727  -3.259  1.00 47.98 ? 89  ILE A C   1 
ATOM   55  O O   . ILE A 1 19  ? 2.456   -8.943  -3.643  1.00 47.58 ? 89  ILE A O   1 
ATOM   56  C CB  . ILE A 1 19  ? 3.671   -6.383  -2.176  1.00 41.51 ? 89  ILE A CB  1 
ATOM   57  C CG1 . ILE A 1 19  ? 4.359   -5.010  -2.259  1.00 44.12 ? 89  ILE A CG1 1 
ATOM   58  C CG2 . ILE A 1 19  ? 3.922   -7.066  -0.842  1.00 43.92 ? 89  ILE A CG2 1 
ATOM   59  C CD1 . ILE A 1 19  ? 3.704   -3.959  -1.448  1.00 44.21 ? 89  ILE A CD1 1 
ATOM   60  N N   . ASP A 1 20  ? 4.435   -9.686  -2.831  1.00 55.98 ? 90  ASP A N   1 
ATOM   61  C CA  . ASP A 1 20  ? 4.124   -11.136 -3.026  1.00 67.55 ? 90  ASP A CA  1 
ATOM   62  C C   . ASP A 1 20  ? 2.831   -11.477 -2.279  1.00 64.68 ? 90  ASP A C   1 
ATOM   63  O O   . ASP A 1 20  ? 1.862   -11.925 -2.916  1.00 82.52 ? 90  ASP A O   1 
ATOM   64  C CB  . ASP A 1 20  ? 5.273   -12.057 -2.593  1.00 72.59 ? 90  ASP A CB  1 
ATOM   65  C CG  . ASP A 1 20  ? 6.126   -11.543 -1.445  1.00 73.64 ? 90  ASP A CG  1 
ATOM   66  O OD1 . ASP A 1 20  ? 7.296   -11.253 -1.700  1.00 85.09 ? 90  ASP A OD1 1 
ATOM   67  O OD2 . ASP A 1 20  ? 5.613   -11.412 -0.315  1.00 66.53 ? 90  ASP A OD2 1 
ATOM   68  N N   . ALA A 1 21  ? 2.807   -11.175 -0.992  1.00 49.92 ? 91  ALA A N   1 
ATOM   69  C CA  . ALA A 1 21  ? 1.775   -11.576 -0.022  1.00 53.61 ? 91  ALA A CA  1 
ATOM   70  C C   . ALA A 1 21  ? 0.693   -10.505 0.088   1.00 48.65 ? 91  ALA A C   1 
ATOM   71  O O   . ALA A 1 21  ? 0.989   -9.310  0.118   1.00 43.77 ? 91  ALA A O   1 
ATOM   72  C CB  . ALA A 1 21  ? 2.436   -11.790 1.321   1.00 57.58 ? 91  ALA A CB  1 
ATOM   73  N N   . PRO A 1 22  ? -0.584  -10.923 0.185   1.00 43.81 ? 92  PRO A N   1 
ATOM   74  C CA  . PRO A 1 22  ? -1.652  -10.025 0.575   1.00 45.36 ? 92  PRO A CA  1 
ATOM   75  C C   . PRO A 1 22  ? -1.433  -9.459  1.983   1.00 42.07 ? 92  PRO A C   1 
ATOM   76  O O   . PRO A 1 22  ? -0.806  -10.042 2.813   1.00 39.15 ? 92  PRO A O   1 
ATOM   77  C CB  . PRO A 1 22  ? -2.935  -10.862 0.512   1.00 49.16 ? 92  PRO A CB  1 
ATOM   78  C CG  . PRO A 1 22  ? -2.473  -12.302 0.466   1.00 49.78 ? 92  PRO A CG  1 
ATOM   79  C CD  . PRO A 1 22  ? -1.058  -12.291 -0.076  1.00 47.38 ? 92  PRO A CD  1 
ATOM   80  N N   . PHE A 1 23  ? -1.968  -8.277  2.211   1.00 39.49 ? 93  PHE A N   1 
ATOM   81  C CA  . PHE A 1 23  ? -2.078  -7.721  3.573   1.00 36.58 ? 93  PHE A CA  1 
ATOM   82  C C   . PHE A 1 23  ? -3.453  -8.072  4.124   1.00 38.68 ? 93  PHE A C   1 
ATOM   83  O O   . PHE A 1 23  ? -4.457  -8.057  3.365   1.00 40.31 ? 93  PHE A O   1 
ATOM   84  C CB  . PHE A 1 23  ? -1.854  -6.222  3.497   1.00 37.60 ? 93  PHE A CB  1 
ATOM   85  C CG  . PHE A 1 23  ? -0.499  -5.860  2.960   1.00 38.34 ? 93  PHE A CG  1 
ATOM   86  C CD1 . PHE A 1 23  ? -0.299  -5.683  1.600   1.00 38.13 ? 93  PHE A CD1 1 
ATOM   87  C CD2 . PHE A 1 23  ? 0.559   -5.660  3.823   1.00 39.35 ? 93  PHE A CD2 1 
ATOM   88  C CE1 . PHE A 1 23  ? 0.935   -5.283  1.113   1.00 37.37 ? 93  PHE A CE1 1 
ATOM   89  C CE2 . PHE A 1 23  ? 1.791   -5.253  3.336   1.00 38.92 ? 93  PHE A CE2 1 
ATOM   90  C CZ  . PHE A 1 23  ? 1.981   -5.095  1.980   1.00 36.97 ? 93  PHE A CZ  1 
ATOM   91  N N   . ALA A 1 24  ? -3.484  -8.527  5.367   1.00 37.63 ? 94  ALA A N   1 
ATOM   92  C CA  . ALA A 1 24  ? -4.730  -8.848  6.094   1.00 40.21 ? 94  ALA A CA  1 
ATOM   93  C C   . ALA A 1 24  ? -4.615  -8.153  7.436   1.00 41.30 ? 94  ALA A C   1 
ATOM   94  O O   . ALA A 1 24  ? -3.677  -8.506  8.173   1.00 39.63 ? 94  ALA A O   1 
ATOM   95  C CB  . ALA A 1 24  ? -4.912  -10.356 6.233   1.00 44.66 ? 94  ALA A CB  1 
ATOM   96  N N   . VAL A 1 25  ? -5.445  -7.142  7.678   1.00 36.17 ? 95  VAL A N   1 
ATOM   97  C CA  . VAL A 1 25  ? -5.386  -6.335  8.926   1.00 39.07 ? 95  VAL A CA  1 
ATOM   98  C C   . VAL A 1 25  ? -6.786  -6.105  9.496   1.00 38.53 ? 95  VAL A C   1 
ATOM   99  O O   . VAL A 1 25  ? -7.790  -6.286  8.766   1.00 39.92 ? 95  VAL A O   1 
ATOM   100 C CB  . VAL A 1 25  ? -4.663  -4.998  8.665   1.00 40.00 ? 95  VAL A CB  1 
ATOM   101 C CG1 . VAL A 1 25  ? -3.267  -5.246  8.111   1.00 43.22 ? 95  VAL A CG1 1 
ATOM   102 C CG2 . VAL A 1 25  ? -5.440  -4.117  7.735   1.00 43.69 ? 95  VAL A CG2 1 
ATOM   103 N N   . ASN A 1 26  ? -6.806  -5.712  10.770  1.00 39.61 ? 96  ASN A N   1 
ATOM   104 C CA  . ASN A 1 26  ? -7.958  -5.091  11.469  1.00 49.78 ? 96  ASN A CA  1 
ATOM   105 C C   . ASN A 1 26  ? -8.151  -3.654  11.007  1.00 48.44 ? 96  ASN A C   1 
ATOM   106 O O   . ASN A 1 26  ? -7.153  -2.920  10.878  1.00 47.64 ? 96  ASN A O   1 
ATOM   107 C CB  . ASN A 1 26  ? -7.746  -5.072  12.985  1.00 50.59 ? 96  ASN A CB  1 
ATOM   108 C CG  . ASN A 1 26  ? -7.708  -6.491  13.489  1.00 55.62 ? 96  ASN A CG  1 
ATOM   109 O OD1 . ASN A 1 26  ? -8.576  -7.274  13.146  1.00 65.93 ? 96  ASN A OD1 1 
ATOM   110 N ND2 . ASN A 1 26  ? -6.655  -6.851  14.179  1.00 50.49 ? 96  ASN A ND2 1 
ATOM   111 N N   . LEU A 1 27  ? -9.407  -3.298  10.805  1.00 44.33 ? 97  LEU A N   1 
ATOM   112 C CA  . LEU A 1 27  ? -9.880  -1.898  10.755  1.00 46.96 ? 97  LEU A CA  1 
ATOM   113 C C   . LEU A 1 27  ? -10.836 -1.644  11.922  1.00 52.61 ? 97  LEU A C   1 
ATOM   114 O O   . LEU A 1 27  ? -11.673 -2.547  12.241  1.00 53.22 ? 97  LEU A O   1 
ATOM   115 C CB  . LEU A 1 27  ? -10.689 -1.675  9.490   1.00 41.30 ? 97  LEU A CB  1 
ATOM   116 C CG  . LEU A 1 27  ? -10.078 -2.093  8.166   1.00 41.78 ? 97  LEU A CG  1 
ATOM   117 C CD1 . LEU A 1 27  ? -11.177 -2.075  7.117   1.00 45.11 ? 97  LEU A CD1 1 
ATOM   118 C CD2 . LEU A 1 27  ? -8.962  -1.134  7.775   1.00 40.31 ? 97  LEU A CD2 1 
ATOM   119 N N   . VAL A 1 28  ? -10.853 -0.400  12.386  1.00 53.33 ? 98  VAL A N   1 
ATOM   120 C CA  . VAL A 1 28  ? -11.838 0.119   13.385  1.00 47.47 ? 98  VAL A CA  1 
ATOM   121 C C   . VAL A 1 28  ? -13.213 0.273   12.731  1.00 45.89 ? 98  VAL A C   1 
ATOM   122 O O   . VAL A 1 28  ? -13.292 0.687   11.529  1.00 46.39 ? 98  VAL A O   1 
ATOM   123 C CB  . VAL A 1 28  ? -11.316 1.427   13.980  1.00 54.89 ? 98  VAL A CB  1 
ATOM   124 C CG1 . VAL A 1 28  ? -12.275 1.969   15.030  1.00 64.78 ? 98  VAL A CG1 1 
ATOM   125 C CG2 . VAL A 1 28  ? -9.910  1.202   14.534  1.00 50.52 ? 98  VAL A CG2 1 
ATOM   126 N N   . SER A 1 29  ? -14.250 -0.153  13.454  1.00 45.20 ? 99  SER A N   1 
ATOM   127 C CA  . SER A 1 29  ? -15.680 -0.032  13.057  1.00 50.39 ? 99  SER A CA  1 
ATOM   128 C C   . SER A 1 29  ? -16.481 0.384   14.289  1.00 47.73 ? 99  SER A C   1 
ATOM   129 O O   . SER A 1 29  ? -15.980 0.194   15.390  1.00 46.79 ? 99  SER A O   1 
ATOM   130 C CB  . SER A 1 29  ? -16.255 -1.296  12.459  1.00 57.16 ? 99  SER A CB  1 
ATOM   131 O OG  . SER A 1 29  ? -17.517 -1.032  11.834  1.00 71.36 ? 99  SER A OG  1 
ATOM   132 N N   . GLN A 1 30  ? -17.695 0.890   14.079  1.00 49.43 ? 100 GLN A N   1 
ATOM   133 C CA  . GLN A 1 30  ? -18.601 1.397   15.139  1.00 53.68 ? 100 GLN A CA  1 
ATOM   134 C C   . GLN A 1 30  ? -18.777 0.317   16.210  1.00 59.65 ? 100 GLN A C   1 
ATOM   135 O O   . GLN A 1 30  ? -18.563 0.610   17.399  1.00 62.16 ? 100 GLN A O   1 
ATOM   136 C CB  . GLN A 1 30  ? -19.932 1.805   14.506  1.00 49.11 ? 100 GLN A CB  1 
ATOM   137 C CG  . GLN A 1 30  ? -20.976 2.225   15.525  1.00 51.59 ? 100 GLN A CG  1 
ATOM   138 C CD  . GLN A 1 30  ? -22.160 2.849   14.841  1.00 48.77 ? 100 GLN A CD  1 
ATOM   139 O OE1 . GLN A 1 30  ? -22.157 3.089   13.627  1.00 55.39 ? 100 GLN A OE1 1 
ATOM   140 N NE2 . GLN A 1 30  ? -23.168 3.134   15.635  1.00 46.49 ? 100 GLN A NE2 1 
ATOM   141 N N   . ASN A 1 31  ? -19.134 -0.895  15.798  1.00 63.68 ? 101 ASN A N   1 
ATOM   142 C CA  . ASN A 1 31  ? -19.374 -2.008  16.745  1.00 70.28 ? 101 ASN A CA  1 
ATOM   143 C C   . ASN A 1 31  ? -18.009 -2.651  16.990  1.00 68.79 ? 101 ASN A C   1 
ATOM   144 O O   . ASN A 1 31  ? -17.176 -2.009  17.662  1.00 80.99 ? 101 ASN A O   1 
ATOM   145 C CB  . ASN A 1 31  ? -20.512 -2.871  16.215  1.00 72.81 ? 101 ASN A CB  1 
ATOM   146 C CG  . ASN A 1 31  ? -21.603 -1.980  15.671  1.00 78.17 ? 101 ASN A CG  1 
ATOM   147 O OD1 . ASN A 1 31  ? -22.198 -1.205  16.418  1.00 77.88 ? 101 ASN A OD1 1 
ATOM   148 N ND2 . ASN A 1 31  ? -21.807 -2.024  14.365  1.00 86.91 ? 101 ASN A ND2 1 
ATOM   149 N N   . GLY A 1 32  ? -17.752 -3.815  16.407  1.00 64.25 ? 102 GLY A N   1 
ATOM   150 C CA  . GLY A 1 32  ? -16.471 -4.524  16.583  1.00 68.38 ? 102 GLY A CA  1 
ATOM   151 C C   . GLY A 1 32  ? -15.442 -4.081  15.564  1.00 59.43 ? 102 GLY A C   1 
ATOM   152 O O   . GLY A 1 32  ? -15.626 -3.054  14.916  1.00 67.26 ? 102 GLY A O   1 
ATOM   153 N N   . ARG A 1 33  ? -14.379 -4.850  15.425  1.00 56.16 ? 103 ARG A N   1 
ATOM   154 C CA  . ARG A 1 33  ? -13.411 -4.639  14.339  1.00 54.55 ? 103 ARG A CA  1 
ATOM   155 C C   . ARG A 1 33  ? -14.032 -5.172  13.055  1.00 49.08 ? 103 ARG A C   1 
ATOM   156 O O   . ARG A 1 33  ? -14.971 -6.019  13.092  1.00 46.80 ? 103 ARG A O   1 
ATOM   157 C CB  . ARG A 1 33  ? -12.084 -5.350  14.588  1.00 62.28 ? 103 ARG A CB  1 
ATOM   158 C CG  . ARG A 1 33  ? -11.430 -5.035  15.916  1.00 63.14 ? 103 ARG A CG  1 
ATOM   159 C CD  . ARG A 1 33  ? -10.498 -6.178  16.280  1.00 74.58 ? 103 ARG A CD  1 
ATOM   160 N NE  . ARG A 1 33  ? -9.828  -5.953  17.552  1.00 89.82 ? 103 ARG A NE  1 
ATOM   161 C CZ  . ARG A 1 33  ? -8.737  -6.586  17.986  1.00 93.98 ? 103 ARG A CZ  1 
ATOM   162 N NH1 . ARG A 1 33  ? -8.147  -7.512  17.248  1.00 93.82 ? 103 ARG A NH1 1 
ATOM   163 N NH2 . ARG A 1 33  ? -8.233  -6.284  19.172  1.00 98.14 ? 103 ARG A NH2 1 
ATOM   164 N N   . ARG A 1 34  ? -13.500 -4.693  11.949  1.00 43.90 ? 104 ARG A N   1 
ATOM   165 C CA  . ARG A 1 34  ? -13.714 -5.298  10.624  1.00 44.38 ? 104 ARG A CA  1 
ATOM   166 C C   . ARG A 1 34  ? -12.327 -5.634  10.079  1.00 43.74 ? 104 ARG A C   1 
ATOM   167 O O   . ARG A 1 34  ? -11.360 -5.457  10.805  1.00 44.60 ? 104 ARG A O   1 
ATOM   168 C CB  . ARG A 1 34  ? -14.698 -4.395  9.875   1.00 47.61 ? 104 ARG A CB  1 
ATOM   169 C CG  . ARG A 1 34  ? -16.024 -4.387  10.618  1.00 59.67 ? 104 ARG A CG  1 
ATOM   170 C CD  . ARG A 1 34  ? -17.243 -3.838  9.943   1.00 65.93 ? 104 ARG A CD  1 
ATOM   171 N NE  . ARG A 1 34  ? -17.811 -4.738  8.955   1.00 72.80 ? 104 ARG A NE  1 
ATOM   172 C CZ  . ARG A 1 34  ? -18.817 -4.404  8.146   1.00 78.46 ? 104 ARG A CZ  1 
ATOM   173 N NH1 . ARG A 1 34  ? -19.395 -3.213  8.254   1.00 68.77 ? 104 ARG A NH1 1 
ATOM   174 N NH2 . ARG A 1 34  ? -19.242 -5.264  7.236   1.00 80.13 ? 104 ARG A NH2 1 
ATOM   175 N N   . TYR A 1 35  ? -12.279 -6.239  8.902   1.00 44.72 ? 105 TYR A N   1 
ATOM   176 C CA  . TYR A 1 35  ? -11.097 -6.946  8.387   1.00 44.02 ? 105 TYR A CA  1 
ATOM   177 C C   . TYR A 1 35  ? -10.903 -6.491  6.962   1.00 41.49 ? 105 TYR A C   1 
ATOM   178 O O   . TYR A 1 35  ? -11.891 -6.371  6.221   1.00 46.55 ? 105 TYR A O   1 
ATOM   179 C CB  . TYR A 1 35  ? -11.290 -8.454  8.541   1.00 45.18 ? 105 TYR A CB  1 
ATOM   180 C CG  . TYR A 1 35  ? -11.476 -8.770  9.997   1.00 40.83 ? 105 TYR A CG  1 
ATOM   181 C CD1 . TYR A 1 35  ? -10.397 -8.903  10.842  1.00 43.62 ? 105 TYR A CD1 1 
ATOM   182 C CD2 . TYR A 1 35  ? -12.747 -8.795  10.531  1.00 40.36 ? 105 TYR A CD2 1 
ATOM   183 C CE1 . TYR A 1 35  ? -10.572 -9.103  12.200  1.00 48.37 ? 105 TYR A CE1 1 
ATOM   184 C CE2 . TYR A 1 35  ? -12.942 -8.976  11.883  1.00 43.25 ? 105 TYR A CE2 1 
ATOM   185 C CZ  . TYR A 1 35  ? -11.858 -9.153  12.717  1.00 45.87 ? 105 TYR A CZ  1 
ATOM   186 O OH  . TYR A 1 35  ? -12.099 -9.333  14.041  1.00 44.30 ? 105 TYR A OH  1 
ATOM   187 N N   . LEU A 1 36  ? -9.657  -6.214  6.628   1.00 41.04 ? 106 LEU A N   1 
ATOM   188 C CA  . LEU A 1 36  ? -9.276  -5.875  5.246   1.00 36.35 ? 106 LEU A CA  1 
ATOM   189 C C   . LEU A 1 36  ? -8.281  -6.901  4.745   1.00 33.39 ? 106 LEU A C   1 
ATOM   190 O O   . LEU A 1 36  ? -7.320  -7.146  5.440   1.00 35.00 ? 106 LEU A O   1 
ATOM   191 C CB  . LEU A 1 36  ? -8.637  -4.494  5.248   1.00 37.13 ? 106 LEU A CB  1 
ATOM   192 C CG  . LEU A 1 36  ? -8.148  -4.017  3.891   1.00 37.48 ? 106 LEU A CG  1 
ATOM   193 C CD1 . LEU A 1 36  ? -9.319  -3.883  2.935   1.00 40.97 ? 106 LEU A CD1 1 
ATOM   194 C CD2 . LEU A 1 36  ? -7.423  -2.685  4.036   1.00 34.36 ? 106 LEU A CD2 1 
ATOM   195 N N   . LYS A 1 37  ? -8.481  -7.321  3.512   1.00 35.12 ? 107 LYS A N   1 
ATOM   196 C CA  . LYS A 1 37  ? -7.514  -8.080  2.700   1.00 38.80 ? 107 LYS A CA  1 
ATOM   197 C C   . LYS A 1 37  ? -7.218  -7.220  1.483   1.00 37.23 ? 107 LYS A C   1 
ATOM   198 O O   . LYS A 1 37  ? -8.161  -6.837  0.761   1.00 38.62 ? 107 LYS A O   1 
ATOM   199 C CB  . LYS A 1 37  ? -8.068  -9.467  2.365   1.00 41.51 ? 107 LYS A CB  1 
ATOM   200 C CG  . LYS A 1 37  ? -7.082  -10.364 1.628   1.00 53.69 ? 107 LYS A CG  1 
ATOM   201 C CD  . LYS A 1 37  ? -7.327  -11.839 1.883   1.00 65.67 ? 107 LYS A CD  1 
ATOM   202 C CE  . LYS A 1 37  ? -6.360  -12.751 1.163   1.00 71.55 ? 107 LYS A CE  1 
ATOM   203 N NZ  . LYS A 1 37  ? -6.842  -13.025 -0.212  1.00 78.34 ? 107 LYS A NZ  1 
ATOM   204 N N   . ALA A 1 38  ? -5.959  -6.812  1.346   1.00 36.10 ? 108 ALA A N   1 
ATOM   205 C CA  . ALA A 1 38  ? -5.514  -5.942  0.245   1.00 40.15 ? 108 ALA A CA  1 
ATOM   206 C C   . ALA A 1 38  ? -4.246  -6.533  -0.386  1.00 38.36 ? 108 ALA A C   1 
ATOM   207 O O   . ALA A 1 38  ? -3.309  -6.946  0.335   1.00 36.07 ? 108 ALA A O   1 
ATOM   208 C CB  . ALA A 1 38  ? -5.362  -4.526  0.758   1.00 37.64 ? 108 ALA A CB  1 
ATOM   209 N N   . SER A 1 39  ? -4.234  -6.587  -1.709  1.00 34.75 ? 109 SER A N   1 
ATOM   210 C CA  . SER A 1 39  ? -3.012  -6.822  -2.503  1.00 36.64 ? 109 SER A CA  1 
ATOM   211 C C   . SER A 1 39  ? -2.624  -5.522  -3.190  1.00 32.82 ? 109 SER A C   1 
ATOM   212 O O   . SER A 1 39  ? -3.470  -4.895  -3.811  1.00 35.64 ? 109 SER A O   1 
ATOM   213 C CB  . SER A 1 39  ? -3.200  -7.937  -3.464  1.00 35.48 ? 109 SER A CB  1 
ATOM   214 O OG  . SER A 1 39  ? -3.667  -9.063  -2.762  1.00 37.64 ? 109 SER A OG  1 
ATOM   215 N N   . ILE A 1 40  ? -1.349  -5.202  -3.113  1.00 30.58 ? 110 ILE A N   1 
ATOM   216 C CA  . ILE A 1 40  ? -0.749  -3.958  -3.667  1.00 31.90 ? 110 ILE A CA  1 
ATOM   217 C C   . ILE A 1 40  ? 0.289   -4.265  -4.750  1.00 34.36 ? 110 ILE A C   1 
ATOM   218 O O   . ILE A 1 40  ? 1.169   -5.109  -4.535  1.00 34.10 ? 110 ILE A O   1 
ATOM   219 C CB  . ILE A 1 40  ? -0.151  -3.182  -2.493  1.00 34.88 ? 110 ILE A CB  1 
ATOM   220 C CG1 . ILE A 1 40  ? -1.286  -2.680  -1.596  1.00 37.00 ? 110 ILE A CG1 1 
ATOM   221 C CG2 . ILE A 1 40  ? 0.757   -2.057  -2.997  1.00 37.77 ? 110 ILE A CG2 1 
ATOM   222 C CD1 . ILE A 1 40  ? -0.822  -2.162  -0.281  1.00 40.01 ? 110 ILE A CD1 1 
ATOM   223 N N   . SER A 1 41  ? 0.217   -3.518  -5.839  1.00 31.32 ? 111 SER A N   1 
ATOM   224 C CA  . SER A 1 41  ? 1.266   -3.384  -6.858  1.00 36.13 ? 111 SER A CA  1 
ATOM   225 C C   . SER A 1 41  ? 1.698   -1.927  -6.899  1.00 35.74 ? 111 SER A C   1 
ATOM   226 O O   . SER A 1 41  ? 0.882   -1.039  -6.615  1.00 35.78 ? 111 SER A O   1 
ATOM   227 C CB  . SER A 1 41  ? 0.823   -3.848  -8.209  1.00 41.28 ? 111 SER A CB  1 
ATOM   228 O OG  . SER A 1 41  ? 0.688   -5.248  -8.201  1.00 36.99 ? 111 SER A OG  1 
ATOM   229 N N   . LEU A 1 42  ? 2.966   -1.718  -7.239  1.00 35.27 ? 112 LEU A N   1 
ATOM   230 C CA  . LEU A 1 42  ? 3.578   -0.370  -7.302  1.00 34.49 ? 112 LEU A CA  1 
ATOM   231 C C   . LEU A 1 42  ? 4.002   -0.093  -8.732  1.00 34.07 ? 112 LEU A C   1 
ATOM   232 O O   . LEU A 1 42  ? 4.610   -0.979  -9.375  1.00 38.39 ? 112 LEU A O   1 
ATOM   233 C CB  . LEU A 1 42  ? 4.793   -0.355  -6.370  1.00 33.24 ? 112 LEU A CB  1 
ATOM   234 C CG  . LEU A 1 42  ? 4.519   -0.739  -4.925  1.00 33.69 ? 112 LEU A CG  1 
ATOM   235 C CD1 . LEU A 1 42  ? 5.832   -0.830  -4.124  1.00 36.60 ? 112 LEU A CD1 1 
ATOM   236 C CD2 . LEU A 1 42  ? 3.580   0.257   -4.296  1.00 32.66 ? 112 LEU A CD2 1 
ATOM   237 N N   . GLU A 1 43  ? 3.746   1.106   -9.217  1.00 34.74 ? 113 GLU A N   1 
ATOM   238 C CA  . GLU A 1 43  ? 4.361   1.506   -10.488 1.00 38.84 ? 113 GLU A CA  1 
ATOM   239 C C   . GLU A 1 43  ? 5.643   2.286   -10.173 1.00 33.11 ? 113 GLU A C   1 
ATOM   240 O O   . GLU A 1 43  ? 5.537   3.248   -9.469  1.00 32.35 ? 113 GLU A O   1 
ATOM   241 C CB  . GLU A 1 43  ? 3.408   2.371   -11.282 1.00 41.51 ? 113 GLU A CB  1 
ATOM   242 C CG  . GLU A 1 43  ? 3.964   2.727   -12.651 1.00 45.85 ? 113 GLU A CG  1 
ATOM   243 C CD  . GLU A 1 43  ? 3.080   3.676   -13.453 1.00 52.37 ? 113 GLU A CD  1 
ATOM   244 O OE1 . GLU A 1 43  ? 2.132   4.258   -12.869 1.00 52.40 ? 113 GLU A OE1 1 
ATOM   245 O OE2 . GLU A 1 43  ? 3.357   3.842   -14.654 1.00 58.76 ? 113 GLU A OE2 1 
ATOM   246 N N   . LEU A 1 44  ? 6.787   1.818   -10.643 1.00 42.12 ? 114 LEU A N   1 
ATOM   247 C CA  . LEU A 1 44  ? 8.131   2.407   -10.363 1.00 39.53 ? 114 LEU A CA  1 
ATOM   248 C C   . LEU A 1 44  ? 8.526   3.413   -11.455 1.00 42.44 ? 114 LEU A C   1 
ATOM   249 O O   . LEU A 1 44  ? 8.108   3.242   -12.613 1.00 40.41 ? 114 LEU A O   1 
ATOM   250 C CB  . LEU A 1 44  ? 9.131   1.268   -10.308 1.00 37.98 ? 114 LEU A CB  1 
ATOM   251 C CG  . LEU A 1 44  ? 8.738   0.046   -9.480  1.00 43.53 ? 114 LEU A CG  1 
ATOM   252 C CD1 . LEU A 1 44  ? 9.867   -0.967  -9.468  1.00 49.68 ? 114 LEU A CD1 1 
ATOM   253 C CD2 . LEU A 1 44  ? 8.366   0.416   -8.051  1.00 48.72 ? 114 LEU A CD2 1 
ATOM   254 N N   . SER A 1 45  ? 9.325   4.416   -11.087 1.00 44.82 ? 115 SER A N   1 
ATOM   255 C CA  . SER A 1 45  ? 9.841   5.468   -12.005 1.00 46.67 ? 115 SER A CA  1 
ATOM   256 C C   . SER A 1 45  ? 10.888  4.891   -12.954 1.00 47.48 ? 115 SER A C   1 
ATOM   257 O O   . SER A 1 45  ? 11.029  5.424   -14.028 1.00 52.29 ? 115 SER A O   1 
ATOM   258 C CB  . SER A 1 45  ? 10.427  6.611   -11.248 1.00 48.35 ? 115 SER A CB  1 
ATOM   259 O OG  . SER A 1 45  ? 11.522  6.164   -10.463 1.00 42.85 ? 115 SER A OG  1 
ATOM   260 N N   . ASN A 1 46  ? 11.623  3.857   -12.563 1.00 49.63 ? 116 ASN A N   1 
ATOM   261 C CA  . ASN A 1 46  ? 12.700  3.323   -13.417 1.00 48.41 ? 116 ASN A CA  1 
ATOM   262 C C   . ASN A 1 46  ? 12.933  1.880   -13.022 1.00 52.87 ? 116 ASN A C   1 
ATOM   263 O O   . ASN A 1 46  ? 12.428  1.476   -11.953 1.00 44.89 ? 116 ASN A O   1 
ATOM   264 C CB  . ASN A 1 46  ? 13.960  4.177   -13.305 1.00 51.62 ? 116 ASN A CB  1 
ATOM   265 C CG  . ASN A 1 46  ? 14.526  4.173   -11.902 1.00 52.44 ? 116 ASN A CG  1 
ATOM   266 O OD1 . ASN A 1 46  ? 14.930  3.128   -11.392 1.00 54.55 ? 116 ASN A OD1 1 
ATOM   267 N ND2 . ASN A 1 46  ? 14.562  5.331   -11.271 1.00 52.87 ? 116 ASN A ND2 1 
ATOM   268 N N   . GLU A 1 47  ? 13.673  1.170   -13.869 1.00 51.34 ? 117 GLU A N   1 
ATOM   269 C CA  . GLU A 1 47  ? 14.066  -0.247  -13.703 1.00 54.04 ? 117 GLU A CA  1 
ATOM   270 C C   . GLU A 1 47  ? 14.941  -0.450  -12.469 1.00 48.32 ? 117 GLU A C   1 
ATOM   271 O O   . GLU A 1 47  ? 14.814  -1.525  -11.871 1.00 46.32 ? 117 GLU A O   1 
ATOM   272 C CB  . GLU A 1 47  ? 14.862  -0.741  -14.912 1.00 60.29 ? 117 GLU A CB  1 
ATOM   273 C CG  . GLU A 1 47  ? 14.006  -0.959  -16.131 1.00 74.50 ? 117 GLU A CG  1 
ATOM   274 C CD  . GLU A 1 47  ? 13.143  -2.204  -16.067 1.00 86.30 ? 117 GLU A CD  1 
ATOM   275 O OE1 . GLU A 1 47  ? 13.054  -2.832  -14.975 1.00 92.21 ? 117 GLU A OE1 1 
ATOM   276 O OE2 . GLU A 1 47  ? 12.559  -2.548  -17.114 1.00 95.23 ? 117 GLU A OE2 1 
ATOM   277 N N   . LYS A 1 48  ? 15.864  0.454   -12.133 1.00 51.93 ? 118 LYS A N   1 
ATOM   278 C CA  . LYS A 1 48  ? 16.838  0.107   -11.052 1.00 59.01 ? 118 LYS A CA  1 
ATOM   279 C C   . LYS A 1 48  ? 16.141  0.209   -9.693  1.00 56.66 ? 118 LYS A C   1 
ATOM   280 O O   . LYS A 1 48  ? 16.587  -0.478  -8.763  1.00 56.80 ? 118 LYS A O   1 
ATOM   281 C CB  . LYS A 1 48  ? 18.146  0.893   -11.114 1.00 69.64 ? 118 LYS A CB  1 
ATOM   282 C CG  . LYS A 1 48  ? 18.065  2.402   -11.010 1.00 82.18 ? 118 LYS A CG  1 
ATOM   283 C CD  . LYS A 1 48  ? 19.474  2.994   -10.941 1.00 89.76 ? 118 LYS A CD  1 
ATOM   284 C CE  . LYS A 1 48  ? 19.531  4.490   -11.168 1.00 88.32 ? 118 LYS A CE  1 
ATOM   285 N NZ  . LYS A 1 48  ? 18.767  5.220   -10.130 1.00 81.85 ? 118 LYS A NZ  1 
ATOM   286 N N   . LEU A 1 49  ? 15.005  0.910   -9.617  1.00 49.01 ? 119 LEU A N   1 
ATOM   287 C CA  . LEU A 1 49  ? 14.201  0.944   -8.376  1.00 47.32 ? 119 LEU A CA  1 
ATOM   288 C C   . LEU A 1 49  ? 13.696  -0.464  -8.050  1.00 44.00 ? 119 LEU A C   1 
ATOM   289 O O   . LEU A 1 49  ? 13.490  -0.757  -6.864  1.00 44.21 ? 119 LEU A O   1 
ATOM   290 C CB  . LEU A 1 49  ? 13.066  1.943   -8.544  1.00 44.98 ? 119 LEU A CB  1 
ATOM   291 C CG  . LEU A 1 49  ? 12.205  2.141   -7.298  1.00 46.00 ? 119 LEU A CG  1 
ATOM   292 C CD1 . LEU A 1 49  ? 13.053  2.512   -6.097  1.00 44.77 ? 119 LEU A CD1 1 
ATOM   293 C CD2 . LEU A 1 49  ? 11.126  3.184   -7.559  1.00 43.49 ? 119 LEU A CD2 1 
ATOM   294 N N   . LEU A 1 50  ? 13.631  -1.361  -9.037  1.00 45.34 ? 120 LEU A N   1 
ATOM   295 C CA  . LEU A 1 50  ? 13.159  -2.753  -8.828  1.00 46.95 ? 120 LEU A CA  1 
ATOM   296 C C   . LEU A 1 50  ? 14.065  -3.507  -7.838  1.00 47.20 ? 120 LEU A C   1 
ATOM   297 O O   . LEU A 1 50  ? 13.530  -4.238  -6.970  1.00 43.58 ? 120 LEU A O   1 
ATOM   298 C CB  . LEU A 1 50  ? 13.085  -3.437  -10.196 1.00 54.62 ? 120 LEU A CB  1 
ATOM   299 C CG  . LEU A 1 50  ? 12.367  -4.777  -10.242 1.00 62.24 ? 120 LEU A CG  1 
ATOM   300 C CD1 . LEU A 1 50  ? 10.918  -4.648  -9.781  1.00 61.14 ? 120 LEU A CD1 1 
ATOM   301 C CD2 . LEU A 1 50  ? 12.426  -5.338  -11.662 1.00 70.31 ? 120 LEU A CD2 1 
ATOM   302 N N   . ASN A 1 51  ? 15.388  -3.362  -7.902  1.00 43.49 ? 121 ASN A N   1 
ATOM   303 C CA  . ASN A 1 51  ? 16.295  -4.056  -6.932  1.00 38.70 ? 121 ASN A CA  1 
ATOM   304 C C   . ASN A 1 51  ? 16.006  -3.513  -5.525  1.00 31.29 ? 121 ASN A C   1 
ATOM   305 O O   . ASN A 1 51  ? 15.835  -4.299  -4.537  1.00 37.64 ? 121 ASN A O   1 
ATOM   306 C CB  . ASN A 1 51  ? 17.766  -3.881  -7.357  1.00 44.01 ? 121 ASN A CB  1 
ATOM   307 C CG  . ASN A 1 51  ? 18.719  -4.344  -6.281  1.00 44.79 ? 121 ASN A CG  1 
ATOM   308 O OD1 . ASN A 1 51  ? 19.343  -3.527  -5.606  1.00 51.36 ? 121 ASN A OD1 1 
ATOM   309 N ND2 . ASN A 1 51  ? 18.784  -5.643  -6.064  1.00 46.65 ? 121 ASN A ND2 1 
ATOM   310 N N   . GLU A 1 52  ? 15.870  -2.204  -5.426  1.00 34.36 ? 122 GLU A N   1 
ATOM   311 C CA  . GLU A 1 52  ? 15.688  -1.510  -4.123  1.00 39.04 ? 122 GLU A CA  1 
ATOM   312 C C   . GLU A 1 52  ? 14.397  -1.981  -3.450  1.00 36.37 ? 122 GLU A C   1 
ATOM   313 O O   . GLU A 1 52  ? 14.436  -2.296  -2.267  1.00 35.52 ? 122 GLU A O   1 
ATOM   314 C CB  . GLU A 1 52  ? 15.672  -0.008  -4.310  1.00 38.46 ? 122 GLU A CB  1 
ATOM   315 C CG  . GLU A 1 52  ? 15.694  0.740   -2.990  1.00 41.45 ? 122 GLU A CG  1 
ATOM   316 C CD  . GLU A 1 52  ? 15.900  2.250   -3.098  1.00 40.35 ? 122 GLU A CD  1 
ATOM   317 O OE1 . GLU A 1 52  ? 15.846  2.764   -4.205  1.00 45.30 ? 122 GLU A OE1 1 
ATOM   318 O OE2 . GLU A 1 52  ? 16.168  2.908   -2.057  1.00 45.13 ? 122 GLU A OE2 1 
ATOM   319 N N   . VAL A 1 53  ? 13.285  -2.103  -4.182  1.00 38.88 ? 123 VAL A N   1 
ATOM   320 C CA  . VAL A 1 53  ? 12.018  -2.494  -3.516  1.00 37.99 ? 123 VAL A CA  1 
ATOM   321 C C   . VAL A 1 53  ? 12.131  -3.955  -3.104  1.00 39.22 ? 123 VAL A C   1 
ATOM   322 O O   . VAL A 1 53  ? 11.621  -4.293  -2.040  1.00 42.05 ? 123 VAL A O   1 
ATOM   323 C CB  . VAL A 1 53  ? 10.737  -2.196  -4.327  1.00 43.34 ? 123 VAL A CB  1 
ATOM   324 C CG1 . VAL A 1 53  ? 10.527  -0.689  -4.438  1.00 40.72 ? 123 VAL A CG1 1 
ATOM   325 C CG2 . VAL A 1 53  ? 10.697  -2.857  -5.693  1.00 39.72 ? 123 VAL A CG2 1 
ATOM   326 N N   . LYS A 1 54  ? 12.783  -4.796  -3.896  1.00 39.70 ? 124 LYS A N   1 
ATOM   327 C CA  . LYS A 1 54  ? 13.001  -6.199  -3.474  1.00 42.02 ? 124 LYS A CA  1 
ATOM   328 C C   . LYS A 1 54  ? 13.888  -6.243  -2.220  1.00 35.53 ? 124 LYS A C   1 
ATOM   329 O O   . LYS A 1 54  ? 13.556  -6.977  -1.260  1.00 36.73 ? 124 LYS A O   1 
ATOM   330 C CB  . LYS A 1 54  ? 13.658  -7.012  -4.594  1.00 45.29 ? 124 LYS A CB  1 
ATOM   331 C CG  . LYS A 1 54  ? 12.828  -7.243  -5.837  1.00 56.43 ? 124 LYS A CG  1 
ATOM   332 C CD  . LYS A 1 54  ? 13.688  -7.752  -6.979  1.00 64.89 ? 124 LYS A CD  1 
ATOM   333 C CE  . LYS A 1 54  ? 12.942  -7.855  -8.286  1.00 74.46 ? 124 LYS A CE  1 
ATOM   334 N NZ  . LYS A 1 54  ? 12.029  -9.019  -8.274  1.00 86.85 ? 124 LYS A NZ  1 
ATOM   335 N N   . VAL A 1 55  ? 14.960  -5.460  -2.172  1.00 40.05 ? 125 VAL A N   1 
ATOM   336 C CA  . VAL A 1 55  ? 15.899  -5.487  -1.002  1.00 40.41 ? 125 VAL A CA  1 
ATOM   337 C C   . VAL A 1 55  ? 15.178  -4.967  0.244   1.00 40.38 ? 125 VAL A C   1 
ATOM   338 O O   . VAL A 1 55  ? 15.338  -5.561  1.349   1.00 37.11 ? 125 VAL A O   1 
ATOM   339 C CB  . VAL A 1 55  ? 17.177  -4.688  -1.323  1.00 41.01 ? 125 VAL A CB  1 
ATOM   340 C CG1 . VAL A 1 55  ? 18.074  -4.550  -0.115  1.00 45.54 ? 125 VAL A CG1 1 
ATOM   341 C CG2 . VAL A 1 55  ? 17.942  -5.367  -2.449  1.00 47.66 ? 125 VAL A CG2 1 
ATOM   342 N N   . LYS A 1 56  ? 14.384  -3.906  0.097   1.00 38.52 ? 126 LYS A N   1 
ATOM   343 C CA  . LYS A 1 56  ? 13.681  -3.283  1.250   1.00 37.21 ? 126 LYS A CA  1 
ATOM   344 C C   . LYS A 1 56  ? 12.283  -3.894  1.457   1.00 39.70 ? 126 LYS A C   1 
ATOM   345 O O   . LYS A 1 56  ? 11.456  -3.241  2.114   1.00 40.64 ? 126 LYS A O   1 
ATOM   346 C CB  . LYS A 1 56  ? 13.645  -1.774  1.019   1.00 34.60 ? 126 LYS A CB  1 
ATOM   347 C CG  . LYS A 1 56  ? 15.037  -1.155  0.965   1.00 38.91 ? 126 LYS A CG  1 
ATOM   348 C CD  . LYS A 1 56  ? 15.089  0.358   0.921   1.00 36.33 ? 126 LYS A CD  1 
ATOM   349 C CE  . LYS A 1 56  ? 16.529  0.846   0.962   1.00 39.26 ? 126 LYS A CE  1 
ATOM   350 N NZ  . LYS A 1 56  ? 16.618  2.314   0.792   1.00 38.29 ? 126 LYS A NZ  1 
ATOM   351 N N   . ASP A 1 57  ? 12.023  -5.101  0.955   1.00 42.38 ? 127 ASP A N   1 
ATOM   352 C CA  . ASP A 1 57  ? 10.683  -5.751  1.042   1.00 41.87 ? 127 ASP A CA  1 
ATOM   353 C C   . ASP A 1 57  ? 10.089  -5.663  2.462   1.00 47.28 ? 127 ASP A C   1 
ATOM   354 O O   . ASP A 1 57  ? 8.860   -5.331  2.618   1.00 38.94 ? 127 ASP A O   1 
ATOM   355 C CB  . ASP A 1 57  ? 10.776  -7.227  0.683   1.00 42.15 ? 127 ASP A CB  1 
ATOM   356 C CG  . ASP A 1 57  ? 9.400   -7.863  0.592   1.00 50.18 ? 127 ASP A CG  1 
ATOM   357 O OD1 . ASP A 1 57  ? 8.551   -7.350  -0.197  1.00 54.02 ? 127 ASP A OD1 1 
ATOM   358 O OD2 . ASP A 1 57  ? 9.169   -8.829  1.352   1.00 50.71 ? 127 ASP A OD2 1 
ATOM   359 N N   . THR A 1 58  ? 10.876  -6.010  3.484   1.00 43.08 ? 128 THR A N   1 
ATOM   360 C CA  . THR A 1 58  ? 10.416  -6.037  4.889   1.00 44.27 ? 128 THR A CA  1 
ATOM   361 C C   . THR A 1 58  ? 9.978   -4.644  5.326   1.00 42.44 ? 128 THR A C   1 
ATOM   362 O O   . THR A 1 58  ? 8.892   -4.537  5.938   1.00 42.27 ? 128 THR A O   1 
ATOM   363 C CB  . THR A 1 58  ? 11.476  -6.626  5.825   1.00 50.89 ? 128 THR A CB  1 
ATOM   364 O OG1 . THR A 1 58  ? 11.633  -7.960  5.357   1.00 56.78 ? 128 THR A OG1 1 
ATOM   365 C CG2 . THR A 1 58  ? 11.056  -6.616  7.279   1.00 51.64 ? 128 THR A CG2 1 
ATOM   366 N N   . ALA A 1 59  ? 10.800  -3.630  5.062   1.00 40.94 ? 129 ALA A N   1 
ATOM   367 C CA  . ALA A 1 59  ? 10.513  -2.237  5.443   1.00 41.42 ? 129 ALA A CA  1 
ATOM   368 C C   . ALA A 1 59  ? 9.273   -1.760  4.666   1.00 38.31 ? 129 ALA A C   1 
ATOM   369 O O   . ALA A 1 59  ? 8.489   -1.001  5.206   1.00 35.20 ? 129 ALA A O   1 
ATOM   370 C CB  . ALA A 1 59  ? 11.712  -1.363  5.169   1.00 38.37 ? 129 ALA A CB  1 
ATOM   371 N N   . ILE A 1 60  ? 9.124   -2.145  3.407   1.00 37.78 ? 130 ILE A N   1 
ATOM   372 C CA  . ILE A 1 60  ? 7.943   -1.721  2.592   1.00 37.09 ? 130 ILE A CA  1 
ATOM   373 C C   . ILE A 1 60  ? 6.664   -2.343  3.182   1.00 35.36 ? 130 ILE A C   1 
ATOM   374 O O   . ILE A 1 60  ? 5.723   -1.608  3.443   1.00 35.43 ? 130 ILE A O   1 
ATOM   375 C CB  . ILE A 1 60  ? 8.174   -2.075  1.122   1.00 34.83 ? 130 ILE A CB  1 
ATOM   376 C CG1 . ILE A 1 60  ? 9.294   -1.194  0.563   1.00 35.57 ? 130 ILE A CG1 1 
ATOM   377 C CG2 . ILE A 1 60  ? 6.882   -1.922  0.332   1.00 38.45 ? 130 ILE A CG2 1 
ATOM   378 C CD1 . ILE A 1 60  ? 9.687   -1.521  -0.845  1.00 37.75 ? 130 ILE A CD1 1 
ATOM   379 N N   . LYS A 1 61  ? 6.676   -3.630  3.496   1.00 34.39 ? 131 LYS A N   1 
ATOM   380 C CA  . LYS A 1 61  ? 5.520   -4.311  4.121   1.00 35.72 ? 131 LYS A CA  1 
ATOM   381 C C   . LYS A 1 61  ? 5.184   -3.698  5.467   1.00 35.95 ? 131 LYS A C   1 
ATOM   382 O O   . LYS A 1 61  ? 4.004   -3.476  5.720   1.00 34.89 ? 131 LYS A O   1 
ATOM   383 C CB  . LYS A 1 61  ? 5.792   -5.803  4.320   1.00 40.66 ? 131 LYS A CB  1 
ATOM   384 C CG  . LYS A 1 61  ? 5.637   -6.603  3.059   1.00 41.57 ? 131 LYS A CG  1 
ATOM   385 C CD  . LYS A 1 61  ? 6.264   -7.959  3.135   1.00 47.29 ? 131 LYS A CD  1 
ATOM   386 C CE  . LYS A 1 61  ? 6.011   -8.695  1.843   1.00 46.00 ? 131 LYS A CE  1 
ATOM   387 N NZ  . LYS A 1 61  ? 6.915   -9.851  1.672   1.00 51.49 ? 131 LYS A NZ  1 
ATOM   388 N N   . ASP A 1 62  ? 6.164   -3.468  6.331   1.00 39.39 ? 132 ASP A N   1 
ATOM   389 C CA  . ASP A 1 62  ? 5.884   -2.955  7.691   1.00 40.85 ? 132 ASP A CA  1 
ATOM   390 C C   . ASP A 1 62  ? 5.273   -1.558  7.591   1.00 39.05 ? 132 ASP A C   1 
ATOM   391 O O   . ASP A 1 62  ? 4.413   -1.239  8.422   1.00 47.67 ? 132 ASP A O   1 
ATOM   392 C CB  . ASP A 1 62  ? 7.154   -2.902  8.533   1.00 46.07 ? 132 ASP A CB  1 
ATOM   393 C CG  . ASP A 1 62  ? 7.764   -4.257  8.871   1.00 53.38 ? 132 ASP A CG  1 
ATOM   394 O OD1 . ASP A 1 62  ? 7.017   -5.286  8.875   1.00 51.85 ? 132 ASP A OD1 1 
ATOM   395 O OD2 . ASP A 1 62  ? 9.005   -4.270  9.129   1.00 64.35 ? 132 ASP A OD2 1 
ATOM   396 N N   . THR A 1 63  ? 5.760   -0.718  6.677   1.00 38.35 ? 133 THR A N   1 
ATOM   397 C CA  . THR A 1 63  ? 5.217   0.648   6.441   1.00 40.99 ? 133 THR A CA  1 
ATOM   398 C C   . THR A 1 63  ? 3.741   0.538   6.052   1.00 36.84 ? 133 THR A C   1 
ATOM   399 O O   . THR A 1 63  ? 2.893   1.221   6.676   1.00 37.09 ? 133 THR A O   1 
ATOM   400 C CB  . THR A 1 63  ? 5.979   1.399   5.341   1.00 44.66 ? 133 THR A CB  1 
ATOM   401 O OG1 . THR A 1 63  ? 7.347   1.465   5.714   1.00 49.12 ? 133 THR A OG1 1 
ATOM   402 C CG2 . THR A 1 63  ? 5.495   2.806   5.097   1.00 48.57 ? 133 THR A CG2 1 
ATOM   403 N N   . ILE A 1 64  ? 3.448   -0.333  5.100   1.00 36.28 ? 134 ILE A N   1 
ATOM   404 C CA  . ILE A 1 64  ? 2.064   -0.494  4.575   1.00 40.15 ? 134 ILE A CA  1 
ATOM   405 C C   . ILE A 1 64  ? 1.155   -1.013  5.696   1.00 39.95 ? 134 ILE A C   1 
ATOM   406 O O   . ILE A 1 64  ? 0.083   -0.466  5.874   1.00 35.66 ? 134 ILE A O   1 
ATOM   407 C CB  . ILE A 1 64  ? 2.053   -1.397  3.332   1.00 37.44 ? 134 ILE A CB  1 
ATOM   408 C CG1 . ILE A 1 64  ? 2.732   -0.676  2.166   1.00 37.11 ? 134 ILE A CG1 1 
ATOM   409 C CG2 . ILE A 1 64  ? 0.622   -1.828  2.982   1.00 38.68 ? 134 ILE A CG2 1 
ATOM   410 C CD1 . ILE A 1 64  ? 3.047   -1.561  1.005   1.00 32.69 ? 134 ILE A CD1 1 
ATOM   411 N N   . ILE A 1 65  ? 1.583   -2.037  6.428   1.00 35.87 ? 135 ILE A N   1 
ATOM   412 C CA  . ILE A 1 65  ? 0.803   -2.629  7.552   1.00 39.45 ? 135 ILE A CA  1 
ATOM   413 C C   . ILE A 1 65  ? 0.442   -1.535  8.573   1.00 42.61 ? 135 ILE A C   1 
ATOM   414 O O   . ILE A 1 65  ? -0.724  -1.490  9.029   1.00 44.11 ? 135 ILE A O   1 
ATOM   415 C CB  . ILE A 1 65  ? 1.574   -3.792  8.207   1.00 45.39 ? 135 ILE A CB  1 
ATOM   416 C CG1 . ILE A 1 65  ? 1.665   -4.979  7.244   1.00 49.91 ? 135 ILE A CG1 1 
ATOM   417 C CG2 . ILE A 1 65  ? 0.924   -4.176  9.539   1.00 47.32 ? 135 ILE A CG2 1 
ATOM   418 C CD1 . ILE A 1 65  ? 2.630   -6.060  7.676   1.00 55.08 ? 135 ILE A CD1 1 
ATOM   419 N N   . GLU A 1 66  ? 1.409   -0.705  8.933   1.00 44.32 ? 136 GLU A N   1 
ATOM   420 C CA  . GLU A 1 66  ? 1.222   0.405   9.892   1.00 49.12 ? 136 GLU A CA  1 
ATOM   421 C C   . GLU A 1 66  ? 0.234   1.434   9.324   1.00 47.56 ? 136 GLU A C   1 
ATOM   422 O O   . GLU A 1 66  ? -0.583  1.932   10.083  1.00 42.98 ? 136 GLU A O   1 
ATOM   423 C CB  . GLU A 1 66  ? 2.565   1.052   10.188  1.00 52.45 ? 136 GLU A CB  1 
ATOM   424 C CG  . GLU A 1 66  ? 2.460   2.332   10.985  1.00 65.63 ? 136 GLU A CG  1 
ATOM   425 C CD  . GLU A 1 66  ? 3.804   2.835   11.492  1.00 81.77 ? 136 GLU A CD  1 
ATOM   426 O OE1 . GLU A 1 66  ? 4.814   2.149   11.246  1.00 87.11 ? 136 GLU A OE1 1 
ATOM   427 O OE2 . GLU A 1 66  ? 3.841   3.906   12.132  1.00 98.34 ? 136 GLU A OE2 1 
ATOM   428 N N   . ILE A 1 67  ? 0.301   1.743   8.038   1.00 37.27 ? 137 ILE A N   1 
ATOM   429 C CA  . ILE A 1 67  ? -0.681  2.677   7.438   1.00 36.35 ? 137 ILE A CA  1 
ATOM   430 C C   . ILE A 1 67  ? -2.062  1.982   7.418   1.00 37.03 ? 137 ILE A C   1 
ATOM   431 O O   . ILE A 1 67  ? -3.003  2.564   7.895   1.00 35.79 ? 137 ILE A O   1 
ATOM   432 C CB  . ILE A 1 67  ? -0.191  3.171   6.069   1.00 33.44 ? 137 ILE A CB  1 
ATOM   433 C CG1 . ILE A 1 67  ? 1.067   4.034   6.231   1.00 34.89 ? 137 ILE A CG1 1 
ATOM   434 C CG2 . ILE A 1 67  ? -1.290  3.931   5.327   1.00 38.98 ? 137 ILE A CG2 1 
ATOM   435 C CD1 . ILE A 1 67  ? 1.730   4.363   4.918   1.00 37.07 ? 137 ILE A CD1 1 
ATOM   436 N N   . LEU A 1 68  ? -2.189  0.771   6.925   1.00 40.34 ? 138 LEU A N   1 
ATOM   437 C CA  . LEU A 1 68  ? -3.532  0.160   6.704   1.00 42.34 ? 138 LEU A CA  1 
ATOM   438 C C   . LEU A 1 68  ? -4.231  -0.037  8.041   1.00 39.11 ? 138 LEU A C   1 
ATOM   439 O O   . LEU A 1 68  ? -5.470  0.184   8.120   1.00 42.05 ? 138 LEU A O   1 
ATOM   440 C CB  . LEU A 1 68  ? -3.399  -1.181  5.991   1.00 43.15 ? 138 LEU A CB  1 
ATOM   441 C CG  . LEU A 1 68  ? -2.924  -1.127  4.547   1.00 44.75 ? 138 LEU A CG  1 
ATOM   442 C CD1 . LEU A 1 68  ? -2.770  -2.528  4.025   1.00 43.34 ? 138 LEU A CD1 1 
ATOM   443 C CD2 . LEU A 1 68  ? -3.864  -0.318  3.666   1.00 46.34 ? 138 LEU A CD2 1 
ATOM   444 N N   A SER A 1 69  ? -3.465  -0.446  9.055   0.50 41.28 ? 139 SER A N   1 
ATOM   445 N N   B SER A 1 69  ? -3.490  -0.476  9.049   0.50 42.35 ? 139 SER A N   1 
ATOM   446 C CA  A SER A 1 69  ? -3.945  -0.830  10.413  0.50 44.13 ? 139 SER A CA  1 
ATOM   447 C CA  B SER A 1 69  ? -4.042  -0.846  10.377  0.50 45.89 ? 139 SER A CA  1 
ATOM   448 C C   A SER A 1 69  ? -4.331  0.408   11.226  0.50 48.04 ? 139 SER A C   1 
ATOM   449 C C   B SER A 1 69  ? -4.560  0.402   11.101  0.50 49.99 ? 139 SER A C   1 
ATOM   450 O O   A SER A 1 69  ? -4.745  0.248   12.369  0.50 49.12 ? 139 SER A O   1 
ATOM   451 O O   B SER A 1 69  ? -5.395  0.231   11.996  0.50 52.56 ? 139 SER A O   1 
ATOM   452 C CB  A SER A 1 69  ? -2.907  -1.638  11.164  0.50 42.45 ? 139 SER A CB  1 
ATOM   453 C CB  B SER A 1 69  ? -3.011  -1.571  11.185  0.50 45.25 ? 139 SER A CB  1 
ATOM   454 O OG  A SER A 1 69  ? -2.420  -2.716  10.387  0.50 40.93 ? 139 SER A OG  1 
ATOM   455 O OG  B SER A 1 69  ? -1.795  -0.850  11.147  0.50 44.63 ? 139 SER A OG  1 
ATOM   456 N N   . SER A 1 70  ? -4.156  1.604   10.673  1.00 49.64 ? 140 SER A N   1 
ATOM   457 C CA  . SER A 1 70  ? -4.545  2.881   11.328  1.00 48.18 ? 140 SER A CA  1 
ATOM   458 C C   . SER A 1 70  ? -5.944  3.331   10.873  1.00 49.39 ? 140 SER A C   1 
ATOM   459 O O   . SER A 1 70  ? -6.385  4.388   11.305  1.00 49.23 ? 140 SER A O   1 
ATOM   460 C CB  . SER A 1 70  ? -3.521  3.947   11.017  1.00 51.40 ? 140 SER A CB  1 
ATOM   461 O OG  . SER A 1 70  ? -3.554  4.270   9.623   1.00 49.71 ? 140 SER A OG  1 
ATOM   462 N N   . LYS A 1 71  ? -6.601  2.621   9.963   1.00 46.31 ? 141 LYS A N   1 
ATOM   463 C CA  . LYS A 1 71  ? -7.804  3.150   9.287   1.00 44.81 ? 141 LYS A CA  1 
ATOM   464 C C   . LYS A 1 71  ? -9.064  2.574   9.912   1.00 42.78 ? 141 LYS A C   1 
ATOM   465 O O   . LYS A 1 71  ? -9.024  1.471   10.430  1.00 40.52 ? 141 LYS A O   1 
ATOM   466 C CB  . LYS A 1 71  ? -7.736  2.888   7.784   1.00 44.14 ? 141 LYS A CB  1 
ATOM   467 C CG  . LYS A 1 71  ? -6.538  3.550   7.108   1.00 47.31 ? 141 LYS A CG  1 
ATOM   468 C CD  . LYS A 1 71  ? -6.553  5.065   7.146   1.00 44.58 ? 141 LYS A CD  1 
ATOM   469 C CE  . LYS A 1 71  ? -5.202  5.647   6.797   1.00 49.93 ? 141 LYS A CE  1 
ATOM   470 N NZ  . LYS A 1 71  ? -5.196  7.123   6.942   1.00 55.82 ? 141 LYS A NZ  1 
ATOM   471 N N   . SER A 1 72  ? -10.152 3.333   9.841   1.00 38.02 ? 142 SER A N   1 
ATOM   472 C CA  . SER A 1 72  ? -11.518 2.861   10.163  1.00 38.48 ? 142 SER A CA  1 
ATOM   473 C C   . SER A 1 72  ? -12.194 2.477   8.860   1.00 37.94 ? 142 SER A C   1 
ATOM   474 O O   . SER A 1 72  ? -11.806 2.981   7.803   1.00 36.87 ? 142 SER A O   1 
ATOM   475 C CB  . SER A 1 72  ? -12.293 3.931   10.873  1.00 40.84 ? 142 SER A CB  1 
ATOM   476 O OG  . SER A 1 72  ? -12.554 4.982   9.956   1.00 42.03 ? 142 SER A OG  1 
ATOM   477 N N   . VAL A 1 73  ? -13.240 1.674   8.942   1.00 34.21 ? 143 VAL A N   1 
ATOM   478 C CA  . VAL A 1 73  ? -13.965 1.258   7.731   1.00 36.00 ? 143 VAL A CA  1 
ATOM   479 C C   . VAL A 1 73  ? -14.417 2.495   6.952   1.00 35.61 ? 143 VAL A C   1 
ATOM   480 O O   . VAL A 1 73  ? -14.355 2.466   5.676   1.00 32.18 ? 143 VAL A O   1 
ATOM   481 C CB  . VAL A 1 73  ? -15.149 0.350   8.099   1.00 39.05 ? 143 VAL A CB  1 
ATOM   482 C CG1 . VAL A 1 73  ? -15.925 -0.006  6.847   1.00 40.43 ? 143 VAL A CG1 1 
ATOM   483 C CG2 . VAL A 1 73  ? -14.659 -0.891  8.814   1.00 43.37 ? 143 VAL A CG2 1 
ATOM   484 N N   . GLU A 1 74  ? -14.942 3.502   7.643   1.00 32.57 ? 144 GLU A N   1 
ATOM   485 C CA  . GLU A 1 74  ? -15.604 4.616   6.924   1.00 36.99 ? 144 GLU A CA  1 
ATOM   486 C C   . GLU A 1 74  ? -14.548 5.418   6.159   1.00 36.96 ? 144 GLU A C   1 
ATOM   487 O O   . GLU A 1 74  ? -14.966 6.149   5.210   1.00 39.10 ? 144 GLU A O   1 
ATOM   488 C CB  . GLU A 1 74  ? -16.458 5.463   7.861   1.00 36.76 ? 144 GLU A CB  1 
ATOM   489 C CG  . GLU A 1 74  ? -15.704 6.110   8.994   1.00 41.61 ? 144 GLU A CG  1 
ATOM   490 C CD  . GLU A 1 74  ? -16.584 6.778   10.053  1.00 42.73 ? 144 GLU A CD  1 
ATOM   491 O OE1 . GLU A 1 74  ? -15.988 7.502   10.860  1.00 40.12 ? 144 GLU A OE1 1 
ATOM   492 O OE2 . GLU A 1 74  ? -17.863 6.590   10.081  1.00 38.42 ? 144 GLU A OE2 1 
ATOM   493 N N   . GLU A 1 75  ? -13.247 5.270   6.484   1.00 34.33 ? 145 GLU A N   1 
ATOM   494 C CA  . GLU A 1 75  ? -12.129 5.928   5.736   1.00 35.25 ? 145 GLU A CA  1 
ATOM   495 C C   . GLU A 1 75  ? -11.764 5.184   4.439   1.00 37.51 ? 145 GLU A C   1 
ATOM   496 O O   . GLU A 1 75  ? -10.911 5.700   3.708   1.00 37.97 ? 145 GLU A O   1 
ATOM   497 C CB  . GLU A 1 75  ? -10.880 6.018   6.609   1.00 38.20 ? 145 GLU A CB  1 
ATOM   498 C CG  . GLU A 1 75  ? -11.039 6.994   7.749   1.00 41.72 ? 145 GLU A CG  1 
ATOM   499 C CD  . GLU A 1 75  ? -9.886  7.010   8.739   1.00 51.63 ? 145 GLU A CD  1 
ATOM   500 O OE1 . GLU A 1 75  ? -9.479  5.935   9.195   1.00 43.37 ? 145 GLU A OE1 1 
ATOM   501 O OE2 . GLU A 1 75  ? -9.413  8.106   9.072   1.00 55.99 ? 145 GLU A OE2 1 
ATOM   502 N N   . VAL A 1 76  ? -12.332 4.001   4.163   1.00 34.55 ? 146 VAL A N   1 
ATOM   503 C CA  . VAL A 1 76  ? -11.856 3.155   3.031   1.00 33.59 ? 146 VAL A CA  1 
ATOM   504 C C   . VAL A 1 76  ? -13.020 2.601   2.211   1.00 36.47 ? 146 VAL A C   1 
ATOM   505 O O   . VAL A 1 76  ? -12.782 1.674   1.432   1.00 43.05 ? 146 VAL A O   1 
ATOM   506 C CB  . VAL A 1 76  ? -10.893 2.063   3.520   1.00 37.07 ? 146 VAL A CB  1 
ATOM   507 C CG1 . VAL A 1 76  ? -9.605  2.681   4.086   1.00 37.15 ? 146 VAL A CG1 1 
ATOM   508 C CG2 . VAL A 1 76  ? -11.531 1.085   4.490   1.00 38.49 ? 146 VAL A CG2 1 
ATOM   509 N N   . VAL A 1 77  ? -14.203 3.217   2.277   1.00 36.34 ? 147 VAL A N   1 
ATOM   510 C CA  . VAL A 1 77  ? -15.380 2.732   1.508   1.00 35.77 ? 147 VAL A CA  1 
ATOM   511 C C   . VAL A 1 77  ? -15.641 3.642   0.314   1.00 38.76 ? 147 VAL A C   1 
ATOM   512 O O   . VAL A 1 77  ? -16.639 3.399   -0.351  1.00 37.97 ? 147 VAL A O   1 
ATOM   513 C CB  . VAL A 1 77  ? -16.616 2.546   2.401   1.00 36.24 ? 147 VAL A CB  1 
ATOM   514 C CG1 . VAL A 1 77  ? -16.378 1.410   3.389   1.00 40.18 ? 147 VAL A CG1 1 
ATOM   515 C CG2 . VAL A 1 77  ? -17.045 3.822   3.146   1.00 33.51 ? 147 VAL A CG2 1 
ATOM   516 N N   . THR A 1 78  ? -14.836 4.676   0.080   1.00 35.14 ? 148 THR A N   1 
ATOM   517 C CA  . THR A 1 78  ? -14.987 5.563   -1.100  1.00 40.23 ? 148 THR A CA  1 
ATOM   518 C C   . THR A 1 78  ? -13.663 5.614   -1.852  1.00 39.03 ? 148 THR A C   1 
ATOM   519 O O   . THR A 1 78  ? -12.615 5.346   -1.250  1.00 38.63 ? 148 THR A O   1 
ATOM   520 C CB  . THR A 1 78  ? -15.423 6.981   -0.706  1.00 39.28 ? 148 THR A CB  1 
ATOM   521 O OG1 . THR A 1 78  ? -14.362 7.534   0.088   1.00 41.59 ? 148 THR A OG1 1 
ATOM   522 C CG2 . THR A 1 78  ? -16.745 7.010   0.039   1.00 41.39 ? 148 THR A CG2 1 
ATOM   523 N N   . ASN A 1 79  ? -13.737 5.997   -3.112  1.00 40.95 ? 149 ASN A N   1 
ATOM   524 C CA  . ASN A 1 79  ? -12.564 6.213   -3.990  1.00 45.40 ? 149 ASN A CA  1 
ATOM   525 C C   . ASN A 1 79  ? -11.701 7.284   -3.372  1.00 41.83 ? 149 ASN A C   1 
ATOM   526 O O   . ASN A 1 79  ? -10.476 7.144   -3.431  1.00 40.23 ? 149 ASN A O   1 
ATOM   527 C CB  . ASN A 1 79  ? -12.956 6.638   -5.406  1.00 47.51 ? 149 ASN A CB  1 
ATOM   528 C CG  . ASN A 1 79  ? -13.416 5.433   -6.176  1.00 53.77 ? 149 ASN A CG  1 
ATOM   529 O OD1 . ASN A 1 79  ? -13.026 4.321   -5.833  1.00 58.07 ? 149 ASN A OD1 1 
ATOM   530 N ND2 . ASN A 1 79  ? -14.233 5.640   -7.193  1.00 62.83 ? 149 ASN A ND2 1 
ATOM   531 N N   . LYS A 1 80  ? -12.340 8.339   -2.891  1.00 39.26 ? 150 LYS A N   1 
ATOM   532 C CA  . LYS A 1 80  ? -11.641 9.444   -2.193  1.00 43.01 ? 150 LYS A CA  1 
ATOM   533 C C   . LYS A 1 80  ? -10.857 8.940   -0.965  1.00 39.25 ? 150 LYS A C   1 
ATOM   534 O O   . LYS A 1 80  ? -9.713  9.359   -0.810  1.00 39.10 ? 150 LYS A O   1 
ATOM   535 C CB  . LYS A 1 80  ? -12.675 10.490  -1.808  1.00 48.06 ? 150 LYS A CB  1 
ATOM   536 C CG  . LYS A 1 80  ? -12.112 11.777  -1.248  1.00 54.34 ? 150 LYS A CG  1 
ATOM   537 C CD  . LYS A 1 80  ? -13.192 12.831  -1.119  1.00 59.73 ? 150 LYS A CD  1 
ATOM   538 C CE  . LYS A 1 80  ? -12.628 14.188  -0.768  1.00 65.39 ? 150 LYS A CE  1 
ATOM   539 N NZ  . LYS A 1 80  ? -12.374 14.273  0.685   1.00 69.88 ? 150 LYS A NZ  1 
ATOM   540 N N   . GLY A 1 81  ? -11.448 8.159   -0.051  1.00 34.31 ? 151 GLY A N   1 
ATOM   541 C CA  . GLY A 1 81  ? -10.683 7.594   1.080   1.00 33.12 ? 151 GLY A CA  1 
ATOM   542 C C   . GLY A 1 81  ? -9.570  6.677   0.599   1.00 34.74 ? 151 GLY A C   1 
ATOM   543 O O   . GLY A 1 81  ? -8.429  6.753   1.101   1.00 33.01 ? 151 GLY A O   1 
ATOM   544 N N   . LYS A 1 82  ? -9.855  5.825   -0.376  1.00 36.44 ? 152 LYS A N   1 
ATOM   545 C CA  . LYS A 1 82  ? -8.810  4.906   -0.886  1.00 39.18 ? 152 LYS A CA  1 
ATOM   546 C C   . LYS A 1 82  ? -7.659  5.690   -1.540  1.00 40.64 ? 152 LYS A C   1 
ATOM   547 O O   . LYS A 1 82  ? -6.490  5.294   -1.345  1.00 37.78 ? 152 LYS A O   1 
ATOM   548 C CB  . LYS A 1 82  ? -9.453  3.933   -1.849  1.00 39.56 ? 152 LYS A CB  1 
ATOM   549 C CG  . LYS A 1 82  ? -10.118 2.759   -1.170  1.00 45.62 ? 152 LYS A CG  1 
ATOM   550 C CD  . LYS A 1 82  ? -10.682 1.874   -2.253  1.00 56.39 ? 152 LYS A CD  1 
ATOM   551 C CE  . LYS A 1 82  ? -12.158 1.630   -2.098  1.00 57.77 ? 152 LYS A CE  1 
ATOM   552 N NZ  . LYS A 1 82  ? -12.596 0.662   -3.120  1.00 60.60 ? 152 LYS A NZ  1 
ATOM   553 N N   . ASN A 1 83  ? -7.968  6.711   -2.336  1.00 36.71 ? 153 ASN A N   1 
ATOM   554 C CA  . ASN A 1 83  ? -6.956  7.563   -2.999  1.00 41.26 ? 153 ASN A CA  1 
ATOM   555 C C   . ASN A 1 83  ? -6.083  8.246   -1.945  1.00 40.11 ? 153 ASN A C   1 
ATOM   556 O O   . ASN A 1 83  ? -4.884  8.338   -2.192  1.00 41.02 ? 153 ASN A O   1 
ATOM   557 C CB  . ASN A 1 83  ? -7.590  8.565   -3.961  1.00 43.29 ? 153 ASN A CB  1 
ATOM   558 C CG  . ASN A 1 83  ? -8.093  7.888   -5.216  1.00 44.41 ? 153 ASN A CG  1 
ATOM   559 O OD1 . ASN A 1 83  ? -7.804  6.717   -5.481  1.00 44.97 ? 153 ASN A OD1 1 
ATOM   560 N ND2 . ASN A 1 83  ? -8.914  8.592   -5.966  1.00 45.62 ? 153 ASN A ND2 1 
ATOM   561 N N   . LYS A 1 84  ? -6.647  8.711   -0.822  1.00 40.06 ? 154 LYS A N   1 
ATOM   562 C CA  . LYS A 1 84  ? -5.837  9.290   0.275   1.00 41.73 ? 154 LYS A CA  1 
ATOM   563 C C   . LYS A 1 84  ? -4.930  8.201   0.888   1.00 41.66 ? 154 LYS A C   1 
ATOM   564 O O   . LYS A 1 84  ? -3.765  8.475   1.236   1.00 36.81 ? 154 LYS A O   1 
ATOM   565 C CB  . LYS A 1 84  ? -6.716  9.986   1.320   1.00 54.28 ? 154 LYS A CB  1 
ATOM   566 C CG  . LYS A 1 84  ? -6.068  10.045  2.701   1.00 68.23 ? 154 LYS A CG  1 
ATOM   567 C CD  . LYS A 1 84  ? -6.393  11.248  3.573   1.00 83.01 ? 154 LYS A CD  1 
ATOM   568 C CE  . LYS A 1 84  ? -5.434  11.327  4.749   1.00 89.03 ? 154 LYS A CE  1 
ATOM   569 N NZ  . LYS A 1 84  ? -5.408  12.683  5.347   1.00 97.33 ? 154 LYS A NZ  1 
ATOM   570 N N   . LEU A 1 85  ? -5.432  6.984   1.033   1.00 37.38 ? 155 LEU A N   1 
ATOM   571 C CA  . LEU A 1 85  ? -4.607  5.866   1.539   1.00 38.80 ? 155 LEU A CA  1 
ATOM   572 C C   . LEU A 1 85  ? -3.443  5.609   0.558   1.00 36.09 ? 155 LEU A C   1 
ATOM   573 O O   . LEU A 1 85  ? -2.288  5.422   0.990   1.00 32.24 ? 155 LEU A O   1 
ATOM   574 C CB  . LEU A 1 85  ? -5.567  4.686   1.720   1.00 36.08 ? 155 LEU A CB  1 
ATOM   575 C CG  . LEU A 1 85  ? -4.984  3.391   2.242   1.00 43.31 ? 155 LEU A CG  1 
ATOM   576 C CD1 . LEU A 1 85  ? -4.106  3.633   3.448   1.00 43.95 ? 155 LEU A CD1 1 
ATOM   577 C CD2 . LEU A 1 85  ? -6.113  2.392   2.556   1.00 37.97 ? 155 LEU A CD2 1 
ATOM   578 N N   . LYS A 1 86  ? -3.725  5.558   -0.734  1.00 32.13 ? 156 LYS A N   1 
ATOM   579 C CA  . LYS A 1 86  ? -2.684  5.287   -1.742  1.00 36.96 ? 156 LYS A CA  1 
ATOM   580 C C   . LYS A 1 86  ? -1.630  6.392   -1.685  1.00 37.47 ? 156 LYS A C   1 
ATOM   581 O O   . LYS A 1 86  ? -0.415  6.061   -1.778  1.00 38.90 ? 156 LYS A O   1 
ATOM   582 C CB  . LYS A 1 86  ? -3.266  5.187   -3.149  1.00 40.38 ? 156 LYS A CB  1 
ATOM   583 C CG  . LYS A 1 86  ? -4.139  3.981   -3.412  1.00 41.81 ? 156 LYS A CG  1 
ATOM   584 C CD  . LYS A 1 86  ? -4.910  4.272   -4.674  1.00 47.19 ? 156 LYS A CD  1 
ATOM   585 C CE  . LYS A 1 86  ? -5.674  3.110   -5.225  1.00 46.04 ? 156 LYS A CE  1 
ATOM   586 N NZ  . LYS A 1 86  ? -6.047  3.338   -6.648  1.00 44.02 ? 156 LYS A NZ  1 
ATOM   587 N N   . ASP A 1 87  ? -2.053  7.653   -1.559  1.00 41.02 ? 157 ASP A N   1 
ATOM   588 C CA  . ASP A 1 87  ? -1.107  8.797   -1.469  1.00 39.59 ? 157 ASP A CA  1 
ATOM   589 C C   . ASP A 1 87  ? -0.259  8.704   -0.207  1.00 42.68 ? 157 ASP A C   1 
ATOM   590 O O   . ASP A 1 87  ? 0.897   9.096   -0.274  1.00 39.65 ? 157 ASP A O   1 
ATOM   591 C CB  . ASP A 1 87  ? -1.804  10.149  -1.452  1.00 48.48 ? 157 ASP A CB  1 
ATOM   592 C CG  . ASP A 1 87  ? -2.464  10.467  -2.779  1.00 59.09 ? 157 ASP A CG  1 
ATOM   593 O OD1 . ASP A 1 87  ? -1.968  9.952   -3.847  1.00 63.69 ? 157 ASP A OD1 1 
ATOM   594 O OD2 . ASP A 1 87  ? -3.452  11.219  -2.737  1.00 72.71 ? 157 ASP A OD2 1 
ATOM   595 N N   . GLU A 1 88  ? -0.826  8.272   0.913   1.00 36.18 ? 158 GLU A N   1 
ATOM   596 C CA  . GLU A 1 88  ? -0.071  8.176   2.183   1.00 39.44 ? 158 GLU A CA  1 
ATOM   597 C C   . GLU A 1 88  ? 0.929   7.024   2.043   1.00 42.00 ? 158 GLU A C   1 
ATOM   598 O O   . GLU A 1 88  ? 2.109   7.172   2.433   1.00 36.78 ? 158 GLU A O   1 
ATOM   599 C CB  . GLU A 1 88  ? -1.100  8.030   3.290   1.00 42.25 ? 158 GLU A CB  1 
ATOM   600 C CG  . GLU A 1 88  ? -0.553  8.209   4.665   1.00 56.22 ? 158 GLU A CG  1 
ATOM   601 C CD  . GLU A 1 88  ? -1.560  7.880   5.760   1.00 63.49 ? 158 GLU A CD  1 
ATOM   602 O OE1 . GLU A 1 88  ? -2.796  7.740   5.441   1.00 56.58 ? 158 GLU A OE1 1 
ATOM   603 O OE2 . GLU A 1 88  ? -1.096  7.754   6.930   1.00 58.97 ? 158 GLU A OE2 1 
ATOM   604 N N   . ILE A 1 89  ? 0.513   5.898   1.461   1.00 34.49 ? 159 ILE A N   1 
ATOM   605 C CA  . ILE A 1 89  ? 1.484   4.790   1.213   1.00 36.26 ? 159 ILE A CA  1 
ATOM   606 C C   . ILE A 1 89  ? 2.633   5.328   0.338   1.00 39.58 ? 159 ILE A C   1 
ATOM   607 O O   . ILE A 1 89  ? 3.835   5.100   0.640   1.00 36.61 ? 159 ILE A O   1 
ATOM   608 C CB  . ILE A 1 89  ? 0.830   3.549   0.596   1.00 35.50 ? 159 ILE A CB  1 
ATOM   609 C CG1 . ILE A 1 89  ? -0.091  2.849   1.606   1.00 36.69 ? 159 ILE A CG1 1 
ATOM   610 C CG2 . ILE A 1 89  ? 1.911   2.627   0.045   1.00 38.93 ? 159 ILE A CG2 1 
ATOM   611 C CD1 . ILE A 1 89  ? -1.030  1.829   1.006   1.00 39.28 ? 159 ILE A CD1 1 
ATOM   612 N N   . LYS A 1 90  ? 2.306   5.981   -0.752  1.00 36.07 ? 160 LYS A N   1 
ATOM   613 C CA  . LYS A 1 90  ? 3.320   6.431   -1.719  1.00 40.19 ? 160 LYS A CA  1 
ATOM   614 C C   . LYS A 1 90  ? 4.316   7.376   -1.033  1.00 40.06 ? 160 LYS A C   1 
ATOM   615 O O   . LYS A 1 90  ? 5.505   7.186   -1.260  1.00 37.30 ? 160 LYS A O   1 
ATOM   616 C CB  . LYS A 1 90  ? 2.639   7.089   -2.917  1.00 43.88 ? 160 LYS A CB  1 
ATOM   617 C CG  . LYS A 1 90  ? 3.517   7.251   -4.129  1.00 46.25 ? 160 LYS A CG  1 
ATOM   618 C CD  . LYS A 1 90  ? 2.799   7.884   -5.294  1.00 49.93 ? 160 LYS A CD  1 
ATOM   619 C CE  . LYS A 1 90  ? 2.720   9.380   -5.210  1.00 50.55 ? 160 LYS A CE  1 
ATOM   620 N NZ  . LYS A 1 90  ? 2.350   9.901   -6.540  1.00 63.96 ? 160 LYS A NZ  1 
ATOM   621 N N   . SER A 1 91  ? 3.884   8.379   -0.269  1.00 40.95 ? 161 SER A N   1 
ATOM   622 C CA  . SER A 1 91  ? 4.841   9.370   0.313   1.00 45.74 ? 161 SER A CA  1 
ATOM   623 C C   . SER A 1 91  ? 5.696   8.729   1.421   1.00 45.06 ? 161 SER A C   1 
ATOM   624 O O   . SER A 1 91  ? 6.878   9.088   1.552   1.00 42.60 ? 161 SER A O   1 
ATOM   625 C CB  . SER A 1 91  ? 4.152   10.613  0.812   1.00 47.71 ? 161 SER A CB  1 
ATOM   626 O OG  . SER A 1 91  ? 3.137   10.286  1.722   1.00 56.86 ? 161 SER A OG  1 
ATOM   627 N N   . HIS A 1 92  ? 5.147   7.830   2.229   1.00 39.66 ? 162 HIS A N   1 
ATOM   628 C CA  . HIS A 1 92  ? 5.927   7.138   3.293   1.00 36.24 ? 162 HIS A CA  1 
ATOM   629 C C   . HIS A 1 92  ? 6.994   6.227   2.679   1.00 39.41 ? 162 HIS A C   1 
ATOM   630 O O   . HIS A 1 92  ? 8.134   6.222   3.152   1.00 46.55 ? 162 HIS A O   1 
ATOM   631 C CB  . HIS A 1 92  ? 5.001   6.364   4.225   1.00 38.77 ? 162 HIS A CB  1 
ATOM   632 C CG  . HIS A 1 92  ? 4.228   7.269   5.124   1.00 46.11 ? 162 HIS A CG  1 
ATOM   633 N ND1 . HIS A 1 92  ? 4.264   7.148   6.492   1.00 54.93 ? 162 HIS A ND1 1 
ATOM   634 C CD2 . HIS A 1 92  ? 3.386   8.286   4.851   1.00 47.34 ? 162 HIS A CD2 1 
ATOM   635 C CE1 . HIS A 1 92  ? 3.487   8.066   7.027   1.00 56.92 ? 162 HIS A CE1 1 
ATOM   636 N NE2 . HIS A 1 92  ? 2.906   8.751   6.039   1.00 54.74 ? 162 HIS A NE2 1 
ATOM   637 N N   . LEU A 1 93  ? 6.667   5.488   1.638   1.00 35.24 ? 163 LEU A N   1 
ATOM   638 C CA  . LEU A 1 93  ? 7.686   4.655   0.937   1.00 35.18 ? 163 LEU A CA  1 
ATOM   639 C C   . LEU A 1 93  ? 8.703   5.558   0.248   1.00 40.06 ? 163 LEU A C   1 
ATOM   640 O O   . LEU A 1 93  ? 9.907   5.298   0.340   1.00 35.26 ? 163 LEU A O   1 
ATOM   641 C CB  . LEU A 1 93  ? 7.002   3.750   -0.073  1.00 35.80 ? 163 LEU A CB  1 
ATOM   642 C CG  . LEU A 1 93  ? 6.052   2.729   0.518   1.00 33.41 ? 163 LEU A CG  1 
ATOM   643 C CD1 . LEU A 1 93  ? 5.563   1.832   -0.599  1.00 40.39 ? 163 LEU A CD1 1 
ATOM   644 C CD2 . LEU A 1 93  ? 6.706   1.919   1.625   1.00 38.05 ? 163 LEU A CD2 1 
ATOM   645 N N   . ASN A 1 94  ? 8.248   6.572   -0.464  1.00 38.93 ? 164 ASN A N   1 
ATOM   646 C CA  . ASN A 1 94  ? 9.184   7.359   -1.300  1.00 40.55 ? 164 ASN A CA  1 
ATOM   647 C C   . ASN A 1 94  ? 10.217  8.048   -0.402  1.00 41.11 ? 164 ASN A C   1 
ATOM   648 O O   . ASN A 1 94  ? 11.297  8.355   -0.902  1.00 43.62 ? 164 ASN A O   1 
ATOM   649 C CB  . ASN A 1 94  ? 8.454   8.386   -2.154  1.00 37.47 ? 164 ASN A CB  1 
ATOM   650 C CG  . ASN A 1 94  ? 7.928   7.779   -3.434  1.00 38.04 ? 164 ASN A CG  1 
ATOM   651 O OD1 . ASN A 1 94  ? 8.312   6.667   -3.830  1.00 40.17 ? 164 ASN A OD1 1 
ATOM   652 N ND2 . ASN A 1 94  ? 7.042   8.501   -4.103  1.00 36.83 ? 164 ASN A ND2 1 
ATOM   653 N N   . SER A 1 95  ? 9.875   8.283   0.860   1.00 44.36 ? 165 SER A N   1 
ATOM   654 C CA  . SER A 1 95  ? 10.753  8.931   1.857   1.00 45.24 ? 165 SER A CA  1 
ATOM   655 C C   . SER A 1 95  ? 11.968  8.060   2.190   1.00 47.22 ? 165 SER A C   1 
ATOM   656 O O   . SER A 1 95  ? 12.913  8.634   2.632   1.00 47.27 ? 165 SER A O   1 
ATOM   657 C CB  . SER A 1 95  ? 10.018  9.331   3.107   1.00 44.92 ? 165 SER A CB  1 
ATOM   658 O OG  . SER A 1 95  ? 9.779   8.212   3.939   1.00 48.40 ? 165 SER A OG  1 
ATOM   659 N N   . PHE A 1 96  ? 11.983  6.735   2.027   1.00 44.24 ? 166 PHE A N   1 
ATOM   660 C CA  . PHE A 1 96  ? 13.246  5.980   2.281   1.00 42.36 ? 166 PHE A CA  1 
ATOM   661 C C   . PHE A 1 96  ? 13.769  5.309   1.011   1.00 42.18 ? 166 PHE A C   1 
ATOM   662 O O   . PHE A 1 96  ? 14.770  4.570   1.154   1.00 40.81 ? 166 PHE A O   1 
ATOM   663 C CB  . PHE A 1 96  ? 13.121  4.997   3.439   1.00 40.39 ? 166 PHE A CB  1 
ATOM   664 C CG  . PHE A 1 96  ? 12.065  3.938   3.273   1.00 42.07 ? 166 PHE A CG  1 
ATOM   665 C CD1 . PHE A 1 96  ? 12.294  2.835   2.466   1.00 39.49 ? 166 PHE A CD1 1 
ATOM   666 C CD2 . PHE A 1 96  ? 10.856  4.027   3.947   1.00 38.21 ? 166 PHE A CD2 1 
ATOM   667 C CE1 . PHE A 1 96  ? 11.329  1.835   2.352   1.00 44.15 ? 166 PHE A CE1 1 
ATOM   668 C CE2 . PHE A 1 96  ? 9.901   3.023   3.840   1.00 38.80 ? 166 PHE A CE2 1 
ATOM   669 C CZ  . PHE A 1 96  ? 10.126  1.949   3.014   1.00 37.86 ? 166 PHE A CZ  1 
ATOM   670 N N   . LEU A 1 97  ? 13.169  5.535   -0.171  1.00 40.00 ? 167 LEU A N   1 
ATOM   671 C CA  . LEU A 1 97  ? 13.718  4.953   -1.437  1.00 43.30 ? 167 LEU A CA  1 
ATOM   672 C C   . LEU A 1 97  ? 14.664  5.974   -2.092  1.00 43.05 ? 167 LEU A C   1 
ATOM   673 O O   . LEU A 1 97  ? 14.258  7.105   -2.272  1.00 43.53 ? 167 LEU A O   1 
ATOM   674 C CB  . LEU A 1 97  ? 12.598  4.553   -2.399  1.00 43.39 ? 167 LEU A CB  1 
ATOM   675 C CG  . LEU A 1 97  ? 11.668  3.448   -1.881  1.00 40.99 ? 167 LEU A CG  1 
ATOM   676 C CD1 . LEU A 1 97  ? 10.391  3.377   -2.709  1.00 42.33 ? 167 LEU A CD1 1 
ATOM   677 C CD2 . LEU A 1 97  ? 12.383  2.115   -1.847  1.00 36.70 ? 167 LEU A CD2 1 
ATOM   678 N N   . ILE A 1 98  ? 15.861  5.556   -2.488  1.00 41.74 ? 168 ILE A N   1 
ATOM   679 C CA  . ILE A 1 98  ? 16.894  6.484   -3.042  1.00 46.59 ? 168 ILE A CA  1 
ATOM   680 C C   . ILE A 1 98  ? 17.186  6.207   -4.522  1.00 43.63 ? 168 ILE A C   1 
ATOM   681 O O   . ILE A 1 98  ? 17.729  7.107   -5.140  1.00 51.24 ? 168 ILE A O   1 
ATOM   682 C CB  . ILE A 1 98  ? 18.162  6.419   -2.166  1.00 47.56 ? 168 ILE A CB  1 
ATOM   683 C CG1 . ILE A 1 98  ? 18.909  5.090   -2.302  1.00 48.07 ? 168 ILE A CG1 1 
ATOM   684 C CG2 . ILE A 1 98  ? 17.803  6.718   -0.720  1.00 45.45 ? 168 ILE A CG2 1 
ATOM   685 C CD1 . ILE A 1 98  ? 20.344  5.121   -1.734  1.00 47.63 ? 168 ILE A CD1 1 
ATOM   686 N N   . ASP A 1 99  ? 16.866  5.029   -5.081  1.00 43.21 ? 169 ASP A N   1 
ATOM   687 C CA  . ASP A 1 99  ? 17.206  4.697   -6.497  1.00 44.90 ? 169 ASP A CA  1 
ATOM   688 C C   . ASP A 1 99  ? 16.112  5.181   -7.466  1.00 46.21 ? 169 ASP A C   1 
ATOM   689 O O   . ASP A 1 99  ? 16.270  4.965   -8.655  1.00 45.57 ? 169 ASP A O   1 
ATOM   690 C CB  . ASP A 1 99  ? 17.465  3.201   -6.709  1.00 48.37 ? 169 ASP A CB  1 
ATOM   691 C CG  . ASP A 1 99  ? 18.758  2.700   -6.074  1.00 59.55 ? 169 ASP A CG  1 
ATOM   692 O OD1 . ASP A 1 99  ? 19.581  3.567   -5.674  1.00 48.69 ? 169 ASP A OD1 1 
ATOM   693 O OD2 . ASP A 1 99  ? 18.926  1.438   -5.964  1.00 55.02 ? 169 ASP A OD2 1 
ATOM   694 N N   . GLY A 1 100 ? 15.028  5.770   -6.956  1.00 47.06 ? 170 GLY A N   1 
ATOM   695 C CA  . GLY A 1 100 ? 13.859  6.190   -7.738  1.00 44.24 ? 170 GLY A CA  1 
ATOM   696 C C   . GLY A 1 100 ? 12.696  6.481   -6.815  1.00 45.75 ? 170 GLY A C   1 
ATOM   697 O O   . GLY A 1 100 ? 12.924  6.665   -5.602  1.00 43.78 ? 170 GLY A O   1 
ATOM   698 N N   . PHE A 1 101 ? 11.481  6.525   -7.365  1.00 45.55 ? 171 PHE A N   1 
ATOM   699 C CA  . PHE A 1 101 ? 10.249  6.823   -6.594  1.00 40.74 ? 171 PHE A CA  1 
ATOM   700 C C   . PHE A 1 101 ? 9.079   6.019   -7.185  1.00 38.11 ? 171 PHE A C   1 
ATOM   701 O O   . PHE A 1 101 ? 9.110   5.518   -8.378  1.00 37.15 ? 171 PHE A O   1 
ATOM   702 C CB  . PHE A 1 101 ? 9.997   8.329   -6.537  1.00 43.65 ? 171 PHE A CB  1 
ATOM   703 C CG  . PHE A 1 101 ? 9.785   8.930   -7.889  1.00 48.88 ? 171 PHE A CG  1 
ATOM   704 C CD1 . PHE A 1 101 ? 10.841  9.478   -8.590  1.00 51.65 ? 171 PHE A CD1 1 
ATOM   705 C CD2 . PHE A 1 101 ? 8.527   8.916   -8.465  1.00 53.79 ? 171 PHE A CD2 1 
ATOM   706 C CE1 . PHE A 1 101 ? 10.642  10.022  -9.845  1.00 55.01 ? 171 PHE A CE1 1 
ATOM   707 C CE2 . PHE A 1 101 ? 8.326   9.468   -9.716  1.00 53.94 ? 171 PHE A CE2 1 
ATOM   708 C CZ  . PHE A 1 101 ? 9.390   9.996   -10.412 1.00 55.72 ? 171 PHE A CZ  1 
ATOM   709 N N   . ILE A 1 102 ? 8.096   5.805   -6.327  1.00 39.45 ? 172 ILE A N   1 
ATOM   710 C CA  . ILE A 1 102 ? 6.841   5.104   -6.699  1.00 35.88 ? 172 ILE A CA  1 
ATOM   711 C C   . ILE A 1 102 ? 6.012   6.157   -7.441  1.00 35.10 ? 172 ILE A C   1 
ATOM   712 O O   . ILE A 1 102 ? 5.747   7.158   -6.839  1.00 37.58 ? 172 ILE A O   1 
ATOM   713 C CB  . ILE A 1 102 ? 6.102   4.552   -5.461  1.00 37.04 ? 172 ILE A CB  1 
ATOM   714 C CG1 . ILE A 1 102 ? 6.960   3.662   -4.558  1.00 38.85 ? 172 ILE A CG1 1 
ATOM   715 C CG2 . ILE A 1 102 ? 4.827   3.827   -5.863  1.00 36.76 ? 172 ILE A CG2 1 
ATOM   716 C CD1 . ILE A 1 102 ? 7.650   2.584   -5.279  1.00 41.07 ? 172 ILE A CD1 1 
ATOM   717 N N   . LYS A 1 103 ? 5.584   5.895   -8.666  1.00 40.56 ? 173 LYS A N   1 
ATOM   718 C CA  . LYS A 1 103 ? 4.630   6.771   -9.413  1.00 44.93 ? 173 LYS A CA  1 
ATOM   719 C C   . LYS A 1 103 ? 3.194   6.545   -8.911  1.00 43.37 ? 173 LYS A C   1 
ATOM   720 O O   . LYS A 1 103 ? 2.486   7.518   -8.657  1.00 42.88 ? 173 LYS A O   1 
ATOM   721 C CB  . LYS A 1 103 ? 4.718   6.462   -10.910 1.00 48.68 ? 173 LYS A CB  1 
ATOM   722 C CG  . LYS A 1 103 ? 5.946   7.011   -11.621 1.00 56.62 ? 173 LYS A CG  1 
ATOM   723 C CD  . LYS A 1 103 ? 5.980   6.649   -13.112 1.00 69.39 ? 173 LYS A CD  1 
ATOM   724 C CE  . LYS A 1 103 ? 6.968   7.473   -13.918 1.00 82.24 ? 173 LYS A CE  1 
ATOM   725 N NZ  . LYS A 1 103 ? 6.774   8.929   -13.701 1.00 91.81 ? 173 LYS A NZ  1 
ATOM   726 N N   . ASN A 1 104 ? 2.783   5.287   -8.762  1.00 38.79 ? 174 ASN A N   1 
ATOM   727 C CA  . ASN A 1 104 ? 1.412   4.914   -8.366  1.00 40.48 ? 174 ASN A CA  1 
ATOM   728 C C   . ASN A 1 104 ? 1.447   3.719   -7.418  1.00 34.70 ? 174 ASN A C   1 
ATOM   729 O O   . ASN A 1 104 ? 2.237   2.755   -7.632  1.00 31.51 ? 174 ASN A O   1 
ATOM   730 C CB  . ASN A 1 104 ? 0.516   4.594   -9.581  1.00 38.33 ? 174 ASN A CB  1 
ATOM   731 C CG  . ASN A 1 104 ? 0.075   5.826   -10.349 1.00 43.46 ? 174 ASN A CG  1 
ATOM   732 O OD1 . ASN A 1 104 ? -0.614  6.669   -9.794  1.00 46.21 ? 174 ASN A OD1 1 
ATOM   733 N ND2 . ASN A 1 104 ? 0.504   5.958   -11.597 1.00 40.01 ? 174 ASN A ND2 1 
ATOM   734 N N   . VAL A 1 105 ? 0.457   3.713   -6.538  1.00 34.08 ? 175 VAL A N   1 
ATOM   735 C CA  . VAL A 1 105 ? 0.015   2.525   -5.755  1.00 33.13 ? 175 VAL A CA  1 
ATOM   736 C C   . VAL A 1 105 ? -1.291  2.027   -6.361  1.00 36.46 ? 175 VAL A C   1 
ATOM   737 O O   . VAL A 1 105 ? -2.152  2.869   -6.601  1.00 35.29 ? 175 VAL A O   1 
ATOM   738 C CB  . VAL A 1 105 ? -0.149  2.936   -4.283  1.00 36.94 ? 175 VAL A CB  1 
ATOM   739 C CG1 . VAL A 1 105 ? -0.639  1.765   -3.438  1.00 39.02 ? 175 VAL A CG1 1 
ATOM   740 C CG2 . VAL A 1 105 ? 1.192   3.493   -3.757  1.00 37.66 ? 175 VAL A CG2 1 
ATOM   741 N N   . PHE A 1 106 ? -1.395  0.708   -6.553  1.00 33.19 ? 176 PHE A N   1 
ATOM   742 C CA  . PHE A 1 106 ? -2.559  -0.026  -7.093  1.00 38.51 ? 176 PHE A CA  1 
ATOM   743 C C   . PHE A 1 106 ? -3.024  -1.009  -6.029  1.00 33.20 ? 176 PHE A C   1 
ATOM   744 O O   . PHE A 1 106 ? -2.215  -1.791  -5.539  1.00 33.16 ? 176 PHE A O   1 
ATOM   745 C CB  . PHE A 1 106 ? -2.197  -0.797  -8.377  1.00 36.64 ? 176 PHE A CB  1 
ATOM   746 C CG  . PHE A 1 106 ? -1.697  0.070   -9.494  1.00 36.96 ? 176 PHE A CG  1 
ATOM   747 C CD1 . PHE A 1 106 ? -2.445  1.152   -9.930  1.00 40.04 ? 176 PHE A CD1 1 
ATOM   748 C CD2 . PHE A 1 106 ? -0.501  -0.216  -10.140 1.00 42.95 ? 176 PHE A CD2 1 
ATOM   749 C CE1 . PHE A 1 106 ? -1.990  1.969   -10.964 1.00 44.48 ? 176 PHE A CE1 1 
ATOM   750 C CE2 . PHE A 1 106 ? -0.056  0.591   -11.185 1.00 46.71 ? 176 PHE A CE2 1 
ATOM   751 C CZ  . PHE A 1 106 ? -0.798  1.685   -11.591 1.00 43.30 ? 176 PHE A CZ  1 
ATOM   752 N N   . PHE A 1 107 ? -4.315  -0.990  -5.729  1.00 33.34 ? 177 PHE A N   1 
ATOM   753 C CA  . PHE A 1 107 ? -4.977  -2.056  -4.949  1.00 33.63 ? 177 PHE A CA  1 
ATOM   754 C C   . PHE A 1 107 ? -5.548  -3.049  -5.943  1.00 37.19 ? 177 PHE A C   1 
ATOM   755 O O   . PHE A 1 107 ? -6.581  -2.749  -6.527  1.00 36.10 ? 177 PHE A O   1 
ATOM   756 C CB  . PHE A 1 107 ? -6.074  -1.493  -4.055  1.00 34.63 ? 177 PHE A CB  1 
ATOM   757 C CG  . PHE A 1 107 ? -5.582  -0.623  -2.939  1.00 35.53 ? 177 PHE A CG  1 
ATOM   758 C CD1 . PHE A 1 107 ? -4.531  -1.027  -2.135  1.00 45.18 ? 177 PHE A CD1 1 
ATOM   759 C CD2 . PHE A 1 107 ? -6.224  0.570   -2.644  1.00 37.05 ? 177 PHE A CD2 1 
ATOM   760 C CE1 . PHE A 1 107 ? -4.090  -0.217  -1.097  1.00 48.14 ? 177 PHE A CE1 1 
ATOM   761 C CE2 . PHE A 1 107 ? -5.774  1.382   -1.616  1.00 41.74 ? 177 PHE A CE2 1 
ATOM   762 C CZ  . PHE A 1 107 ? -4.693  0.996   -0.854  1.00 43.71 ? 177 PHE A CZ  1 
ATOM   763 N N   . THR A 1 108 ? -4.825  -4.135  -6.183  1.00 36.63 ? 178 THR A N   1 
ATOM   764 C CA  . THR A 1 108 ? -5.222  -5.189  -7.139  1.00 37.49 ? 178 THR A CA  1 
ATOM   765 C C   . THR A 1 108 ? -6.266  -6.093  -6.486  1.00 36.34 ? 178 THR A C   1 
ATOM   766 O O   . THR A 1 108 ? -6.972  -6.758  -7.222  1.00 37.36 ? 178 THR A O   1 
ATOM   767 C CB  . THR A 1 108 ? -3.972  -5.885  -7.654  1.00 34.50 ? 178 THR A CB  1 
ATOM   768 O OG1 . THR A 1 108 ? -3.437  -6.575  -6.535  1.00 36.98 ? 178 THR A OG1 1 
ATOM   769 C CG2 . THR A 1 108 ? -3.006  -4.856  -8.215  1.00 36.50 ? 178 THR A CG2 1 
ATOM   770 N N   . ASP A 1 109 ? -6.378  -6.049  -5.172  1.00 37.25 ? 179 ASP A N   1 
ATOM   771 C CA  . ASP A 1 109 ? -7.475  -6.698  -4.419  1.00 40.30 ? 179 ASP A CA  1 
ATOM   772 C C   . ASP A 1 109 ? -7.729  -5.832  -3.174  1.00 41.18 ? 179 ASP A C   1 
ATOM   773 O O   . ASP A 1 109 ? -6.726  -5.324  -2.586  1.00 34.91 ? 179 ASP A O   1 
ATOM   774 C CB  . ASP A 1 109 ? -7.043  -8.130  -4.126  1.00 45.36 ? 179 ASP A CB  1 
ATOM   775 C CG  . ASP A 1 109 ? -8.184  -9.074  -3.842  1.00 60.66 ? 179 ASP A CG  1 
ATOM   776 O OD1 . ASP A 1 109 ? -9.219  -8.975  -4.528  1.00 76.26 ? 179 ASP A OD1 1 
ATOM   777 O OD2 . ASP A 1 109 ? -8.028  -9.893  -2.918  1.00 89.07 ? 179 ASP A OD2 1 
ATOM   778 N N   . PHE A 1 110 ? -8.994  -5.525  -2.863  1.00 34.87 ? 180 PHE A N   1 
ATOM   779 C CA  . PHE A 1 110 ? -9.374  -4.726  -1.667  1.00 35.97 ? 180 PHE A CA  1 
ATOM   780 C C   . PHE A 1 110 ? -10.703 -5.260  -1.150  1.00 36.91 ? 180 PHE A C   1 
ATOM   781 O O   . PHE A 1 110 ? -11.744 -4.882  -1.678  1.00 37.26 ? 180 PHE A O   1 
ATOM   782 C CB  . PHE A 1 110 ? -9.458  -3.246  -2.005  1.00 34.98 ? 180 PHE A CB  1 
ATOM   783 C CG  . PHE A 1 110 ? -9.311  -2.310  -0.832  1.00 35.03 ? 180 PHE A CG  1 
ATOM   784 C CD1 . PHE A 1 110 ? -10.416 -1.854  -0.131  1.00 35.78 ? 180 PHE A CD1 1 
ATOM   785 C CD2 . PHE A 1 110 ? -8.063  -1.857  -0.445  1.00 34.78 ? 180 PHE A CD2 1 
ATOM   786 C CE1 . PHE A 1 110 ? -10.268 -0.972  0.926   1.00 36.74 ? 180 PHE A CE1 1 
ATOM   787 C CE2 . PHE A 1 110 ? -7.920  -0.968  0.610   1.00 38.53 ? 180 PHE A CE2 1 
ATOM   788 C CZ  . PHE A 1 110 ? -9.026  -0.529  1.303   1.00 39.50 ? 180 PHE A CZ  1 
ATOM   789 N N   . ILE A 1 111 ? -10.659 -6.134  -0.157  1.00 37.01 ? 181 ILE A N   1 
ATOM   790 C CA  . ILE A 1 111 ? -11.880 -6.862  0.309   1.00 39.34 ? 181 ILE A CA  1 
ATOM   791 C C   . ILE A 1 111 ? -12.076 -6.566  1.794   1.00 39.61 ? 181 ILE A C   1 
ATOM   792 O O   . ILE A 1 111 ? -11.215 -6.940  2.626   1.00 37.48 ? 181 ILE A O   1 
ATOM   793 C CB  . ILE A 1 111 ? -11.803 -8.368  0.005   1.00 45.02 ? 181 ILE A CB  1 
ATOM   794 C CG1 . ILE A 1 111 ? -11.612 -8.641  -1.491  1.00 54.89 ? 181 ILE A CG1 1 
ATOM   795 C CG2 . ILE A 1 111 ? -13.051 -9.085  0.530   1.00 50.73 ? 181 ILE A CG2 1 
ATOM   796 C CD1 . ILE A 1 111 ? -12.781 -8.200  -2.381  1.00 61.09 ? 181 ILE A CD1 1 
ATOM   797 N N   . ILE A 1 112 ? -13.164 -5.869  2.115   1.00 38.23 ? 182 ILE A N   1 
ATOM   798 C CA  . ILE A 1 112 ? -13.583 -5.640  3.518   1.00 39.96 ? 182 ILE A CA  1 
ATOM   799 C C   . ILE A 1 112 ? -14.599 -6.724  3.913   1.00 43.45 ? 182 ILE A C   1 
ATOM   800 O O   . ILE A 1 112 ? -15.526 -6.995  3.152   1.00 40.01 ? 182 ILE A O   1 
ATOM   801 C CB  . ILE A 1 112 ? -14.160 -4.236  3.711   1.00 38.43 ? 182 ILE A CB  1 
ATOM   802 C CG1 . ILE A 1 112 ? -13.181 -3.167  3.218   1.00 43.14 ? 182 ILE A CG1 1 
ATOM   803 C CG2 . ILE A 1 112 ? -14.534 -4.029  5.176   1.00 38.08 ? 182 ILE A CG2 1 
ATOM   804 C CD1 . ILE A 1 112 ? -13.843 -1.859  2.973   1.00 46.93 ? 182 ILE A CD1 1 
ATOM   805 N N   . GLN A 1 113 ? -14.411 -7.285  5.088   1.00 48.42 ? 183 GLN A N   1 
ATOM   806 C CA  . GLN A 1 113 ? -15.368 -8.218  5.705   1.00 55.50 ? 183 GLN A CA  1 
ATOM   807 C C   . GLN A 1 113 ? -15.899 -7.521  6.964   1.00 54.16 ? 183 GLN A C   1 
ATOM   808 O O   . GLN A 1 113 ? -17.115 -7.397  7.100   1.00 52.24 ? 183 GLN A O   1 
ATOM   809 C CB  . GLN A 1 113 ? -14.656 -9.550  5.883   1.00 56.60 ? 183 GLN A CB  1 
ATOM   810 C CG  . GLN A 1 113 ? -14.792 -10.442 4.653   1.00 57.94 ? 183 GLN A CG  1 
ATOM   811 C CD  . GLN A 1 113 ? -13.917 -11.643 4.867   1.00 63.83 ? 183 GLN A CD  1 
ATOM   812 O OE1 . GLN A 1 113 ? -12.729 -11.472 5.118   1.00 54.80 ? 183 GLN A OE1 1 
ATOM   813 N NE2 . GLN A 1 113 ? -14.511 -12.834 4.890   1.00 57.43 ? 183 GLN A NE2 1 
ATOM   814 O OXT . GLN A 1 113 ? -15.136 -7.037  7.793   1.00 47.95 ? 183 GLN A OXT 1 
HETATM 815 O O   . HOH B 2 .   ? 1.513   6.670   -20.401 1.00 55.21 ? 201 HOH A O   1 
HETATM 816 O O   . HOH B 2 .   ? -19.462 -2.214  12.720  1.00 66.25 ? 202 HOH A O   1 
HETATM 817 O O   . HOH B 2 .   ? -17.207 8.858   12.534  1.00 45.27 ? 203 HOH A O   1 
HETATM 818 O O   . HOH B 2 .   ? -7.012  8.139   5.597   1.00 62.14 ? 204 HOH A O   1 
HETATM 819 O O   . HOH B 2 .   ? 10.423  -9.432  3.749   1.00 62.16 ? 205 HOH A O   1 
HETATM 820 O O   . HOH B 2 .   ? 13.271  7.688   -11.407 1.00 46.94 ? 206 HOH A O   1 
HETATM 821 O O   . HOH B 2 .   ? 7.811   11.150  0.430   1.00 52.67 ? 207 HOH A O   1 
HETATM 822 O O   . HOH B 2 .   ? 7.310   -8.742  -2.047  1.00 50.12 ? 208 HOH A O   1 
HETATM 823 O O   . HOH B 2 .   ? 18.747  3.584   1.506   1.00 44.50 ? 209 HOH A O   1 
HETATM 824 O O   . HOH B 2 .   ? -1.230  1.321   12.518  1.00 56.33 ? 210 HOH A O   1 
HETATM 825 O O   . HOH B 2 .   ? -0.526  -6.975  -6.675  1.00 33.87 ? 211 HOH A O   1 
HETATM 826 O O   . HOH B 2 .   ? 2.343   -8.428  2.170   1.00 51.45 ? 212 HOH A O   1 
HETATM 827 O O   . HOH B 2 .   ? -4.485  -5.724  11.983  1.00 52.37 ? 213 HOH A O   1 
HETATM 828 O O   . HOH B 2 .   ? 14.558  8.920   -0.406  1.00 55.24 ? 214 HOH A O   1 
HETATM 829 O O   . HOH B 2 .   ? 1.693   10.861  -2.066  1.00 52.37 ? 215 HOH A O   1 
HETATM 830 O O   . HOH B 2 .   ? -13.432 7.042   11.355  1.00 53.11 ? 216 HOH A O   1 
HETATM 831 O O   . HOH B 2 .   ? -3.761  4.188   -8.258  1.00 44.88 ? 217 HOH A O   1 
HETATM 832 O O   . HOH B 2 .   ? 19.022  -0.714  -7.703  1.00 61.04 ? 218 HOH A O   1 
HETATM 833 O O   . HOH B 2 .   ? 16.808  5.609   2.526   1.00 52.66 ? 219 HOH A O   1 
HETATM 834 O O   . HOH B 2 .   ? -8.434  7.004   3.759   1.00 41.51 ? 220 HOH A O   1 
HETATM 835 O O   . HOH B 2 .   ? 11.705  8.180   -3.540  1.00 48.54 ? 221 HOH A O   1 
HETATM 836 O O   . HOH B 2 .   ? -7.045  -7.547  -9.782  1.00 53.23 ? 222 HOH A O   1 
HETATM 837 O O   . HOH B 2 .   ? 1.548   -5.852  -10.671 1.00 39.72 ? 223 HOH A O   1 
HETATM 838 O O   . HOH B 2 .   ? 4.337   -2.519  10.783  1.00 59.99 ? 224 HOH A O   1 
HETATM 839 O O   . HOH B 2 .   ? -13.991 6.474   2.694   1.00 41.96 ? 225 HOH A O   1 
HETATM 840 O O   . HOH B 2 .   ? -18.314 1.435   10.979  1.00 47.65 ? 226 HOH A O   1 
HETATM 841 O O   . HOH B 2 .   ? -11.092 -9.269  4.057   1.00 52.46 ? 227 HOH A O   1 
HETATM 842 O O   . HOH B 2 .   ? 5.273   -2.479  -16.550 1.00 55.96 ? 228 HOH A O   1 
HETATM 843 O O   . HOH B 2 .   ? -6.761  7.781   9.753   1.00 68.77 ? 229 HOH A O   1 
HETATM 844 O O   . HOH B 2 .   ? 0.149   -7.317  -1.645  1.00 38.15 ? 230 HOH A O   1 
HETATM 845 O O   . HOH B 2 .   ? -9.266  -2.859  -5.708  1.00 62.68 ? 231 HOH A O   1 
HETATM 846 O O   . HOH B 2 .   ? 11.098  -2.406  8.867   1.00 58.62 ? 232 HOH A O   1 
HETATM 847 O O   . HOH B 2 .   ? -11.059 -6.391  -4.580  1.00 51.09 ? 233 HOH A O   1 
HETATM 848 O O   . HOH B 2 .   ? -24.265 2.868   11.747  1.00 46.15 ? 234 HOH A O   1 
HETATM 849 O O   . HOH B 2 .   ? -17.798 -5.876  13.442  1.00 53.74 ? 235 HOH A O   1 
HETATM 850 O O   . HOH B 2 .   ? 13.777  -6.446  3.602   1.00 54.45 ? 236 HOH A O   1 
HETATM 851 O O   . HOH B 2 .   ? -20.849 -3.112  11.873  1.00 75.89 ? 237 HOH A O   1 
HETATM 852 O O   . HOH B 2 .   ? 16.638  -3.336  -10.536 1.00 61.71 ? 238 HOH A O   1 
HETATM 853 O O   . HOH B 2 .   ? -9.619  11.202  -4.914  1.00 60.21 ? 239 HOH A O   1 
HETATM 854 O O   . HOH B 2 .   ? -16.418 6.172   -4.315  1.00 55.12 ? 240 HOH A O   1 
HETATM 855 O O   . HOH B 2 .   ? -8.418  5.050   -7.879  1.00 49.64 ? 241 HOH A O   1 
HETATM 856 O O   . HOH B 2 .   ? -13.463 -1.102  16.361  1.00 62.18 ? 242 HOH A O   1 
HETATM 857 O O   . HOH B 2 .   ? 6.172   -8.177  -9.593  1.00 49.36 ? 243 HOH A O   1 
HETATM 858 O O   . HOH B 2 .   ? -17.406 -13.632 5.053   1.00 56.29 ? 244 HOH A O   1 
HETATM 859 O O   . HOH B 2 .   ? -13.951 -0.351  -0.610  1.00 57.44 ? 245 HOH A O   1 
HETATM 860 O O   . HOH B 2 .   ? -15.211 9.112   -3.543  1.00 45.25 ? 246 HOH A O   1 
HETATM 861 O O   . HOH B 2 .   ? -16.024 3.120   10.497  1.00 42.84 ? 247 HOH A O   1 
HETATM 862 O O   . HOH B 2 .   ? -14.944 -4.969  -0.274  1.00 55.56 ? 248 HOH A O   1 
HETATM 863 O O   . HOH B 2 .   ? 0.744   11.010  5.804   1.00 76.52 ? 249 HOH A O   1 
HETATM 864 O O   . HOH B 2 .   ? -9.912  -3.192  19.070  1.00 71.54 ? 250 HOH A O   1 
HETATM 865 O O   . HOH B 2 .   ? -10.184 -0.837  -4.564  1.00 61.00 ? 251 HOH A O   1 
HETATM 866 O O   . HOH B 2 .   ? -0.541  -8.210  6.603   1.00 49.19 ? 252 HOH A O   1 
HETATM 867 O O   . HOH B 2 .   ? 3.982   4.363   8.087   1.00 59.50 ? 253 HOH A O   1 
HETATM 868 O O   . HOH B 2 .   ? -7.019  -9.778  -8.369  1.00 62.25 ? 254 HOH A O   1 
HETATM 869 O O   . HOH B 2 .   ? -10.539 9.408   4.121   1.00 55.47 ? 255 HOH A O   1 
HETATM 870 O O   . HOH B 2 .   ? 13.430  -4.098  7.719   1.00 57.94 ? 256 HOH A O   1 
HETATM 871 O O   . HOH B 2 .   ? -15.264 3.883   15.092  1.00 69.84 ? 257 HOH A O   1 
HETATM 872 O O   . HOH B 2 .   ? -12.508 11.116  -5.468  1.00 67.13 ? 258 HOH A O   1 
HETATM 873 O O   . HOH B 2 .   ? -15.566 4.302   12.934  1.00 49.79 ? 259 HOH A O   1 
HETATM 874 O O   . HOH B 2 .   ? -16.219 10.622  -1.594  1.00 60.49 ? 260 HOH A O   1 
HETATM 875 O O   . HOH B 2 .   ? -0.256  -9.640  -7.402  1.00 53.40 ? 261 HOH A O   1 
# 
